data_2AR5
# 
_entry.id   2AR5 
# 
_audit_conform.dict_name       mmcif_pdbx.dic 
_audit_conform.dict_version    5.376 
_audit_conform.dict_location   http://mmcif.pdb.org/dictionaries/ascii/mmcif_pdbx.dic 
# 
loop_
_database_2.database_id 
_database_2.database_code 
_database_2.pdbx_database_accession 
_database_2.pdbx_DOI 
PDB   2AR5         pdb_00002ar5 10.2210/pdb2ar5/pdb 
RCSB  RCSB034217   ?            ?                   
WWPDB D_1000034217 ?            ?                   
# 
_pdbx_database_status.status_code                     REL 
_pdbx_database_status.entry_id                        2AR5 
_pdbx_database_status.recvd_initial_deposition_date   2005-08-19 
_pdbx_database_status.deposit_site                    RCSB 
_pdbx_database_status.process_site                    RCSB 
_pdbx_database_status.status_code_sf                  REL 
_pdbx_database_status.status_code_mr                  ? 
_pdbx_database_status.SG_entry                        ? 
_pdbx_database_status.pdb_format_compatible           Y 
_pdbx_database_status.status_code_cs                  ? 
_pdbx_database_status.status_code_nmr_data            ? 
_pdbx_database_status.methods_development_category    ? 
# 
loop_
_audit_author.name 
_audit_author.pdbx_ordinal 
'Parkinson, G.N.' 1 
'Vines, D.'       2 
'Driscoll, P.C.'  3 
'Djordjevic, S.'  4 
# 
_citation.id                        primary 
_citation.title                     'Ligand-binding specificity of PI3Kinase C2alpha PX domain.' 
_citation.journal_abbrev            'To be Published' 
_citation.journal_volume            ? 
_citation.page_first                ? 
_citation.page_last                 ? 
_citation.year                      ? 
_citation.journal_id_ASTM           ? 
_citation.country                   ? 
_citation.journal_id_ISSN           ? 
_citation.journal_id_CSD            0353 
_citation.book_publisher            ? 
_citation.pdbx_database_id_PubMed   ? 
_citation.pdbx_database_id_DOI      ? 
# 
loop_
_citation_author.citation_id 
_citation_author.name 
_citation_author.ordinal 
_citation_author.identifier_ORCID 
primary 'Parkinson, G.N.' 1 ? 
primary 'Vines, D.'       2 ? 
primary 'Driscoll, P.C.'  3 ? 
primary 'Djordjevic, S.'  4 ? 
# 
_cell.entry_id           2AR5 
_cell.length_a           56.554 
_cell.length_b           56.554 
_cell.length_c           92.894 
_cell.angle_alpha        90.00 
_cell.angle_beta         90.00 
_cell.angle_gamma        120.00 
_cell.Z_PDB              6 
_cell.pdbx_unique_axis   ? 
_cell.length_a_esd       ? 
_cell.length_b_esd       ? 
_cell.length_c_esd       ? 
_cell.angle_alpha_esd    ? 
_cell.angle_beta_esd     ? 
_cell.angle_gamma_esd    ? 
# 
_symmetry.entry_id                         2AR5 
_symmetry.space_group_name_H-M             'P 31 2 1' 
_symmetry.pdbx_full_space_group_name_H-M   ? 
_symmetry.cell_setting                     ? 
_symmetry.Int_Tables_number                152 
_symmetry.space_group_name_Hall            ? 
# 
loop_
_entity.id 
_entity.type 
_entity.src_method 
_entity.pdbx_description 
_entity.formula_weight 
_entity.pdbx_number_of_molecules 
_entity.pdbx_ec 
_entity.pdbx_mutation 
_entity.pdbx_fragment 
_entity.details 
1 polymer     man 'Phosphoinositide 3-kinase' 14375.570 1  2.7.1.154 ? 'PX-DOMAIN, RESIDUES 1421-1532' ? 
2 non-polymer syn GLYCEROL                    92.094    6  ?         ? ?                               ? 
3 water       nat water                       18.015    92 ?         ? ?                               ? 
# 
_entity_name_com.entity_id   1 
_entity_name_com.name        
;Phosphatidylinositol-4-phosphate 3-kinase C2 domain-containing alpha polypeptide, Phosphoinositide 3-Kinase-C2-alpha, PtdIns-3-kinase C2 alpha, PI3K-C2alpha
;
# 
_entity_poly.entity_id                      1 
_entity_poly.type                           'polypeptide(L)' 
_entity_poly.nstd_linkage                   no 
_entity_poly.nstd_monomer                   no 
_entity_poly.pdbx_seq_one_letter_code       
;MDGRIKEVSVFTYHKKYNPDKHYIYVVRILREGQIEPSFVFRTFDEFQELHNKLSIIFPLWKLPGFPNRMVLGRTHIKDV
AAKRKIELNSYLQSLMNASTDVAECDLVCTFFHGSHHHHHH
;
_entity_poly.pdbx_seq_one_letter_code_can   
;MDGRIKEVSVFTYHKKYNPDKHYIYVVRILREGQIEPSFVFRTFDEFQELHNKLSIIFPLWKLPGFPNRMVLGRTHIKDV
AAKRKIELNSYLQSLMNASTDVAECDLVCTFFHGSHHHHHH
;
_entity_poly.pdbx_strand_id                 A 
_entity_poly.pdbx_target_identifier         ? 
# 
loop_
_entity_poly_seq.entity_id 
_entity_poly_seq.num 
_entity_poly_seq.mon_id 
_entity_poly_seq.hetero 
1 1   MET n 
1 2   ASP n 
1 3   GLY n 
1 4   ARG n 
1 5   ILE n 
1 6   LYS n 
1 7   GLU n 
1 8   VAL n 
1 9   SER n 
1 10  VAL n 
1 11  PHE n 
1 12  THR n 
1 13  TYR n 
1 14  HIS n 
1 15  LYS n 
1 16  LYS n 
1 17  TYR n 
1 18  ASN n 
1 19  PRO n 
1 20  ASP n 
1 21  LYS n 
1 22  HIS n 
1 23  TYR n 
1 24  ILE n 
1 25  TYR n 
1 26  VAL n 
1 27  VAL n 
1 28  ARG n 
1 29  ILE n 
1 30  LEU n 
1 31  ARG n 
1 32  GLU n 
1 33  GLY n 
1 34  GLN n 
1 35  ILE n 
1 36  GLU n 
1 37  PRO n 
1 38  SER n 
1 39  PHE n 
1 40  VAL n 
1 41  PHE n 
1 42  ARG n 
1 43  THR n 
1 44  PHE n 
1 45  ASP n 
1 46  GLU n 
1 47  PHE n 
1 48  GLN n 
1 49  GLU n 
1 50  LEU n 
1 51  HIS n 
1 52  ASN n 
1 53  LYS n 
1 54  LEU n 
1 55  SER n 
1 56  ILE n 
1 57  ILE n 
1 58  PHE n 
1 59  PRO n 
1 60  LEU n 
1 61  TRP n 
1 62  LYS n 
1 63  LEU n 
1 64  PRO n 
1 65  GLY n 
1 66  PHE n 
1 67  PRO n 
1 68  ASN n 
1 69  ARG n 
1 70  MET n 
1 71  VAL n 
1 72  LEU n 
1 73  GLY n 
1 74  ARG n 
1 75  THR n 
1 76  HIS n 
1 77  ILE n 
1 78  LYS n 
1 79  ASP n 
1 80  VAL n 
1 81  ALA n 
1 82  ALA n 
1 83  LYS n 
1 84  ARG n 
1 85  LYS n 
1 86  ILE n 
1 87  GLU n 
1 88  LEU n 
1 89  ASN n 
1 90  SER n 
1 91  TYR n 
1 92  LEU n 
1 93  GLN n 
1 94  SER n 
1 95  LEU n 
1 96  MET n 
1 97  ASN n 
1 98  ALA n 
1 99  SER n 
1 100 THR n 
1 101 ASP n 
1 102 VAL n 
1 103 ALA n 
1 104 GLU n 
1 105 CYS n 
1 106 ASP n 
1 107 LEU n 
1 108 VAL n 
1 109 CYS n 
1 110 THR n 
1 111 PHE n 
1 112 PHE n 
1 113 HIS n 
1 114 GLY n 
1 115 SER n 
1 116 HIS n 
1 117 HIS n 
1 118 HIS n 
1 119 HIS n 
1 120 HIS n 
1 121 HIS n 
# 
_entity_src_gen.entity_id                          1 
_entity_src_gen.pdbx_src_id                        1 
_entity_src_gen.pdbx_alt_source_flag               sample 
_entity_src_gen.pdbx_seq_type                      ? 
_entity_src_gen.pdbx_beg_seq_num                   ? 
_entity_src_gen.pdbx_end_seq_num                   ? 
_entity_src_gen.gene_src_common_name               human 
_entity_src_gen.gene_src_genus                     Homo 
_entity_src_gen.pdbx_gene_src_gene                 PI3KC2A 
_entity_src_gen.gene_src_species                   ? 
_entity_src_gen.gene_src_strain                    ? 
_entity_src_gen.gene_src_tissue                    ? 
_entity_src_gen.gene_src_tissue_fraction           ? 
_entity_src_gen.gene_src_details                   ? 
_entity_src_gen.pdbx_gene_src_fragment             ? 
_entity_src_gen.pdbx_gene_src_scientific_name      'Homo sapiens' 
_entity_src_gen.pdbx_gene_src_ncbi_taxonomy_id     9606 
_entity_src_gen.pdbx_gene_src_variant              ? 
_entity_src_gen.pdbx_gene_src_cell_line            ? 
_entity_src_gen.pdbx_gene_src_atcc                 ? 
_entity_src_gen.pdbx_gene_src_organ                ? 
_entity_src_gen.pdbx_gene_src_organelle            ? 
_entity_src_gen.pdbx_gene_src_cell                 ? 
_entity_src_gen.pdbx_gene_src_cellular_location    ? 
_entity_src_gen.host_org_common_name               ? 
_entity_src_gen.pdbx_host_org_scientific_name      'Escherichia coli' 
_entity_src_gen.pdbx_host_org_ncbi_taxonomy_id     562 
_entity_src_gen.host_org_genus                     Escherichia 
_entity_src_gen.pdbx_host_org_gene                 ? 
_entity_src_gen.pdbx_host_org_organ                ? 
_entity_src_gen.host_org_species                   ? 
_entity_src_gen.pdbx_host_org_tissue               ? 
_entity_src_gen.pdbx_host_org_tissue_fraction      ? 
_entity_src_gen.pdbx_host_org_strain               'BL21(DE3)PLYSS' 
_entity_src_gen.pdbx_host_org_variant              ? 
_entity_src_gen.pdbx_host_org_cell_line            ? 
_entity_src_gen.pdbx_host_org_atcc                 ? 
_entity_src_gen.pdbx_host_org_culture_collection   ? 
_entity_src_gen.pdbx_host_org_cell                 ? 
_entity_src_gen.pdbx_host_org_organelle            ? 
_entity_src_gen.pdbx_host_org_cellular_location    ? 
_entity_src_gen.pdbx_host_org_vector_type          PLASMID 
_entity_src_gen.pdbx_host_org_vector               ? 
_entity_src_gen.host_org_details                   ? 
_entity_src_gen.expression_system_id               ? 
_entity_src_gen.plasmid_name                       pET-21b 
_entity_src_gen.plasmid_details                    ? 
_entity_src_gen.pdbx_description                   ? 
# 
_struct_ref.id                         1 
_struct_ref.db_name                    UNP 
_struct_ref.db_code                    Q14CQ9_HUMAN 
_struct_ref.pdbx_db_accession          Q14CQ9 
_struct_ref.entity_id                  1 
_struct_ref.pdbx_align_begin           1421 
_struct_ref.pdbx_db_isoform            ? 
_struct_ref.pdbx_seq_one_letter_code   ? 
# 
_struct_ref_seq.align_id                      1 
_struct_ref_seq.ref_id                        1 
_struct_ref_seq.pdbx_PDB_id_code              2AR5 
_struct_ref_seq.pdbx_strand_id                A 
_struct_ref_seq.seq_align_beg                 2 
_struct_ref_seq.pdbx_seq_align_beg_ins_code   ? 
_struct_ref_seq.seq_align_end                 113 
_struct_ref_seq.pdbx_seq_align_end_ins_code   ? 
_struct_ref_seq.pdbx_db_accession             Q14CQ9 
_struct_ref_seq.db_align_beg                  1421 
_struct_ref_seq.pdbx_db_align_beg_ins_code    ? 
_struct_ref_seq.db_align_end                  1532 
_struct_ref_seq.pdbx_db_align_end_ins_code    ? 
_struct_ref_seq.pdbx_auth_seq_align_beg       2 
_struct_ref_seq.pdbx_auth_seq_align_end       113 
# 
loop_
_struct_ref_seq_dif.align_id 
_struct_ref_seq_dif.pdbx_pdb_id_code 
_struct_ref_seq_dif.mon_id 
_struct_ref_seq_dif.pdbx_pdb_strand_id 
_struct_ref_seq_dif.seq_num 
_struct_ref_seq_dif.pdbx_pdb_ins_code 
_struct_ref_seq_dif.pdbx_seq_db_name 
_struct_ref_seq_dif.pdbx_seq_db_accession_code 
_struct_ref_seq_dif.db_mon_id 
_struct_ref_seq_dif.pdbx_seq_db_seq_num 
_struct_ref_seq_dif.details 
_struct_ref_seq_dif.pdbx_auth_seq_num 
_struct_ref_seq_dif.pdbx_ordinal 
1 2AR5 MET A 1   ? UNP Q14CQ9 ? ? 'cloning artifact' 1   1 
1 2AR5 GLY A 114 ? UNP Q14CQ9 ? ? 'cloning artifact' 114 2 
1 2AR5 SER A 115 ? UNP Q14CQ9 ? ? 'cloning artifact' 115 3 
1 2AR5 HIS A 116 ? UNP Q14CQ9 ? ? 'expression tag'   116 4 
1 2AR5 HIS A 117 ? UNP Q14CQ9 ? ? 'expression tag'   117 5 
1 2AR5 HIS A 118 ? UNP Q14CQ9 ? ? 'expression tag'   118 6 
1 2AR5 HIS A 119 ? UNP Q14CQ9 ? ? 'expression tag'   119 7 
1 2AR5 HIS A 120 ? UNP Q14CQ9 ? ? 'expression tag'   120 8 
1 2AR5 HIS A 121 ? UNP Q14CQ9 ? ? 'expression tag'   121 9 
# 
loop_
_chem_comp.id 
_chem_comp.type 
_chem_comp.mon_nstd_flag 
_chem_comp.name 
_chem_comp.pdbx_synonyms 
_chem_comp.formula 
_chem_comp.formula_weight 
ALA 'L-peptide linking' y ALANINE         ?                               'C3 H7 N O2'     89.093  
ARG 'L-peptide linking' y ARGININE        ?                               'C6 H15 N4 O2 1' 175.209 
ASN 'L-peptide linking' y ASPARAGINE      ?                               'C4 H8 N2 O3'    132.118 
ASP 'L-peptide linking' y 'ASPARTIC ACID' ?                               'C4 H7 N O4'     133.103 
CYS 'L-peptide linking' y CYSTEINE        ?                               'C3 H7 N O2 S'   121.158 
GLN 'L-peptide linking' y GLUTAMINE       ?                               'C5 H10 N2 O3'   146.144 
GLU 'L-peptide linking' y 'GLUTAMIC ACID' ?                               'C5 H9 N O4'     147.129 
GLY 'peptide linking'   y GLYCINE         ?                               'C2 H5 N O2'     75.067  
GOL non-polymer         . GLYCEROL        'GLYCERIN; PROPANE-1,2,3-TRIOL' 'C3 H8 O3'       92.094  
HIS 'L-peptide linking' y HISTIDINE       ?                               'C6 H10 N3 O2 1' 156.162 
HOH non-polymer         . WATER           ?                               'H2 O'           18.015  
ILE 'L-peptide linking' y ISOLEUCINE      ?                               'C6 H13 N O2'    131.173 
LEU 'L-peptide linking' y LEUCINE         ?                               'C6 H13 N O2'    131.173 
LYS 'L-peptide linking' y LYSINE          ?                               'C6 H15 N2 O2 1' 147.195 
MET 'L-peptide linking' y METHIONINE      ?                               'C5 H11 N O2 S'  149.211 
PHE 'L-peptide linking' y PHENYLALANINE   ?                               'C9 H11 N O2'    165.189 
PRO 'L-peptide linking' y PROLINE         ?                               'C5 H9 N O2'     115.130 
SER 'L-peptide linking' y SERINE          ?                               'C3 H7 N O3'     105.093 
THR 'L-peptide linking' y THREONINE       ?                               'C4 H9 N O3'     119.119 
TRP 'L-peptide linking' y TRYPTOPHAN      ?                               'C11 H12 N2 O2'  204.225 
TYR 'L-peptide linking' y TYROSINE        ?                               'C9 H11 N O3'    181.189 
VAL 'L-peptide linking' y VALINE          ?                               'C5 H11 N O2'    117.146 
# 
_exptl.entry_id          2AR5 
_exptl.method            'X-RAY DIFFRACTION' 
_exptl.crystals_number   1 
# 
_exptl_crystal.id                    1 
_exptl_crystal.density_meas          ? 
_exptl_crystal.density_Matthews      2.85 
_exptl_crystal.density_percent_sol   56.45 
_exptl_crystal.description           ? 
_exptl_crystal.F_000                 ? 
_exptl_crystal.preparation           ? 
# 
_exptl_crystal_grow.crystal_id      1 
_exptl_crystal_grow.method          ? 
_exptl_crystal_grow.temp            293 
_exptl_crystal_grow.temp_details    ? 
_exptl_crystal_grow.pH              6.00 
_exptl_crystal_grow.pdbx_details    
'0.1M Maleic acid/NaOH, 10% glycerol, pH 6.0, VAPOR DIFFUSION, HANGING DROP, temperature 293K, pH 6.00' 
_exptl_crystal_grow.pdbx_pH_range   . 
# 
_diffrn.id                     1 
_diffrn.ambient_temp           98.0 
_diffrn.ambient_temp_details   ? 
_diffrn.crystal_id             1 
# 
_diffrn_detector.diffrn_id              1 
_diffrn_detector.detector               CCD 
_diffrn_detector.type                   'ADSC QUANTUM 4' 
_diffrn_detector.pdbx_collection_date   2004-11-14 
_diffrn_detector.details                ? 
# 
_diffrn_radiation.diffrn_id                        1 
_diffrn_radiation.wavelength_id                    1 
_diffrn_radiation.pdbx_monochromatic_or_laue_m_l   M 
_diffrn_radiation.monochromator                    SILICON 
_diffrn_radiation.pdbx_diffrn_protocol             'SINGLE WAVELENGTH' 
_diffrn_radiation.pdbx_scattering_type             x-ray 
# 
_diffrn_radiation_wavelength.id           1 
_diffrn_radiation_wavelength.wavelength   0.9792 
_diffrn_radiation_wavelength.wt           1.0 
# 
_diffrn_source.diffrn_id                   1 
_diffrn_source.source                      SYNCHROTRON 
_diffrn_source.type                        'ESRF BEAMLINE ID14-4' 
_diffrn_source.pdbx_synchrotron_site       ESRF 
_diffrn_source.pdbx_synchrotron_beamline   ID14-4 
_diffrn_source.pdbx_wavelength             0.9792 
_diffrn_source.pdbx_wavelength_list        ? 
# 
_reflns.entry_id                     2AR5 
_reflns.observed_criterion_sigma_I   0.000 
_reflns.observed_criterion_sigma_F   ? 
_reflns.d_resolution_low             48.8 
_reflns.d_resolution_high            1.800 
_reflns.number_obs                   16365 
_reflns.number_all                   ? 
_reflns.percent_possible_obs         99.2 
_reflns.pdbx_Rmerge_I_obs            0.057 
_reflns.pdbx_Rsym_value              ? 
_reflns.pdbx_netI_over_sigmaI        ? 
_reflns.B_iso_Wilson_estimate        41.20 
_reflns.pdbx_redundancy              5.400 
_reflns.R_free_details               ? 
_reflns.limit_h_max                  ? 
_reflns.limit_h_min                  ? 
_reflns.limit_k_max                  ? 
_reflns.limit_k_min                  ? 
_reflns.limit_l_max                  ? 
_reflns.limit_l_min                  ? 
_reflns.observed_criterion_F_max     ? 
_reflns.observed_criterion_F_min     ? 
_reflns.pdbx_chi_squared             ? 
_reflns.pdbx_scaling_rejects         ? 
_reflns.pdbx_ordinal                 1 
_reflns.pdbx_diffrn_id               1 
# 
_reflns_shell.d_res_high             1.80 
_reflns_shell.d_res_low              1.86 
_reflns_shell.percent_possible_all   99.9 
_reflns_shell.Rmerge_I_obs           0.49 
_reflns_shell.pdbx_Rsym_value        ? 
_reflns_shell.meanI_over_sigI_obs    2.200 
_reflns_shell.pdbx_redundancy        ? 
_reflns_shell.percent_possible_obs   ? 
_reflns_shell.number_unique_all      ? 
_reflns_shell.number_measured_all    ? 
_reflns_shell.number_measured_obs    ? 
_reflns_shell.number_unique_obs      ? 
_reflns_shell.pdbx_chi_squared       ? 
_reflns_shell.pdbx_ordinal           1 
_reflns_shell.pdbx_diffrn_id         1 
# 
_refine.entry_id                                 2AR5 
_refine.ls_number_reflns_obs                     15519 
_refine.ls_number_reflns_all                     16345 
_refine.pdbx_ls_sigma_I                          ? 
_refine.pdbx_ls_sigma_F                          0.000 
_refine.pdbx_data_cutoff_high_absF               ? 
_refine.pdbx_data_cutoff_low_absF                ? 
_refine.pdbx_data_cutoff_high_rms_absF           ? 
_refine.ls_d_res_low                             48.80 
_refine.ls_d_res_high                            1.80 
_refine.ls_percent_reflns_obs                    99.2 
_refine.ls_R_factor_obs                          0.223 
_refine.ls_R_factor_all                          ? 
_refine.ls_R_factor_R_work                       0.222 
_refine.ls_R_factor_R_free                       0.244 
_refine.ls_R_factor_R_free_error                 ? 
_refine.ls_R_factor_R_free_error_details         ? 
_refine.ls_percent_reflns_R_free                 5.100 
_refine.ls_number_reflns_R_free                  826 
_refine.ls_number_parameters                     ? 
_refine.ls_number_restraints                     ? 
_refine.occupancy_min                            ? 
_refine.occupancy_max                            ? 
_refine.correlation_coeff_Fo_to_Fc               0.945 
_refine.correlation_coeff_Fo_to_Fc_free          0.938 
_refine.B_iso_mean                               42.75 
_refine.aniso_B[1][1]                            0.52000 
_refine.aniso_B[2][2]                            0.52000 
_refine.aniso_B[3][3]                            -0.78000 
_refine.aniso_B[1][2]                            0.26000 
_refine.aniso_B[1][3]                            0.00000 
_refine.aniso_B[2][3]                            0.00000 
_refine.solvent_model_details                    'BABINET MODEL WITH MASK' 
_refine.solvent_model_param_ksol                 ? 
_refine.solvent_model_param_bsol                 ? 
_refine.pdbx_solvent_vdw_probe_radii             1.40 
_refine.pdbx_solvent_ion_probe_radii             0.80 
_refine.pdbx_solvent_shrinkage_radii             0.80 
_refine.pdbx_ls_cross_valid_method               THROUGHOUT 
_refine.details                                  ? 
_refine.pdbx_starting_model                      'PDB ENTRY 1OCS' 
_refine.pdbx_method_to_determine_struct          'MOLECULAR REPLACEMENT' 
_refine.pdbx_isotropic_thermal_model             isotropic 
_refine.pdbx_stereochemistry_target_values       'MAXIMUM LIKELIHOOD' 
_refine.pdbx_stereochem_target_val_spec_case     ? 
_refine.pdbx_R_Free_selection_details            RANDOM 
_refine.pdbx_overall_ESU_R                       0.125 
_refine.pdbx_overall_ESU_R_Free                  0.119 
_refine.overall_SU_ML                            0.076 
_refine.overall_SU_B                             2.429 
_refine.ls_redundancy_reflns_obs                 ? 
_refine.B_iso_min                                ? 
_refine.B_iso_max                                ? 
_refine.overall_SU_R_Cruickshank_DPI             ? 
_refine.overall_SU_R_free                        ? 
_refine.ls_wR_factor_R_free                      ? 
_refine.ls_wR_factor_R_work                      ? 
_refine.overall_FOM_free_R_set                   ? 
_refine.overall_FOM_work_R_set                   ? 
_refine.pdbx_refine_id                           'X-RAY DIFFRACTION' 
_refine.pdbx_diffrn_id                           1 
_refine.pdbx_TLS_residual_ADP_flag               ? 
_refine.pdbx_overall_phase_error                 ? 
_refine.pdbx_overall_SU_R_free_Cruickshank_DPI   ? 
_refine.pdbx_overall_SU_R_Blow_DPI               ? 
_refine.pdbx_overall_SU_R_free_Blow_DPI          ? 
# 
_refine_analyze.entry_id                        2AR5 
_refine_analyze.Luzzati_coordinate_error_obs    0.076 
_refine_analyze.Luzzati_sigma_a_obs             ? 
_refine_analyze.Luzzati_d_res_low_obs           ? 
_refine_analyze.Luzzati_coordinate_error_free   ? 
_refine_analyze.Luzzati_sigma_a_free            ? 
_refine_analyze.Luzzati_d_res_low_free          ? 
_refine_analyze.number_disordered_residues      ? 
_refine_analyze.occupancy_sum_hydrogen          ? 
_refine_analyze.occupancy_sum_non_hydrogen      ? 
_refine_analyze.pdbx_Luzzati_d_res_high_obs     ? 
_refine_analyze.pdbx_refine_id                  'X-RAY DIFFRACTION' 
# 
_refine_hist.pdbx_refine_id                   'X-RAY DIFFRACTION' 
_refine_hist.cycle_id                         LAST 
_refine_hist.pdbx_number_atoms_protein        957 
_refine_hist.pdbx_number_atoms_nucleic_acid   0 
_refine_hist.pdbx_number_atoms_ligand         36 
_refine_hist.number_atoms_solvent             92 
_refine_hist.number_atoms_total               1085 
_refine_hist.d_res_high                       1.80 
_refine_hist.d_res_low                        48.80 
# 
loop_
_refine_ls_restr.type 
_refine_ls_restr.dev_ideal 
_refine_ls_restr.dev_ideal_target 
_refine_ls_restr.weight 
_refine_ls_restr.number 
_refine_ls_restr.pdbx_refine_id 
_refine_ls_restr.pdbx_restraint_function 
r_bond_refined_d             0.016  0.021 ? 1005 'X-RAY DIFFRACTION' ? 
r_bond_other_d               0.001  0.020 ? 886  'X-RAY DIFFRACTION' ? 
r_angle_refined_deg          1.890  1.947 ? 1350 'X-RAY DIFFRACTION' ? 
r_angle_other_deg            0.979  3.000 ? 2058 'X-RAY DIFFRACTION' ? 
r_dihedral_angle_1_deg       13.550 5.000 ? 116  'X-RAY DIFFRACTION' ? 
r_dihedral_angle_2_deg       ?      ?     ? ?    'X-RAY DIFFRACTION' ? 
r_dihedral_angle_3_deg       ?      ?     ? ?    'X-RAY DIFFRACTION' ? 
r_dihedral_angle_4_deg       ?      ?     ? ?    'X-RAY DIFFRACTION' ? 
r_chiral_restr               0.143  0.200 ? 142  'X-RAY DIFFRACTION' ? 
r_gen_planes_refined         0.015  0.020 ? 1082 'X-RAY DIFFRACTION' ? 
r_gen_planes_other           0.016  0.020 ? 219  'X-RAY DIFFRACTION' ? 
r_nbd_refined                0.271  0.200 ? 302  'X-RAY DIFFRACTION' ? 
r_nbd_other                  0.257  0.200 ? 977  'X-RAY DIFFRACTION' ? 
r_nbtor_refined              ?      ?     ? ?    'X-RAY DIFFRACTION' ? 
r_nbtor_other                0.093  0.200 ? 578  'X-RAY DIFFRACTION' ? 
r_xyhbond_nbd_refined        0.177  0.200 ? 35   'X-RAY DIFFRACTION' ? 
r_xyhbond_nbd_other          ?      ?     ? ?    'X-RAY DIFFRACTION' ? 
r_metal_ion_refined          ?      ?     ? ?    'X-RAY DIFFRACTION' ? 
r_metal_ion_other            ?      ?     ? ?    'X-RAY DIFFRACTION' ? 
r_symmetry_vdw_refined       0.249  0.200 ? 14   'X-RAY DIFFRACTION' ? 
r_symmetry_vdw_other         0.352  0.200 ? 35   'X-RAY DIFFRACTION' ? 
r_symmetry_hbond_refined     0.050  0.200 ? 1    'X-RAY DIFFRACTION' ? 
r_symmetry_hbond_other       ?      ?     ? ?    'X-RAY DIFFRACTION' ? 
r_symmetry_metal_ion_refined ?      ?     ? ?    'X-RAY DIFFRACTION' ? 
r_symmetry_metal_ion_other   ?      ?     ? ?    'X-RAY DIFFRACTION' ? 
r_mcbond_it                  2.293  1.500 ? 584  'X-RAY DIFFRACTION' ? 
r_mcbond_other               ?      ?     ? ?    'X-RAY DIFFRACTION' ? 
r_mcangle_it                 3.982  2.000 ? 945  'X-RAY DIFFRACTION' ? 
r_scbond_it                  3.853  3.000 ? 421  'X-RAY DIFFRACTION' ? 
r_scangle_it                 5.969  4.500 ? 405  'X-RAY DIFFRACTION' ? 
r_rigid_bond_restr           ?      ?     ? ?    'X-RAY DIFFRACTION' ? 
r_sphericity_free            ?      ?     ? ?    'X-RAY DIFFRACTION' ? 
r_sphericity_bonded          ?      ?     ? ?    'X-RAY DIFFRACTION' ? 
# 
_refine_ls_shell.pdbx_total_number_of_bins_used   20 
_refine_ls_shell.d_res_high                       1.80 
_refine_ls_shell.d_res_low                        1.85 
_refine_ls_shell.number_reflns_R_work             1146 
_refine_ls_shell.R_factor_R_work                  0.283 
_refine_ls_shell.percent_reflns_obs               ? 
_refine_ls_shell.R_factor_R_free                  0.299 
_refine_ls_shell.R_factor_R_free_error            ? 
_refine_ls_shell.percent_reflns_R_free            ? 
_refine_ls_shell.number_reflns_R_free             58 
_refine_ls_shell.number_reflns_all                ? 
_refine_ls_shell.R_factor_all                     ? 
_refine_ls_shell.redundancy_reflns_obs            ? 
_refine_ls_shell.number_reflns_obs                ? 
_refine_ls_shell.pdbx_refine_id                   'X-RAY DIFFRACTION' 
# 
_struct.entry_id                  2AR5 
_struct.title                     'Crystal structure of the mammalian C2alpha-PI3 Kinase PX-domain' 
_struct.pdbx_model_details        ? 
_struct.pdbx_CASP_flag            ? 
_struct.pdbx_model_type_details   ? 
# 
_struct_keywords.entry_id        2AR5 
_struct_keywords.pdbx_keywords   TRANSFERASE 
_struct_keywords.text            'PX domain, TRANSFERASE' 
# 
loop_
_struct_asym.id 
_struct_asym.pdbx_blank_PDB_chainid_flag 
_struct_asym.pdbx_modified 
_struct_asym.entity_id 
_struct_asym.details 
A N N 1 ? 
B N N 2 ? 
C N N 2 ? 
D N N 2 ? 
E N N 2 ? 
F N N 2 ? 
G N N 2 ? 
H N N 3 ? 
# 
_struct_biol.id                    1 
_struct_biol.pdbx_parent_biol_id   ? 
_struct_biol.details               ? 
# 
loop_
_struct_conf.conf_type_id 
_struct_conf.id 
_struct_conf.pdbx_PDB_helix_id 
_struct_conf.beg_label_comp_id 
_struct_conf.beg_label_asym_id 
_struct_conf.beg_label_seq_id 
_struct_conf.pdbx_beg_PDB_ins_code 
_struct_conf.end_label_comp_id 
_struct_conf.end_label_asym_id 
_struct_conf.end_label_seq_id 
_struct_conf.pdbx_end_PDB_ins_code 
_struct_conf.beg_auth_comp_id 
_struct_conf.beg_auth_asym_id 
_struct_conf.beg_auth_seq_id 
_struct_conf.end_auth_comp_id 
_struct_conf.end_auth_asym_id 
_struct_conf.end_auth_seq_id 
_struct_conf.pdbx_PDB_helix_class 
_struct_conf.details 
_struct_conf.pdbx_PDB_helix_length 
HELX_P HELX_P1 1 PHE A 44  ? PHE A 58  ? PHE A 44  PHE A 58  1 ? 15 
HELX_P HELX_P2 2 PRO A 59  ? LEU A 63  ? PRO A 59  LEU A 63  5 ? 5  
HELX_P HELX_P3 3 LYS A 78  ? ASN A 97  ? LYS A 78  ASN A 97  1 ? 20 
HELX_P HELX_P4 4 SER A 99  ? GLU A 104 ? SER A 99  GLU A 104 1 ? 6  
HELX_P HELX_P5 5 CYS A 105 ? PHE A 112 ? CYS A 105 PHE A 112 1 ? 8  
# 
_struct_conf_type.id          HELX_P 
_struct_conf_type.criteria    ? 
_struct_conf_type.reference   ? 
# 
_struct_sheet.id               A 
_struct_sheet.type             ? 
_struct_sheet.number_strands   3 
_struct_sheet.details          ? 
# 
loop_
_struct_sheet_order.sheet_id 
_struct_sheet_order.range_id_1 
_struct_sheet_order.range_id_2 
_struct_sheet_order.offset 
_struct_sheet_order.sense 
A 1 2 ? anti-parallel 
A 2 3 ? anti-parallel 
# 
loop_
_struct_sheet_range.sheet_id 
_struct_sheet_range.id 
_struct_sheet_range.beg_label_comp_id 
_struct_sheet_range.beg_label_asym_id 
_struct_sheet_range.beg_label_seq_id 
_struct_sheet_range.pdbx_beg_PDB_ins_code 
_struct_sheet_range.end_label_comp_id 
_struct_sheet_range.end_label_asym_id 
_struct_sheet_range.end_label_seq_id 
_struct_sheet_range.pdbx_end_PDB_ins_code 
_struct_sheet_range.beg_auth_comp_id 
_struct_sheet_range.beg_auth_asym_id 
_struct_sheet_range.beg_auth_seq_id 
_struct_sheet_range.end_auth_comp_id 
_struct_sheet_range.end_auth_asym_id 
_struct_sheet_range.end_auth_seq_id 
A 1 ILE A 5  ? HIS A 14 ? ILE A 5  HIS A 14 
A 2 ILE A 24 ? ARG A 31 ? ILE A 24 ARG A 31 
A 3 SER A 38 ? THR A 43 ? SER A 38 THR A 43 
# 
loop_
_pdbx_struct_sheet_hbond.sheet_id 
_pdbx_struct_sheet_hbond.range_id_1 
_pdbx_struct_sheet_hbond.range_id_2 
_pdbx_struct_sheet_hbond.range_1_label_atom_id 
_pdbx_struct_sheet_hbond.range_1_label_comp_id 
_pdbx_struct_sheet_hbond.range_1_label_asym_id 
_pdbx_struct_sheet_hbond.range_1_label_seq_id 
_pdbx_struct_sheet_hbond.range_1_PDB_ins_code 
_pdbx_struct_sheet_hbond.range_1_auth_atom_id 
_pdbx_struct_sheet_hbond.range_1_auth_comp_id 
_pdbx_struct_sheet_hbond.range_1_auth_asym_id 
_pdbx_struct_sheet_hbond.range_1_auth_seq_id 
_pdbx_struct_sheet_hbond.range_2_label_atom_id 
_pdbx_struct_sheet_hbond.range_2_label_comp_id 
_pdbx_struct_sheet_hbond.range_2_label_asym_id 
_pdbx_struct_sheet_hbond.range_2_label_seq_id 
_pdbx_struct_sheet_hbond.range_2_PDB_ins_code 
_pdbx_struct_sheet_hbond.range_2_auth_atom_id 
_pdbx_struct_sheet_hbond.range_2_auth_comp_id 
_pdbx_struct_sheet_hbond.range_2_auth_asym_id 
_pdbx_struct_sheet_hbond.range_2_auth_seq_id 
A 1 2 N LYS A 6  ? N LYS A 6  O LEU A 30 ? O LEU A 30 
A 2 3 N VAL A 27 ? N VAL A 27 O VAL A 40 ? O VAL A 40 
# 
loop_
_struct_site.id 
_struct_site.pdbx_evidence_code 
_struct_site.pdbx_auth_asym_id 
_struct_site.pdbx_auth_comp_id 
_struct_site.pdbx_auth_seq_id 
_struct_site.pdbx_auth_ins_code 
_struct_site.pdbx_num_residues 
_struct_site.details 
AC1 Software A GOL 301 ? 4 'BINDING SITE FOR RESIDUE GOL A 301' 
AC2 Software A GOL 302 ? 6 'BINDING SITE FOR RESIDUE GOL A 302' 
AC3 Software A GOL 303 ? 4 'BINDING SITE FOR RESIDUE GOL A 303' 
AC4 Software A GOL 304 ? 4 'BINDING SITE FOR RESIDUE GOL A 304' 
AC5 Software A GOL 305 ? 9 'BINDING SITE FOR RESIDUE GOL A 305' 
AC6 Software A GOL 306 ? 5 'BINDING SITE FOR RESIDUE GOL A 306' 
# 
loop_
_struct_site_gen.id 
_struct_site_gen.site_id 
_struct_site_gen.pdbx_num_res 
_struct_site_gen.label_comp_id 
_struct_site_gen.label_asym_id 
_struct_site_gen.label_seq_id 
_struct_site_gen.pdbx_auth_ins_code 
_struct_site_gen.auth_comp_id 
_struct_site_gen.auth_asym_id 
_struct_site_gen.auth_seq_id 
_struct_site_gen.label_atom_id 
_struct_site_gen.label_alt_id 
_struct_site_gen.symmetry 
_struct_site_gen.details 
1  AC1 4 GLU A 36  ? GLU A 36  . ? 1_555 ? 
2  AC1 4 GOL C .   ? GOL A 302 . ? 1_555 ? 
3  AC1 4 HOH H .   ? HOH A 326 . ? 1_555 ? 
4  AC1 4 HOH H .   ? HOH A 344 . ? 1_555 ? 
5  AC2 6 ASN A 52  ? ASN A 52  . ? 4_565 ? 
6  AC2 6 LYS A 53  ? LYS A 53  . ? 4_565 ? 
7  AC2 6 ILE A 56  ? ILE A 56  . ? 4_565 ? 
8  AC2 6 GOL B .   ? GOL A 301 . ? 1_555 ? 
9  AC2 6 HOH H .   ? HOH A 311 . ? 4_565 ? 
10 AC2 6 HOH H .   ? HOH A 322 . ? 1_555 ? 
11 AC3 4 ASP A 79  ? ASP A 79  . ? 1_555 ? 
12 AC3 4 ALA A 82  ? ALA A 82  . ? 1_555 ? 
13 AC3 4 LYS A 83  ? LYS A 83  . ? 1_555 ? 
14 AC3 4 ILE A 86  ? ILE A 86  . ? 1_555 ? 
15 AC4 4 TRP A 61  ? TRP A 61  . ? 1_555 ? 
16 AC4 4 LYS A 62  ? LYS A 62  . ? 1_555 ? 
17 AC4 4 LEU A 63  ? LEU A 63  . ? 1_555 ? 
18 AC4 4 ALA A 98  ? ALA A 98  . ? 1_555 ? 
19 AC5 9 GLU A 36  ? GLU A 36  . ? 1_555 ? 
20 AC5 9 PRO A 37  ? PRO A 37  . ? 1_555 ? 
21 AC5 9 SER A 38  ? SER A 38  . ? 1_555 ? 
22 AC5 9 PHE A 39  ? PHE A 39  . ? 1_555 ? 
23 AC5 9 LEU A 60  ? LEU A 60  . ? 3_564 ? 
24 AC5 9 LEU A 63  ? LEU A 63  . ? 3_564 ? 
25 AC5 9 GLY A 65  ? GLY A 65  . ? 3_564 ? 
26 AC5 9 HOH H .   ? HOH A 315 . ? 3_564 ? 
27 AC5 9 HOH H .   ? HOH A 356 . ? 1_555 ? 
28 AC6 5 PHE A 41  ? PHE A 41  . ? 1_555 ? 
29 AC6 5 ARG A 42  ? ARG A 42  . ? 1_555 ? 
30 AC6 5 GLU A 46  ? GLU A 46  . ? 1_555 ? 
31 AC6 5 HIS A 116 ? HIS A 116 . ? 1_555 ? 
32 AC6 5 HOH H .   ? HOH A 398 . ? 1_555 ? 
# 
_atom_sites.entry_id                    2AR5 
_atom_sites.fract_transf_matrix[1][1]   -0.00242995 
_atom_sites.fract_transf_matrix[1][2]   -0.02017456 
_atom_sites.fract_transf_matrix[1][3]   -0.00198976 
_atom_sites.fract_transf_matrix[2][1]   0.01075595 
_atom_sites.fract_transf_matrix[2][2]   -0.01024614 
_atom_sites.fract_transf_matrix[2][3]   -0.01400788 
_atom_sites.fract_transf_matrix[3][1]   0.00781858 
_atom_sites.fract_transf_matrix[3][2]   -0.00165308 
_atom_sites.fract_transf_matrix[3][3]   0.00721265 
_atom_sites.fract_transf_vector[1]      0.248084 
_atom_sites.fract_transf_vector[2]      0.766445 
_atom_sites.fract_transf_vector[3]      0.039367 
# 
loop_
_atom_type.symbol 
C 
N 
O 
S 
# 
loop_
_atom_site.group_PDB 
_atom_site.id 
_atom_site.type_symbol 
_atom_site.label_atom_id 
_atom_site.label_alt_id 
_atom_site.label_comp_id 
_atom_site.label_asym_id 
_atom_site.label_entity_id 
_atom_site.label_seq_id 
_atom_site.pdbx_PDB_ins_code 
_atom_site.Cartn_x 
_atom_site.Cartn_y 
_atom_site.Cartn_z 
_atom_site.occupancy 
_atom_site.B_iso_or_equiv 
_atom_site.pdbx_formal_charge 
_atom_site.auth_seq_id 
_atom_site.auth_comp_id 
_atom_site.auth_asym_id 
_atom_site.auth_atom_id 
_atom_site.pdbx_PDB_model_num 
ATOM   1    N N   . MET A 1 1   ? -9.316  -9.764  8.842   1.00 91.13  ? 1   MET A N   1 
ATOM   2    C CA  . MET A 1 1   ? -10.535 -10.426 9.396   1.00 91.46  ? 1   MET A CA  1 
ATOM   3    C C   . MET A 1 1   ? -11.385 -9.416  10.160  1.00 90.13  ? 1   MET A C   1 
ATOM   4    O O   . MET A 1 1   ? -12.379 -9.776  10.794  1.00 90.53  ? 1   MET A O   1 
ATOM   5    C CB  . MET A 1 1   ? -10.149 -11.593 10.308  1.00 92.24  ? 1   MET A CB  1 
ATOM   6    C CG  . MET A 1 1   ? -9.010  -12.441 9.768   1.00 94.96  ? 1   MET A CG  1 
ATOM   7    S SD  . MET A 1 1   ? -7.387  -11.707 10.093  1.00 100.39 ? 1   MET A SD  1 
ATOM   8    C CE  . MET A 1 1   ? -6.698  -11.574 8.396   1.00 101.58 ? 1   MET A CE  1 
ATOM   9    N N   . ASP A 1 2   ? -11.021 -8.142  10.035  1.00 88.18  ? 2   ASP A N   1 
ATOM   10   C CA  . ASP A 1 2   ? -11.090 -7.184  11.138  1.00 86.11  ? 2   ASP A CA  1 
ATOM   11   C C   . ASP A 1 2   ? -12.458 -6.490  11.082  1.00 83.05  ? 2   ASP A C   1 
ATOM   12   O O   . ASP A 1 2   ? -13.454 -7.140  10.753  1.00 82.96  ? 2   ASP A O   1 
ATOM   13   C CB  . ASP A 1 2   ? -9.916  -6.198  11.051  1.00 86.64  ? 2   ASP A CB  1 
ATOM   14   C CG  . ASP A 1 2   ? -8.642  -6.836  10.484  1.00 88.09  ? 2   ASP A CG  1 
ATOM   15   O OD1 . ASP A 1 2   ? -7.836  -7.367  11.279  1.00 88.91  ? 2   ASP A OD1 1 
ATOM   16   O OD2 . ASP A 1 2   ? -8.349  -6.838  9.261   1.00 89.78  ? 2   ASP A OD2 1 
ATOM   17   N N   . GLY A 1 3   ? -12.525 -5.194  11.390  1.00 79.10  ? 3   GLY A N   1 
ATOM   18   C CA  . GLY A 1 3   ? -13.578 -4.337  10.861  1.00 75.02  ? 3   GLY A CA  1 
ATOM   19   C C   . GLY A 1 3   ? -13.566 -4.388  9.344   1.00 71.16  ? 3   GLY A C   1 
ATOM   20   O O   . GLY A 1 3   ? -12.671 -5.015  8.790   1.00 72.52  ? 3   GLY A O   1 
ATOM   21   N N   . ARG A 1 4   ? -14.500 -3.714  8.679   1.00 65.74  ? 4   ARG A N   1 
ATOM   22   C CA  . ARG A 1 4   ? -15.021 -4.130  7.372   1.00 61.15  ? 4   ARG A CA  1 
ATOM   23   C C   . ARG A 1 4   ? -14.051 -4.612  6.281   1.00 55.42  ? 4   ARG A C   1 
ATOM   24   O O   . ARG A 1 4   ? -14.417 -5.520  5.563   1.00 51.70  ? 4   ARG A O   1 
ATOM   25   C CB  . ARG A 1 4   ? -15.887 -3.037  6.750   1.00 61.75  ? 4   ARG A CB  1 
ATOM   26   C CG  . ARG A 1 4   ? -16.879 -3.534  5.722   1.00 62.85  ? 4   ARG A CG  1 
ATOM   27   C CD  . ARG A 1 4   ? -17.054 -2.621  4.516   1.00 69.31  ? 4   ARG A CD  1 
ATOM   28   N NE  . ARG A 1 4   ? -18.274 -1.806  4.609   1.00 74.84  ? 4   ARG A NE  1 
ATOM   29   C CZ  . ARG A 1 4   ? -18.392 -0.540  4.186   1.00 78.35  ? 4   ARG A CZ  1 
ATOM   30   N NH1 . ARG A 1 4   ? -17.398 0.067   3.555   1.00 79.37  ? 4   ARG A NH1 1 
ATOM   31   N NH2 . ARG A 1 4   ? -19.529 0.126   4.355   1.00 80.32  ? 4   ARG A NH2 1 
ATOM   32   N N   . ILE A 1 5   ? -12.868 -4.026  6.109   1.00 51.81  ? 5   ILE A N   1 
ATOM   33   C CA  . ILE A 1 5   ? -11.844 -4.674  5.280   1.00 48.46  ? 5   ILE A CA  1 
ATOM   34   C C   . ILE A 1 5   ? -11.391 -5.906  6.032   1.00 47.41  ? 5   ILE A C   1 
ATOM   35   O O   . ILE A 1 5   ? -11.001 -5.823  7.192   1.00 45.49  ? 5   ILE A O   1 
ATOM   36   C CB  . ILE A 1 5   ? -10.648 -3.774  4.981   1.00 46.19  ? 5   ILE A CB  1 
ATOM   37   C CG1 . ILE A 1 5   ? -10.991 -2.715  3.932   1.00 46.04  ? 5   ILE A CG1 1 
ATOM   38   C CG2 . ILE A 1 5   ? -9.433  -4.576  4.503   1.00 44.86  ? 5   ILE A CG2 1 
ATOM   39   C CD1 . ILE A 1 5   ? -11.897 -1.593  4.427   1.00 48.90  ? 5   ILE A CD1 1 
ATOM   40   N N   . LYS A 1 6   ? -11.466 -7.051  5.367   1.00 45.47  ? 6   LYS A N   1 
ATOM   41   C CA  . LYS A 1 6   ? -11.058 -8.316  5.949   1.00 46.55  ? 6   LYS A CA  1 
ATOM   42   C C   . LYS A 1 6   ? -9.700  -8.858  5.480   1.00 45.23  ? 6   LYS A C   1 
ATOM   43   O O   . LYS A 1 6   ? -9.053  -9.641  6.201   1.00 46.08  ? 6   LYS A O   1 
ATOM   44   C CB  . LYS A 1 6   ? -12.147 -9.351  5.621   1.00 48.51  ? 6   LYS A CB  1 
ATOM   45   C CG  . LYS A 1 6   ? -11.808 -10.758 6.031   1.00 56.18  ? 6   LYS A CG  1 
ATOM   46   C CD  . LYS A 1 6   ? -13.077 -11.570 6.236   1.00 61.59  ? 6   LYS A CD  1 
ATOM   47   C CE  . LYS A 1 6   ? -13.815 -11.810 4.936   1.00 63.62  ? 6   LYS A CE  1 
ATOM   48   N NZ  . LYS A 1 6   ? -14.402 -13.191 4.999   1.00 66.44  ? 6   LYS A NZ  1 
ATOM   49   N N   . GLU A 1 7   ? -9.304  -8.537  4.245   1.00 40.46  ? 7   GLU A N   1 
ATOM   50   C CA  . GLU A 1 7   ? -8.089  -9.064  3.628   1.00 40.44  ? 7   GLU A CA  1 
ATOM   51   C C   . GLU A 1 7   ? -7.641  -7.949  2.700   1.00 36.09  ? 7   GLU A C   1 
ATOM   52   O O   . GLU A 1 7   ? -8.436  -7.356  2.006   1.00 35.49  ? 7   GLU A O   1 
ATOM   53   C CB  . GLU A 1 7   ? -8.276  -10.340 2.773   1.00 42.46  ? 7   GLU A CB  1 
ATOM   54   C CG  . GLU A 1 7   ? -9.057  -11.514 3.356   1.00 48.52  ? 7   GLU A CG  1 
ATOM   55   C CD  . GLU A 1 7   ? -9.385  -12.644 2.377   1.00 55.29  ? 7   GLU A CD  1 
ATOM   56   O OE1 . GLU A 1 7   ? -9.196  -12.506 1.141   1.00 55.52  ? 7   GLU A OE1 1 
ATOM   57   O OE2 . GLU A 1 7   ? -9.870  -13.707 2.854   1.00 61.20  ? 7   GLU A OE2 1 
ATOM   58   N N   . VAL A 1 8   ? -6.352  -7.676  2.697   1.00 34.58  ? 8   VAL A N   1 
ATOM   59   C CA  . VAL A 1 8   ? -5.691  -6.903  1.680   1.00 33.17  ? 8   VAL A CA  1 
ATOM   60   C C   . VAL A 1 8   ? -4.365  -7.549  1.259   1.00 33.13  ? 8   VAL A C   1 
ATOM   61   O O   . VAL A 1 8   ? -3.753  -8.317  2.010   1.00 33.65  ? 8   VAL A O   1 
ATOM   62   C CB  . VAL A 1 8   ? -5.418  -5.489  2.215   1.00 36.66  ? 8   VAL A CB  1 
ATOM   63   C CG1 . VAL A 1 8   ? -4.456  -5.576  3.410   1.00 37.49  ? 8   VAL A CG1 1 
ATOM   64   C CG2 . VAL A 1 8   ? -4.838  -4.670  1.154   1.00 43.49  ? 8   VAL A CG2 1 
ATOM   65   N N   . SER A 1 9   ? -3.950  -7.254  0.042   1.00 31.63  ? 9   SER A N   1 
ATOM   66   C CA  . SER A 1 9   ? -2.700  -7.764  -0.496  1.00 32.57  ? 9   SER A CA  1 
ATOM   67   C C   . SER A 1 9   ? -2.310  -6.950  -1.712  1.00 32.04  ? 9   SER A C   1 
ATOM   68   O O   . SER A 1 9   ? -3.133  -6.325  -2.377  1.00 30.92  ? 9   SER A O   1 
ATOM   69   C CB  . SER A 1 9   ? -2.790  -9.254  -0.844  1.00 35.49  ? 9   SER A CB  1 
ATOM   70   O OG  . SER A 1 9   ? -3.709  -9.423  -1.927  1.00 34.36  ? 9   SER A OG  1 
ATOM   71   N N   . VAL A 1 10  ? -1.025  -6.921  -2.009  1.00 29.56  ? 10  VAL A N   1 
ATOM   72   C CA  . VAL A 1 10  ? -0.525  -6.443  -3.253  1.00 31.60  ? 10  VAL A CA  1 
ATOM   73   C C   . VAL A 1 10  ? -0.579  -7.620  -4.244  1.00 33.84  ? 10  VAL A C   1 
ATOM   74   O O   . VAL A 1 10  ? 0.086   -8.642  -4.092  1.00 34.78  ? 10  VAL A O   1 
ATOM   75   C CB  . VAL A 1 10  ? 0.903   -5.896  -3.155  1.00 33.73  ? 10  VAL A CB  1 
ATOM   76   C CG1 . VAL A 1 10  ? 1.384   -5.571  -4.502  1.00 35.65  ? 10  VAL A CG1 1 
ATOM   77   C CG2 . VAL A 1 10  ? 0.949   -4.630  -2.321  1.00 36.26  ? 10  VAL A CG2 1 
ATOM   78   N N   . PHE A 1 11  ? -1.534  -7.511  -5.152  1.00 30.08  ? 11  PHE A N   1 
ATOM   79   C CA  . PHE A 1 11  ? -1.958  -8.602  -6.073  1.00 30.96  ? 11  PHE A CA  1 
ATOM   80   C C   . PHE A 1 11  ? -0.957  -8.765  -7.207  1.00 30.04  ? 11  PHE A C   1 
ATOM   81   O O   . PHE A 1 11  ? -0.519  -9.874  -7.548  1.00 34.02  ? 11  PHE A O   1 
ATOM   82   C CB  . PHE A 1 11  ? -3.382  -8.205  -6.519  1.00 30.20  ? 11  PHE A CB  1 
ATOM   83   C CG  . PHE A 1 11  ? -4.037  -9.137  -7.485  1.00 29.14  ? 11  PHE A CG  1 
ATOM   84   C CD1 . PHE A 1 11  ? -4.476  -10.375 -7.034  1.00 33.83  ? 11  PHE A CD1 1 
ATOM   85   C CD2 . PHE A 1 11  ? -4.229  -8.778  -8.795  1.00 30.97  ? 11  PHE A CD2 1 
ATOM   86   C CE1 . PHE A 1 11  ? -5.159  -11.237 -7.919  1.00 34.17  ? 11  PHE A CE1 1 
ATOM   87   C CE2 . PHE A 1 11  ? -4.776  -9.702  -9.694  1.00 29.55  ? 11  PHE A CE2 1 
ATOM   88   C CZ  . PHE A 1 11  ? -5.301  -10.847 -9.223  1.00 29.92  ? 11  PHE A CZ  1 
ATOM   89   N N   . THR A 1 12  ? -0.491  -7.679  -7.794  1.00 30.16  ? 12  THR A N   1 
ATOM   90   C CA  . THR A 1 12  ? 0.483   -7.674  -8.859  1.00 30.76  ? 12  THR A CA  1 
ATOM   91   C C   . THR A 1 12  ? 0.957   -6.264  -9.075  1.00 30.67  ? 12  THR A C   1 
ATOM   92   O O   . THR A 1 12  ? 0.655   -5.380  -8.267  1.00 29.87  ? 12  THR A O   1 
ATOM   93   C CB  . THR A 1 12  ? -0.127  -8.361  -10.125 1.00 30.77  ? 12  THR A CB  1 
ATOM   94   O OG1 . THR A 1 12  ? 0.933   -8.500  -11.079 1.00 31.13  ? 12  THR A OG1 1 
ATOM   95   C CG2 . THR A 1 12  ? -1.149  -7.485  -10.827 1.00 32.71  ? 12  THR A CG2 1 
ATOM   96   N N   . TYR A 1 13  ? 1.691   -6.005  -10.130 1.00 30.17  ? 13  TYR A N   1 
ATOM   97   C CA  . TYR A 1 13  ? 2.140   -4.684  -10.499 1.00 32.69  ? 13  TYR A CA  1 
ATOM   98   C C   . TYR A 1 13  ? 2.410   -4.630  -11.976 1.00 39.14  ? 13  TYR A C   1 
ATOM   99   O O   . TYR A 1 13  ? 2.559   -5.679  -12.596 1.00 36.13  ? 13  TYR A O   1 
ATOM   100  C CB  . TYR A 1 13  ? 3.388   -4.277  -9.719  1.00 33.05  ? 13  TYR A CB  1 
ATOM   101  C CG  . TYR A 1 13  ? 4.561   -5.153  -9.948  1.00 33.50  ? 13  TYR A CG  1 
ATOM   102  C CD1 . TYR A 1 13  ? 5.376   -4.934  -11.037 1.00 45.79  ? 13  TYR A CD1 1 
ATOM   103  C CD2 . TYR A 1 13  ? 4.852   -6.197  -9.112  1.00 37.18  ? 13  TYR A CD2 1 
ATOM   104  C CE1 . TYR A 1 13  ? 6.424   -5.778  -11.305 1.00 45.24  ? 13  TYR A CE1 1 
ATOM   105  C CE2 . TYR A 1 13  ? 5.918   -7.037  -9.371  1.00 40.55  ? 13  TYR A CE2 1 
ATOM   106  C CZ  . TYR A 1 13  ? 6.715   -6.774  -10.452 1.00 40.51  ? 13  TYR A CZ  1 
ATOM   107  O OH  . TYR A 1 13  ? 7.808   -7.543  -10.766 1.00 55.68  ? 13  TYR A OH  1 
ATOM   108  N N   . HIS A 1 14  ? 2.457   -3.437  -12.540 1.00 41.79  ? 14  HIS A N   1 
ATOM   109  C CA  . HIS A 1 14  ? 2.959   -3.284  -13.906 1.00 48.42  ? 14  HIS A CA  1 
ATOM   110  C C   . HIS A 1 14  ? 3.548   -1.908  -14.173 1.00 53.23  ? 14  HIS A C   1 
ATOM   111  O O   . HIS A 1 14  ? 3.292   -0.989  -13.391 1.00 49.66  ? 14  HIS A O   1 
ATOM   112  C CB  . HIS A 1 14  ? 1.836   -3.583  -14.901 1.00 50.29  ? 14  HIS A CB  1 
ATOM   113  C CG  . HIS A 1 14  ? 0.767   -2.543  -14.941 1.00 52.25  ? 14  HIS A CG  1 
ATOM   114  N ND1 . HIS A 1 14  ? -0.128  -2.358  -13.913 1.00 61.02  ? 14  HIS A ND1 1 
ATOM   115  C CD2 . HIS A 1 14  ? 0.449   -1.627  -15.890 1.00 59.85  ? 14  HIS A CD2 1 
ATOM   116  C CE1 . HIS A 1 14  ? -0.940  -1.359  -14.215 1.00 61.43  ? 14  HIS A CE1 1 
ATOM   117  N NE2 . HIS A 1 14  ? -0.600  -0.886  -15.401 1.00 60.85  ? 14  HIS A NE2 1 
ATOM   118  N N   . LYS A 1 15  ? 4.447   -1.834  -15.162 1.00 58.76  ? 15  LYS A N   1 
ATOM   119  C CA  . LYS A 1 15  ? 4.608   -0.729  -16.127 1.00 65.93  ? 15  LYS A CA  1 
ATOM   120  C C   . LYS A 1 15  ? 6.081   -0.384  -16.402 1.00 70.58  ? 15  LYS A C   1 
ATOM   121  O O   . LYS A 1 15  ? 6.983   -1.173  -16.107 1.00 71.48  ? 15  LYS A O   1 
ATOM   122  C CB  . LYS A 1 15  ? 3.863   0.560   -15.750 1.00 66.54  ? 15  LYS A CB  1 
ATOM   123  C CG  . LYS A 1 15  ? 2.715   0.914   -16.689 1.00 69.95  ? 15  LYS A CG  1 
ATOM   124  C CD  . LYS A 1 15  ? 2.905   2.247   -17.437 1.00 73.26  ? 15  LYS A CD  1 
ATOM   125  C CE  . LYS A 1 15  ? 3.183   3.432   -16.517 1.00 74.07  ? 15  LYS A CE  1 
ATOM   126  N NZ  . LYS A 1 15  ? 4.501   4.049   -16.859 1.00 73.84  ? 15  LYS A NZ  1 
ATOM   127  N N   . LYS A 1 16  ? 6.299   0.780   -17.018 1.00 76.47  ? 16  LYS A N   1 
ATOM   128  C CA  . LYS A 1 16  ? 7.582   1.489   -17.017 1.00 80.42  ? 16  LYS A CA  1 
ATOM   129  C C   . LYS A 1 16  ? 8.654   0.723   -17.798 1.00 84.33  ? 16  LYS A C   1 
ATOM   130  O O   . LYS A 1 16  ? 9.231   -0.240  -17.274 1.00 84.85  ? 16  LYS A O   1 
ATOM   131  C CB  . LYS A 1 16  ? 8.044   1.774   -15.583 1.00 80.56  ? 16  LYS A CB  1 
ATOM   132  N N   . TYR A 1 17  ? 8.889   1.133   -19.049 1.00 88.72  ? 17  TYR A N   1 
ATOM   133  C CA  . TYR A 1 17  ? 9.934   0.534   -19.895 1.00 91.73  ? 17  TYR A CA  1 
ATOM   134  C C   . TYR A 1 17  ? 10.713  1.537   -20.752 1.00 93.50  ? 17  TYR A C   1 
ATOM   135  O O   . TYR A 1 17  ? 10.241  2.643   -21.045 1.00 94.56  ? 17  TYR A O   1 
ATOM   136  C CB  . TYR A 1 17  ? 9.350   -0.562  -20.797 1.00 92.36  ? 17  TYR A CB  1 
ATOM   137  C CG  . TYR A 1 17  ? 8.999   -1.823  -20.039 1.00 95.55  ? 17  TYR A CG  1 
ATOM   138  C CD1 . TYR A 1 17  ? 9.956   -2.478  -19.266 1.00 98.78  ? 17  TYR A CD1 1 
ATOM   139  C CD2 . TYR A 1 17  ? 7.699   -2.329  -20.047 1.00 97.90  ? 17  TYR A CD2 1 
ATOM   140  C CE1 . TYR A 1 17  ? 9.638   -3.618  -18.545 1.00 100.34 ? 17  TYR A CE1 1 
ATOM   141  C CE2 . TYR A 1 17  ? 7.369   -3.466  -19.324 1.00 99.69  ? 17  TYR A CE2 1 
ATOM   142  C CZ  . TYR A 1 17  ? 8.345   -4.107  -18.583 1.00 100.79 ? 17  TYR A CZ  1 
ATOM   143  O OH  . TYR A 1 17  ? 8.034   -5.244  -17.877 1.00 101.94 ? 17  TYR A OH  1 
ATOM   144  N N   . ASN A 1 18  ? 11.895  1.107   -21.190 1.00 94.82  ? 18  ASN A N   1 
ATOM   145  C CA  . ASN A 1 18  ? 13.079  1.963   -21.271 1.00 95.59  ? 18  ASN A CA  1 
ATOM   146  C C   . ASN A 1 18  ? 13.199  2.933   -20.091 1.00 95.45  ? 18  ASN A C   1 
ATOM   147  O O   . ASN A 1 18  ? 12.994  4.140   -20.244 1.00 95.87  ? 18  ASN A O   1 
ATOM   148  C CB  . ASN A 1 18  ? 13.138  2.686   -22.624 1.00 96.06  ? 18  ASN A CB  1 
ATOM   149  C CG  . ASN A 1 18  ? 13.792  1.838   -23.710 1.00 97.39  ? 18  ASN A CG  1 
ATOM   150  O OD1 . ASN A 1 18  ? 15.004  1.600   -23.689 1.00 98.40  ? 18  ASN A OD1 1 
ATOM   151  N ND2 . ASN A 1 18  ? 12.987  1.366   -24.655 1.00 98.28  ? 18  ASN A ND2 1 
ATOM   152  N N   . PRO A 1 19  ? 13.538  2.385   -18.924 1.00 95.02  ? 19  PRO A N   1 
ATOM   153  C CA  . PRO A 1 19  ? 13.551  3.096   -17.641 1.00 94.53  ? 19  PRO A CA  1 
ATOM   154  C C   . PRO A 1 19  ? 13.514  4.628   -17.633 1.00 93.43  ? 19  PRO A C   1 
ATOM   155  O O   . PRO A 1 19  ? 14.467  5.300   -18.038 1.00 93.95  ? 19  PRO A O   1 
ATOM   156  C CB  . PRO A 1 19  ? 14.834  2.562   -16.997 1.00 94.85  ? 19  PRO A CB  1 
ATOM   157  C CG  . PRO A 1 19  ? 14.938  1.129   -17.537 1.00 95.33  ? 19  PRO A CG  1 
ATOM   158  C CD  . PRO A 1 19  ? 13.974  0.993   -18.712 1.00 95.30  ? 19  PRO A CD  1 
ATOM   159  N N   . ASP A 1 20  ? 12.401  5.134   -17.102 1.00 91.41  ? 20  ASP A N   1 
ATOM   160  C CA  . ASP A 1 20  ? 12.016  6.545   -17.119 1.00 89.71  ? 20  ASP A CA  1 
ATOM   161  C C   . ASP A 1 20  ? 10.697  6.675   -16.348 1.00 87.42  ? 20  ASP A C   1 
ATOM   162  O O   . ASP A 1 20  ? 10.594  7.470   -15.411 1.00 88.23  ? 20  ASP A O   1 
ATOM   163  C CB  . ASP A 1 20  ? 11.928  7.093   -18.557 1.00 90.01  ? 20  ASP A CB  1 
ATOM   164  C CG  . ASP A 1 20  ? 10.559  7.669   -18.915 1.00 91.42  ? 20  ASP A CG  1 
ATOM   165  O OD1 . ASP A 1 20  ? 10.168  7.578   -20.100 1.00 92.91  ? 20  ASP A OD1 1 
ATOM   166  O OD2 . ASP A 1 20  ? 9.808   8.255   -18.111 1.00 92.77  ? 20  ASP A OD2 1 
ATOM   167  N N   . LYS A 1 21  ? 9.710   5.852   -16.699 1.00 84.25  ? 21  LYS A N   1 
ATOM   168  C CA  . LYS A 1 21  ? 8.378   5.909   -16.089 1.00 81.31  ? 21  LYS A CA  1 
ATOM   169  C C   . LYS A 1 21  ? 8.360   5.174   -14.738 1.00 77.47  ? 21  LYS A C   1 
ATOM   170  O O   . LYS A 1 21  ? 9.415   4.978   -14.117 1.00 77.76  ? 21  LYS A O   1 
ATOM   171  C CB  . LYS A 1 21  ? 7.330   5.340   -17.062 1.00 81.60  ? 21  LYS A CB  1 
ATOM   172  C CG  . LYS A 1 21  ? 6.590   6.384   -17.898 1.00 82.92  ? 21  LYS A CG  1 
ATOM   173  C CD  . LYS A 1 21  ? 5.718   7.319   -17.054 1.00 83.92  ? 21  LYS A CD  1 
ATOM   174  C CE  . LYS A 1 21  ? 5.914   8.791   -17.422 1.00 85.49  ? 21  LYS A CE  1 
ATOM   175  N NZ  . LYS A 1 21  ? 5.895   9.707   -16.240 1.00 85.17  ? 21  LYS A NZ  1 
ATOM   176  N N   . HIS A 1 22  ? 7.172   4.758   -14.293 1.00 71.83  ? 22  HIS A N   1 
ATOM   177  C CA  . HIS A 1 22  ? 6.943   4.296   -12.919 1.00 67.33  ? 22  HIS A CA  1 
ATOM   178  C C   . HIS A 1 22  ? 5.994   3.080   -12.843 1.00 61.86  ? 22  HIS A C   1 
ATOM   179  O O   . HIS A 1 22  ? 5.174   2.819   -13.732 1.00 61.48  ? 22  HIS A O   1 
ATOM   180  C CB  . HIS A 1 22  ? 6.331   5.438   -12.115 1.00 67.34  ? 22  HIS A CB  1 
ATOM   181  C CG  . HIS A 1 22  ? 4.952   5.795   -12.573 1.00 70.30  ? 22  HIS A CG  1 
ATOM   182  N ND1 . HIS A 1 22  ? 4.680   6.176   -13.871 1.00 72.62  ? 22  HIS A ND1 1 
ATOM   183  C CD2 . HIS A 1 22  ? 3.757   5.751   -11.935 1.00 71.05  ? 22  HIS A CD2 1 
ATOM   184  C CE1 . HIS A 1 22  ? 3.379   6.370   -14.006 1.00 74.19  ? 22  HIS A CE1 1 
ATOM   185  N NE2 . HIS A 1 22  ? 2.799   6.132   -12.843 1.00 72.35  ? 22  HIS A NE2 1 
ATOM   186  N N   . TYR A 1 23  ? 6.097   2.348   -11.745 1.00 55.80  ? 23  TYR A N   1 
ATOM   187  C CA  . TYR A 1 23  ? 5.289   1.145   -11.553 1.00 51.35  ? 23  TYR A CA  1 
ATOM   188  C C   . TYR A 1 23  ? 4.009   1.484   -10.808 1.00 47.67  ? 23  TYR A C   1 
ATOM   189  O O   . TYR A 1 23  ? 4.001   2.381   -9.948  1.00 46.73  ? 23  TYR A O   1 
ATOM   190  C CB  . TYR A 1 23  ? 6.087   0.113   -10.769 1.00 51.28  ? 23  TYR A CB  1 
ATOM   191  C CG  . TYR A 1 23  ? 7.052   -0.578  -11.702 1.00 56.29  ? 23  TYR A CG  1 
ATOM   192  C CD1 . TYR A 1 23  ? 8.322   -0.050  -11.928 1.00 61.25  ? 23  TYR A CD1 1 
ATOM   193  C CD2 . TYR A 1 23  ? 6.628   -1.650  -12.477 1.00 56.73  ? 23  TYR A CD2 1 
ATOM   194  C CE1 . TYR A 1 23  ? 9.181   -0.645  -12.839 1.00 65.49  ? 23  TYR A CE1 1 
ATOM   195  C CE2 . TYR A 1 23  ? 7.473   -2.249  -13.384 1.00 64.03  ? 23  TYR A CE2 1 
ATOM   196  C CZ  . TYR A 1 23  ? 8.746   -1.744  -13.561 1.00 65.99  ? 23  TYR A CZ  1 
ATOM   197  O OH  . TYR A 1 23  ? 9.583   -2.349  -14.477 1.00 75.06  ? 23  TYR A OH  1 
ATOM   198  N N   . ILE A 1 24  ? 2.963   0.711   -11.091 1.00 40.92  ? 24  ILE A N   1 
ATOM   199  C CA  . ILE A 1 24  ? 1.758   0.802   -10.292 1.00 40.14  ? 24  ILE A CA  1 
ATOM   200  C C   . ILE A 1 24  ? 1.405   -0.552  -9.727  1.00 36.73  ? 24  ILE A C   1 
ATOM   201  O O   . ILE A 1 24  ? 1.629   -1.559  -10.382 1.00 36.04  ? 24  ILE A O   1 
ATOM   202  C CB  . ILE A 1 24  ? 0.639   1.437   -11.087 1.00 40.96  ? 24  ILE A CB  1 
ATOM   203  C CG1 . ILE A 1 24  ? -0.429  2.017   -10.149 1.00 46.42  ? 24  ILE A CG1 1 
ATOM   204  C CG2 . ILE A 1 24  ? 0.028   0.486   -12.016 1.00 45.03  ? 24  ILE A CG2 1 
ATOM   205  C CD1 . ILE A 1 24  ? -1.265  0.984   -9.450  1.00 43.00  ? 24  ILE A CD1 1 
ATOM   206  N N   . TYR A 1 25  ? 1.032   -0.550  -8.452  1.00 32.21  ? 25  TYR A N   1 
ATOM   207  C CA  . TYR A 1 25  ? 0.803   -1.753  -7.666  1.00 32.63  ? 25  TYR A CA  1 
ATOM   208  C C   . TYR A 1 25  ? -0.702  -1.939  -7.588  1.00 32.19  ? 25  TYR A C   1 
ATOM   209  O O   . TYR A 1 25  ? -1.483  -0.966  -7.403  1.00 31.61  ? 25  TYR A O   1 
ATOM   210  C CB  . TYR A 1 25  ? 1.407   -1.682  -6.256  1.00 31.55  ? 25  TYR A CB  1 
ATOM   211  C CG  . TYR A 1 25  ? 2.913   -1.591  -6.363  1.00 33.32  ? 25  TYR A CG  1 
ATOM   212  C CD1 . TYR A 1 25  ? 3.525   -0.375  -6.628  1.00 33.18  ? 25  TYR A CD1 1 
ATOM   213  C CD2 . TYR A 1 25  ? 3.685   -2.739  -6.486  1.00 33.23  ? 25  TYR A CD2 1 
ATOM   214  C CE1 . TYR A 1 25  ? 4.926   -0.286  -6.829  1.00 36.47  ? 25  TYR A CE1 1 
ATOM   215  C CE2 . TYR A 1 25  ? 5.067   -2.663  -6.749  1.00 34.92  ? 25  TYR A CE2 1 
ATOM   216  C CZ  . TYR A 1 25  ? 5.679   -1.439  -6.953  1.00 36.07  ? 25  TYR A CZ  1 
ATOM   217  O OH  . TYR A 1 25  ? 7.040   -1.322  -7.222  1.00 36.04  ? 25  TYR A OH  1 
ATOM   218  N N   . VAL A 1 26  ? -1.110  -3.189  -7.836  1.00 31.01  ? 26  VAL A N   1 
ATOM   219  C CA  . VAL A 1 26  ? -2.520  -3.542  -7.815  1.00 29.02  ? 26  VAL A CA  1 
ATOM   220  C C   . VAL A 1 26  ? -2.794  -4.118  -6.452  1.00 28.39  ? 26  VAL A C   1 
ATOM   221  O O   . VAL A 1 26  ? -2.198  -5.087  -6.009  1.00 30.12  ? 26  VAL A O   1 
ATOM   222  C CB  . VAL A 1 26  ? -2.956  -4.569  -8.930  1.00 29.96  ? 26  VAL A CB  1 
ATOM   223  C CG1 . VAL A 1 26  ? -4.457  -4.718  -8.927  1.00 32.76  ? 26  VAL A CG1 1 
ATOM   224  C CG2 . VAL A 1 26  ? -2.482  -4.177  -10.231 1.00 31.45  ? 26  VAL A CG2 1 
ATOM   225  N N   . VAL A 1 27  ? -3.723  -3.507  -5.738  1.00 27.71  ? 27  VAL A N   1 
ATOM   226  C CA  . VAL A 1 27  ? -4.081  -3.923  -4.411  1.00 27.38  ? 27  VAL A CA  1 
ATOM   227  C C   . VAL A 1 27  ? -5.446  -4.567  -4.385  1.00 27.41  ? 27  VAL A C   1 
ATOM   228  O O   . VAL A 1 27  ? -6.410  -4.002  -4.915  1.00 28.72  ? 27  VAL A O   1 
ATOM   229  C CB  . VAL A 1 27  ? -4.118  -2.662  -3.459  1.00 28.40  ? 27  VAL A CB  1 
ATOM   230  C CG1 . VAL A 1 27  ? -4.482  -3.114  -2.091  1.00 29.64  ? 27  VAL A CG1 1 
ATOM   231  C CG2 . VAL A 1 27  ? -2.823  -1.926  -3.486  1.00 30.75  ? 27  VAL A CG2 1 
ATOM   232  N N   . ARG A 1 28  ? -5.553  -5.776  -3.831  1.00 28.00  ? 28  ARG A N   1 
ATOM   233  C CA  . ARG A 1 28  ? -6.780  -6.535  -3.728  1.00 28.71  ? 28  ARG A CA  1 
ATOM   234  C C   . ARG A 1 28  ? -7.296  -6.353  -2.327  1.00 31.60  ? 28  ARG A C   1 
ATOM   235  O O   . ARG A 1 28  ? -6.568  -6.586  -1.347  1.00 31.21  ? 28  ARG A O   1 
ATOM   236  C CB  . ARG A 1 28  ? -6.482  -8.002  -3.932  1.00 28.36  ? 28  ARG A CB  1 
ATOM   237  C CG  . ARG A 1 28  ? -7.640  -8.926  -3.770  1.00 29.15  ? 28  ARG A CG  1 
ATOM   238  C CD  . ARG A 1 28  ? -7.165  -10.319 -3.974  1.00 33.86  ? 28  ARG A CD  1 
ATOM   239  N NE  . ARG A 1 28  ? -8.257  -11.269 -3.911  1.00 36.45  ? 28  ARG A NE  1 
ATOM   240  C CZ  . ARG A 1 28  ? -8.764  -11.729 -2.774  1.00 40.88  ? 28  ARG A CZ  1 
ATOM   241  N NH1 . ARG A 1 28  ? -8.358  -11.287 -1.595  1.00 41.30  ? 28  ARG A NH1 1 
ATOM   242  N NH2 . ARG A 1 28  ? -9.721  -12.636 -2.806  1.00 42.80  ? 28  ARG A NH2 1 
ATOM   243  N N   . ILE A 1 29  ? -8.579  -6.017  -2.252  1.00 30.91  ? 29  ILE A N   1 
ATOM   244  C CA  . ILE A 1 29  ? -9.284  -5.815  -0.984  1.00 30.40  ? 29  ILE A CA  1 
ATOM   245  C C   . ILE A 1 29  ? -10.515 -6.696  -0.928  1.00 32.11  ? 29  ILE A C   1 
ATOM   246  O O   . ILE A 1 29  ? -11.363 -6.656  -1.838  1.00 34.12  ? 29  ILE A O   1 
ATOM   247  C CB  . ILE A 1 29  ? -9.703  -4.317  -0.838  1.00 28.81  ? 29  ILE A CB  1 
ATOM   248  C CG1 . ILE A 1 29  ? -8.503  -3.365  -1.042  1.00 35.21  ? 29  ILE A CG1 1 
ATOM   249  C CG2 . ILE A 1 29  ? -10.412 -4.069  0.488   1.00 32.72  ? 29  ILE A CG2 1 
ATOM   250  C CD1 . ILE A 1 29  ? -7.409  -3.440  -0.011  1.00 33.00  ? 29  ILE A CD1 1 
ATOM   251  N N   . LEU A 1 30  ? -10.651 -7.437  0.161   1.00 33.20  ? 30  LEU A N   1 
ATOM   252  C CA  . LEU A 1 30  ? -11.897 -8.143  0.424   1.00 38.20  ? 30  LEU A CA  1 
ATOM   253  C C   . LEU A 1 30  ? -12.533 -7.544  1.667   1.00 40.87  ? 30  LEU A C   1 
ATOM   254  O O   . LEU A 1 30  ? -11.874 -7.443  2.689   1.00 40.88  ? 30  LEU A O   1 
ATOM   255  C CB  . LEU A 1 30  ? -11.637 -9.647  0.568   1.00 36.92  ? 30  LEU A CB  1 
ATOM   256  C CG  . LEU A 1 30  ? -12.897 -10.521 0.680   1.00 43.38  ? 30  LEU A CG  1 
ATOM   257  C CD1 . LEU A 1 30  ? -13.659 -10.556 -0.620  1.00 44.63  ? 30  LEU A CD1 1 
ATOM   258  C CD2 . LEU A 1 30  ? -12.529 -11.912 1.077   1.00 46.19  ? 30  LEU A CD2 1 
ATOM   259  N N   . ARG A 1 31  ? -13.802 -7.162  1.553   1.00 45.10  ? 31  ARG A N   1 
ATOM   260  C CA  . ARG A 1 31  ? -14.546 -6.504  2.625   1.00 48.59  ? 31  ARG A CA  1 
ATOM   261  C C   . ARG A 1 31  ? -15.669 -7.410  3.067   1.00 53.44  ? 31  ARG A C   1 
ATOM   262  O O   . ARG A 1 31  ? -16.251 -8.129  2.237   1.00 53.63  ? 31  ARG A O   1 
ATOM   263  C CB  . ARG A 1 31  ? -15.219 -5.234  2.105   1.00 47.76  ? 31  ARG A CB  1 
ATOM   264  C CG  . ARG A 1 31  ? -14.288 -4.076  1.970   1.00 49.22  ? 31  ARG A CG  1 
ATOM   265  C CD  . ARG A 1 31  ? -14.922 -2.914  1.292   1.00 50.07  ? 31  ARG A CD  1 
ATOM   266  N NE  . ARG A 1 31  ? -14.015 -1.782  1.350   1.00 52.19  ? 31  ARG A NE  1 
ATOM   267  C CZ  . ARG A 1 31  ? -13.302 -1.336  0.330   1.00 51.39  ? 31  ARG A CZ  1 
ATOM   268  N NH1 . ARG A 1 31  ? -13.370 -1.892  -0.879  1.00 51.40  ? 31  ARG A NH1 1 
ATOM   269  N NH2 . ARG A 1 31  ? -12.496 -0.316  0.529   1.00 48.89  ? 31  ARG A NH2 1 
ATOM   270  N N   . GLU A 1 32  ? -16.040 -7.291  4.339   1.00 58.82  ? 32  GLU A N   1 
ATOM   271  C CA  . GLU A 1 32  ? -17.117 -8.102  4.915   1.00 63.02  ? 32  GLU A CA  1 
ATOM   272  C C   . GLU A 1 32  ? -18.423 -8.067  4.125   1.00 64.91  ? 32  GLU A C   1 
ATOM   273  O O   . GLU A 1 32  ? -19.117 -9.086  4.031   1.00 68.49  ? 32  GLU A O   1 
ATOM   274  C CB  . GLU A 1 32  ? -17.351 -7.701  6.368   1.00 64.50  ? 32  GLU A CB  1 
ATOM   275  C CG  . GLU A 1 32  ? -16.586 -8.565  7.359   1.00 67.86  ? 32  GLU A CG  1 
ATOM   276  C CD  . GLU A 1 32  ? -16.129 -7.793  8.588   1.00 72.87  ? 32  GLU A CD  1 
ATOM   277  O OE1 . GLU A 1 32  ? -16.918 -6.949  9.094   1.00 72.99  ? 32  GLU A OE1 1 
ATOM   278  O OE2 . GLU A 1 32  ? -14.979 -8.045  9.034   1.00 74.59  ? 32  GLU A OE2 1 
ATOM   279  N N   . GLY A 1 33  ? -18.756 -6.943  3.503   1.00 66.69  ? 33  GLY A N   1 
ATOM   280  C CA  . GLY A 1 33  ? -20.045 -6.844  2.830   1.00 68.49  ? 33  GLY A CA  1 
ATOM   281  C C   . GLY A 1 33  ? -20.107 -7.378  1.409   1.00 69.90  ? 33  GLY A C   1 
ATOM   282  O O   . GLY A 1 33  ? -21.186 -7.430  0.806   1.00 70.40  ? 33  GLY A O   1 
ATOM   283  N N   . GLN A 1 34  ? -18.951 -7.724  0.848   1.00 69.82  ? 34  GLN A N   1 
ATOM   284  C CA  . GLN A 1 34  ? -18.883 -8.210  -0.520  1.00 69.74  ? 34  GLN A CA  1 
ATOM   285  C C   . GLN A 1 34  ? -18.467 -9.683  -0.589  1.00 66.83  ? 34  GLN A C   1 
ATOM   286  O O   . GLN A 1 34  ? -17.823 -10.227 0.316   1.00 68.65  ? 34  GLN A O   1 
ATOM   287  C CB  . GLN A 1 34  ? -17.943 -7.336  -1.362  1.00 70.80  ? 34  GLN A CB  1 
ATOM   288  C CG  . GLN A 1 34  ? -18.171 -7.493  -2.871  1.00 73.82  ? 34  GLN A CG  1 
ATOM   289  C CD  . GLN A 1 34  ? -17.878 -6.240  -3.692  1.00 77.33  ? 34  GLN A CD  1 
ATOM   290  O OE1 . GLN A 1 34  ? -18.679 -5.301  -3.691  1.00 81.26  ? 34  GLN A OE1 1 
ATOM   291  N NE2 . GLN A 1 34  ? -16.766 -6.246  -4.433  1.00 75.72  ? 34  GLN A NE2 1 
ATOM   292  N N   . ILE A 1 35  ? -18.861 -10.327 -1.684  1.00 62.54  ? 35  ILE A N   1 
ATOM   293  C CA  . ILE A 1 35  ? -18.364 -11.653 -2.020  1.00 57.96  ? 35  ILE A CA  1 
ATOM   294  C C   . ILE A 1 35  ? -17.054 -11.564 -2.825  1.00 53.27  ? 35  ILE A C   1 
ATOM   295  O O   . ILE A 1 35  ? -16.139 -12.354 -2.588  1.00 50.75  ? 35  ILE A O   1 
ATOM   296  C CB  . ILE A 1 35  ? -19.435 -12.436 -2.822  1.00 58.56  ? 35  ILE A CB  1 
ATOM   297  C CG1 . ILE A 1 35  ? -20.760 -12.513 -2.052  1.00 60.83  ? 35  ILE A CG1 1 
ATOM   298  C CG2 . ILE A 1 35  ? -18.930 -13.843 -3.115  1.00 60.91  ? 35  ILE A CG2 1 
ATOM   299  C CD1 . ILE A 1 35  ? -20.733 -13.178 -0.648  1.00 58.00  ? 35  ILE A CD1 1 
ATOM   300  N N   . GLU A 1 36  ? -16.999 -10.683 -3.827  1.00 46.24  ? 36  GLU A N   1 
ATOM   301  C CA  . GLU A 1 36  ? -15.843 -10.622 -4.711  1.00 45.54  ? 36  GLU A CA  1 
ATOM   302  C C   . GLU A 1 36  ? -14.978 -9.504  -4.122  1.00 41.40  ? 36  GLU A C   1 
ATOM   303  O O   . GLU A 1 36  ? -15.510 -8.538  -3.567  1.00 39.74  ? 36  GLU A O   1 
ATOM   304  C CB  . GLU A 1 36  ? -16.197 -10.217 -6.161  1.00 46.86  ? 36  GLU A CB  1 
ATOM   305  C CG  . GLU A 1 36  ? -16.891 -11.253 -7.044  1.00 50.15  ? 36  GLU A CG  1 
ATOM   306  C CD  . GLU A 1 36  ? -16.428 -12.684 -6.894  1.00 55.78  ? 36  GLU A CD  1 
ATOM   307  O OE1 . GLU A 1 36  ? -15.208 -12.980 -6.801  1.00 53.76  ? 36  GLU A OE1 1 
ATOM   308  O OE2 . GLU A 1 36  ? -17.314 -13.562 -6.974  1.00 59.99  ? 36  GLU A OE2 1 
ATOM   309  N N   . PRO A 1 37  ? -13.669 -9.641  -4.255  1.00 38.48  ? 37  PRO A N   1 
ATOM   310  C CA  . PRO A 1 37  ? -12.771 -8.539  -3.893  1.00 36.93  ? 37  PRO A CA  1 
ATOM   311  C C   . PRO A 1 37  ? -12.935 -7.325  -4.802  1.00 37.10  ? 37  PRO A C   1 
ATOM   312  O O   . PRO A 1 37  ? -13.422 -7.469  -5.926  1.00 38.62  ? 37  PRO A O   1 
ATOM   313  C CB  . PRO A 1 37  ? -11.397 -9.164  -4.045  1.00 33.84  ? 37  PRO A CB  1 
ATOM   314  C CG  . PRO A 1 37  ? -11.564 -10.284 -5.002  1.00 40.61  ? 37  PRO A CG  1 
ATOM   315  C CD  . PRO A 1 37  ? -12.929 -10.823 -4.709  1.00 40.82  ? 37  PRO A CD  1 
ATOM   316  N N   . SER A 1 38  ? -12.459 -6.169  -4.348  1.00 35.19  ? 38  SER A N   1 
ATOM   317  C CA  . SER A 1 38  ? -12.194 -5.002  -5.162  1.00 35.18  ? 38  SER A CA  1 
ATOM   318  C C   . SER A 1 38  ? -10.710 -4.800  -5.390  1.00 33.69  ? 38  SER A C   1 
ATOM   319  O O   . SER A 1 38  ? -9.885  -5.367  -4.696  1.00 32.65  ? 38  SER A O   1 
ATOM   320  C CB  . SER A 1 38  ? -12.710 -3.743  -4.446  1.00 39.66  ? 38  SER A CB  1 
ATOM   321  O OG  . SER A 1 38  ? -14.125 -3.785  -4.368  1.00 45.86  ? 38  SER A OG  1 
ATOM   322  N N   . PHE A 1 39  ? -10.394 -4.055  -6.435  1.00 31.44  ? 39  PHE A N   1 
ATOM   323  C CA  . PHE A 1 39  ? -9.038  -3.767  -6.801  1.00 30.48  ? 39  PHE A CA  1 
ATOM   324  C C   . PHE A 1 39  ? -8.836  -2.267  -6.946  1.00 33.99  ? 39  PHE A C   1 
ATOM   325  O O   . PHE A 1 39  ? -9.642  -1.547  -7.577  1.00 34.24  ? 39  PHE A O   1 
ATOM   326  C CB  . PHE A 1 39  ? -8.627  -4.533  -8.058  1.00 31.57  ? 39  PHE A CB  1 
ATOM   327  C CG  . PHE A 1 39  ? -8.764  -5.950  -7.902  1.00 28.64  ? 39  PHE A CG  1 
ATOM   328  C CD1 . PHE A 1 39  ? -9.973  -6.604  -8.112  1.00 29.36  ? 39  PHE A CD1 1 
ATOM   329  C CD2 . PHE A 1 39  ? -7.661  -6.698  -7.533  1.00 31.29  ? 39  PHE A CD2 1 
ATOM   330  C CE1 . PHE A 1 39  ? -10.076 -7.975  -7.871  1.00 30.87  ? 39  PHE A CE1 1 
ATOM   331  C CE2 . PHE A 1 39  ? -7.750  -8.019  -7.333  1.00 28.72  ? 39  PHE A CE2 1 
ATOM   332  C CZ  . PHE A 1 39  ? -8.964  -8.686  -7.472  1.00 29.86  ? 39  PHE A CZ  1 
ATOM   333  N N   . VAL A 1 40  ? -7.761  -1.781  -6.322  1.00 30.34  ? 40  VAL A N   1 
ATOM   334  C CA  . VAL A 1 40  ? -7.281  -0.441  -6.571  1.00 30.06  ? 40  VAL A CA  1 
ATOM   335  C C   . VAL A 1 40  ? -5.848  -0.397  -6.993  1.00 30.39  ? 40  VAL A C   1 
ATOM   336  O O   . VAL A 1 40  ? -5.111  -1.393  -6.865  1.00 30.33  ? 40  VAL A O   1 
ATOM   337  C CB  . VAL A 1 40  ? -7.491  0.473   -5.330  1.00 32.39  ? 40  VAL A CB  1 
ATOM   338  C CG1 . VAL A 1 40  ? -8.949  0.512   -4.938  1.00 32.83  ? 40  VAL A CG1 1 
ATOM   339  C CG2 . VAL A 1 40  ? -6.599  0.046   -4.129  1.00 33.65  ? 40  VAL A CG2 1 
ATOM   340  N N   . PHE A 1 41  ? -5.475  0.737   -7.563  1.00 28.52  ? 41  PHE A N   1 
ATOM   341  C CA  . PHE A 1 41  ? -4.210  0.909   -8.214  1.00 28.76  ? 41  PHE A CA  1 
ATOM   342  C C   . PHE A 1 41  ? -3.378  2.022   -7.573  1.00 31.76  ? 41  PHE A C   1 
ATOM   343  O O   . PHE A 1 41  ? -3.849  3.161   -7.565  1.00 31.17  ? 41  PHE A O   1 
ATOM   344  C CB  . PHE A 1 41  ? -4.445  1.202   -9.704  1.00 31.27  ? 41  PHE A CB  1 
ATOM   345  C CG  . PHE A 1 41  ? -5.200  0.088   -10.398 1.00 32.68  ? 41  PHE A CG  1 
ATOM   346  C CD1 . PHE A 1 41  ? -6.588  0.013   -10.334 1.00 36.95  ? 41  PHE A CD1 1 
ATOM   347  C CD2 . PHE A 1 41  ? -4.522  -0.940  -10.993 1.00 37.34  ? 41  PHE A CD2 1 
ATOM   348  C CE1 . PHE A 1 41  ? -7.295  -1.064  -10.839 1.00 39.07  ? 41  PHE A CE1 1 
ATOM   349  C CE2 . PHE A 1 41  ? -5.234  -2.023  -11.562 1.00 37.99  ? 41  PHE A CE2 1 
ATOM   350  C CZ  . PHE A 1 41  ? -6.607  -2.098  -11.434 1.00 40.81  ? 41  PHE A CZ  1 
ATOM   351  N N   . ARG A 1 42  ? -2.195  1.729   -7.036  1.00 30.41  ? 42  ARG A N   1 
ATOM   352  C CA  . ARG A 1 42  ? -1.464  2.707   -6.189  1.00 30.79  ? 42  ARG A CA  1 
ATOM   353  C C   . ARG A 1 42  ? 0.018   2.644   -6.505  1.00 33.60  ? 42  ARG A C   1 
ATOM   354  O O   . ARG A 1 42  ? 0.601   1.543   -6.589  1.00 33.14  ? 42  ARG A O   1 
ATOM   355  C CB  . ARG A 1 42  ? -1.662  2.398   -4.720  1.00 30.33  ? 42  ARG A CB  1 
ATOM   356  C CG  . ARG A 1 42  ? -3.114  2.478   -4.273  1.00 31.19  ? 42  ARG A CG  1 
ATOM   357  C CD  . ARG A 1 42  ? -3.611  3.936   -4.215  1.00 29.05  ? 42  ARG A CD  1 
ATOM   358  N NE  . ARG A 1 42  ? -4.971  3.915   -3.715  1.00 28.99  ? 42  ARG A NE  1 
ATOM   359  C CZ  . ARG A 1 42  ? -6.094  3.912   -4.483  1.00 31.01  ? 42  ARG A CZ  1 
ATOM   360  N NH1 . ARG A 1 42  ? -6.045  3.940   -5.792  1.00 34.86  ? 42  ARG A NH1 1 
ATOM   361  N NH2 . ARG A 1 42  ? -7.288  3.886   -3.913  1.00 33.57  ? 42  ARG A NH2 1 
ATOM   362  N N   . THR A 1 43  ? 0.654   3.789   -6.714  1.00 32.92  ? 43  THR A N   1 
ATOM   363  C CA  . THR A 1 43  ? 2.102   3.828   -6.827  1.00 32.32  ? 43  THR A CA  1 
ATOM   364  C C   . THR A 1 43  ? 2.842   3.701   -5.510  1.00 34.85  ? 43  THR A C   1 
ATOM   365  O O   . THR A 1 43  ? 2.284   3.863   -4.417  1.00 32.70  ? 43  THR A O   1 
ATOM   366  C CB  . THR A 1 43  ? 2.558   5.122   -7.489  1.00 35.34  ? 43  THR A CB  1 
ATOM   367  O OG1 . THR A 1 43  ? 2.136   6.222   -6.659  1.00 34.38  ? 43  THR A OG1 1 
ATOM   368  C CG2 . THR A 1 43  ? 1.928   5.318   -8.825  1.00 38.26  ? 43  THR A CG2 1 
ATOM   369  N N   . PHE A 1 44  ? 4.147   3.477   -5.607  1.00 33.50  ? 44  PHE A N   1 
ATOM   370  C CA  . PHE A 1 44  ? 4.967   3.431   -4.422  1.00 35.36  ? 44  PHE A CA  1 
ATOM   371  C C   . PHE A 1 44  ? 4.812   4.773   -3.681  1.00 32.27  ? 44  PHE A C   1 
ATOM   372  O O   . PHE A 1 44  ? 4.731   4.819   -2.462  1.00 31.80  ? 44  PHE A O   1 
ATOM   373  C CB  . PHE A 1 44  ? 6.441   3.210   -4.759  1.00 35.81  ? 44  PHE A CB  1 
ATOM   374  C CG  . PHE A 1 44  ? 7.321   3.211   -3.535  1.00 39.99  ? 44  PHE A CG  1 
ATOM   375  C CD1 . PHE A 1 44  ? 7.346   2.148   -2.661  1.00 38.21  ? 44  PHE A CD1 1 
ATOM   376  C CD2 . PHE A 1 44  ? 8.039   4.340   -3.202  1.00 44.32  ? 44  PHE A CD2 1 
ATOM   377  C CE1 . PHE A 1 44  ? 8.164   2.139   -1.545  1.00 41.20  ? 44  PHE A CE1 1 
ATOM   378  C CE2 . PHE A 1 44  ? 8.824   4.357   -2.066  1.00 44.40  ? 44  PHE A CE2 1 
ATOM   379  C CZ  . PHE A 1 44  ? 8.869   3.270   -1.236  1.00 44.40  ? 44  PHE A CZ  1 
ATOM   380  N N   . ASP A 1 45  ? 4.792   5.845   -4.418  1.00 33.15  ? 45  ASP A N   1 
ATOM   381  C CA  . ASP A 1 45  ? 4.778   7.176   -3.783  1.00 34.05  ? 45  ASP A CA  1 
ATOM   382  C C   . ASP A 1 45  ? 3.484   7.379   -3.033  1.00 33.00  ? 45  ASP A C   1 
ATOM   383  O O   . ASP A 1 45  ? 3.452   8.041   -1.981  1.00 32.78  ? 45  ASP A O   1 
ATOM   384  C CB  . ASP A 1 45  ? 4.947   8.258   -4.835  1.00 35.25  ? 45  ASP A CB  1 
ATOM   385  C CG  . ASP A 1 45  ? 6.370   8.421   -5.293  1.00 41.81  ? 45  ASP A CG  1 
ATOM   386  O OD1 . ASP A 1 45  ? 7.328   7.897   -4.676  1.00 48.84  ? 45  ASP A OD1 1 
ATOM   387  O OD2 . ASP A 1 45  ? 6.605   9.096   -6.308  1.00 51.40  ? 45  ASP A OD2 1 
ATOM   388  N N   . GLU A 1 46  ? 2.407   6.807   -3.544  1.00 31.77  ? 46  GLU A N   1 
ATOM   389  C CA  . GLU A 1 46  ? 1.154   6.870   -2.823  1.00 31.30  ? 46  GLU A CA  1 
ATOM   390  C C   . GLU A 1 46  ? 1.164   6.098   -1.526  1.00 29.81  ? 46  GLU A C   1 
ATOM   391  O O   . GLU A 1 46  ? 0.494   6.478   -0.555  1.00 28.23  ? 46  GLU A O   1 
ATOM   392  C CB  . GLU A 1 46  ? -0.032  6.376   -3.670  1.00 31.46  ? 46  GLU A CB  1 
ATOM   393  C CG  . GLU A 1 46  ? -0.528  7.394   -4.671  1.00 35.37  ? 46  GLU A CG  1 
ATOM   394  C CD  . GLU A 1 46  ? -1.508  6.873   -5.721  1.00 41.75  ? 46  GLU A CD  1 
ATOM   395  O OE1 . GLU A 1 46  ? -2.522  7.568   -5.887  1.00 48.62  ? 46  GLU A OE1 1 
ATOM   396  O OE2 . GLU A 1 46  ? -1.290  5.851   -6.429  1.00 36.18  ? 46  GLU A OE2 1 
ATOM   397  N N   . PHE A 1 47  ? 1.832   4.938   -1.516  1.00 28.79  ? 47  PHE A N   1 
ATOM   398  C CA  . PHE A 1 47  ? 2.038   4.209   -0.290  1.00 27.97  ? 47  PHE A CA  1 
ATOM   399  C C   . PHE A 1 47  ? 2.906   5.064   0.693   1.00 26.77  ? 47  PHE A C   1 
ATOM   400  O O   . PHE A 1 47  ? 2.575   5.136   1.853   1.00 27.80  ? 47  PHE A O   1 
ATOM   401  C CB  . PHE A 1 47  ? 2.749   2.870   -0.505  1.00 28.39  ? 47  PHE A CB  1 
ATOM   402  C CG  . PHE A 1 47  ? 1.859   1.758   -1.040  1.00 28.63  ? 47  PHE A CG  1 
ATOM   403  C CD1 . PHE A 1 47  ? 1.662   1.667   -2.409  1.00 33.85  ? 47  PHE A CD1 1 
ATOM   404  C CD2 . PHE A 1 47  ? 1.333   0.808   -0.207  1.00 30.96  ? 47  PHE A CD2 1 
ATOM   405  C CE1 . PHE A 1 47  ? 0.892   0.655   -2.951  1.00 34.84  ? 47  PHE A CE1 1 
ATOM   406  C CE2 . PHE A 1 47  ? 0.569   -0.254  -0.762  1.00 35.89  ? 47  PHE A CE2 1 
ATOM   407  C CZ  . PHE A 1 47  ? 0.379   -0.293  -2.135  1.00 30.66  ? 47  PHE A CZ  1 
ATOM   408  N N   . GLN A 1 48  ? 3.957   5.677   0.202   1.00 30.19  ? 48  GLN A N   1 
ATOM   409  C CA  . GLN A 1 48  ? 4.866   6.446   1.057   1.00 31.09  ? 48  GLN A CA  1 
ATOM   410  C C   . GLN A 1 48  ? 4.098   7.669   1.612   1.00 32.71  ? 48  GLN A C   1 
ATOM   411  O O   . GLN A 1 48  ? 4.207   8.001   2.791   1.00 32.28  ? 48  GLN A O   1 
ATOM   412  C CB  . GLN A 1 48  ? 6.051   6.881   0.201   1.00 33.85  ? 48  GLN A CB  1 
ATOM   413  C CG  . GLN A 1 48  ? 6.958   7.874   0.918   1.00 37.47  ? 48  GLN A CG  1 
ATOM   414  C CD  . GLN A 1 48  ? 7.745   7.261   1.995   1.00 42.27  ? 48  GLN A CD  1 
ATOM   415  O OE1 . GLN A 1 48  ? 7.344   7.267   3.186   1.00 48.31  ? 48  GLN A OE1 1 
ATOM   416  N NE2 . GLN A 1 48  ? 8.907   6.716   1.600   1.00 41.78  ? 48  GLN A NE2 1 
ATOM   417  N N   . GLU A 1 49  ? 3.261   8.255   0.770   1.00 31.44  ? 49  GLU A N   1 
ATOM   418  C CA  . GLU A 1 49  ? 2.387   9.381   1.167   1.00 32.31  ? 49  GLU A CA  1 
ATOM   419  C C   . GLU A 1 49  ? 1.433   8.951   2.262   1.00 29.74  ? 49  GLU A C   1 
ATOM   420  O O   . GLU A 1 49  ? 1.254   9.647   3.245   1.00 28.57  ? 49  GLU A O   1 
ATOM   421  C CB  . GLU A 1 49  ? 1.592   9.918   -0.021  1.00 33.94  ? 49  GLU A CB  1 
ATOM   422  C CG  . GLU A 1 49  ? 0.495   10.933  0.331   1.00 38.76  ? 49  GLU A CG  1 
ATOM   423  C CD  . GLU A 1 49  ? -0.363  11.405  -0.852  1.00 51.11  ? 49  GLU A CD  1 
ATOM   424  O OE1 . GLU A 1 49  ? -0.801  10.632  -1.762  1.00 52.17  ? 49  GLU A OE1 1 
ATOM   425  O OE2 . GLU A 1 49  ? -0.661  12.624  -0.856  1.00 58.80  ? 49  GLU A OE2 1 
ATOM   426  N N   . LEU A 1 50  ? 0.797   7.781   2.144   1.00 28.30  ? 50  LEU A N   1 
ATOM   427  C CA  . LEU A 1 50  ? -0.016  7.249   3.221   1.00 27.43  ? 50  LEU A CA  1 
ATOM   428  C C   . LEU A 1 50  ? 0.759   7.133   4.523   1.00 27.73  ? 50  LEU A C   1 
ATOM   429  O O   . LEU A 1 50  ? 0.309   7.576   5.565   1.00 26.12  ? 50  LEU A O   1 
ATOM   430  C CB  . LEU A 1 50  ? -0.625  5.895   2.863   1.00 26.12  ? 50  LEU A CB  1 
ATOM   431  C CG  . LEU A 1 50  ? -1.379  5.272   4.006   1.00 26.37  ? 50  LEU A CG  1 
ATOM   432  C CD1 . LEU A 1 50  ? -2.628  6.019   4.488   1.00 31.19  ? 50  LEU A CD1 1 
ATOM   433  C CD2 . LEU A 1 50  ? -1.684  3.809   3.649   1.00 31.52  ? 50  LEU A CD2 1 
ATOM   434  N N   . HIS A 1 51  ? 1.952   6.548   4.470   1.00 26.84  ? 51  HIS A N   1 
ATOM   435  C CA  . HIS A 1 51  ? 2.731   6.413   5.693   1.00 27.39  ? 51  HIS A CA  1 
ATOM   436  C C   . HIS A 1 51  ? 3.086   7.819   6.321   1.00 25.79  ? 51  HIS A C   1 
ATOM   437  O O   . HIS A 1 51  ? 2.999   7.989   7.528   1.00 28.81  ? 51  HIS A O   1 
ATOM   438  C CB  . HIS A 1 51  ? 4.025   5.670   5.389   1.00 28.03  ? 51  HIS A CB  1 
ATOM   439  C CG  . HIS A 1 51  ? 4.772   5.333   6.627   1.00 28.28  ? 51  HIS A CG  1 
ATOM   440  N ND1 . HIS A 1 51  ? 5.836   6.094   7.077   1.00 36.57  ? 51  HIS A ND1 1 
ATOM   441  C CD2 . HIS A 1 51  ? 4.497   4.438   7.595   1.00 29.66  ? 51  HIS A CD2 1 
ATOM   442  C CE1 . HIS A 1 51  ? 6.274   5.563   8.207   1.00 29.14  ? 51  HIS A CE1 1 
ATOM   443  N NE2 . HIS A 1 51  ? 5.440   4.610   8.573   1.00 35.75  ? 51  HIS A NE2 1 
ATOM   444  N N   . ASN A 1 52  ? 3.478   8.710   5.453   1.00 28.19  ? 52  ASN A N   1 
ATOM   445  C CA  . ASN A 1 52  ? 3.845   10.107  5.829   1.00 29.60  ? 52  ASN A CA  1 
ATOM   446  C C   . ASN A 1 52  ? 2.639   10.806  6.436   1.00 28.21  ? 52  ASN A C   1 
ATOM   447  O O   . ASN A 1 52  ? 2.768   11.439  7.494   1.00 27.16  ? 52  ASN A O   1 
ATOM   448  C CB  . ASN A 1 52  ? 4.449   10.868  4.655   1.00 29.62  ? 52  ASN A CB  1 
ATOM   449  C CG  . ASN A 1 52  ? 5.879   10.455  4.357   1.00 30.52  ? 52  ASN A CG  1 
ATOM   450  O OD1 . ASN A 1 52  ? 6.509   9.803   5.158   1.00 37.63  ? 52  ASN A OD1 1 
ATOM   451  N ND2 . ASN A 1 52  ? 6.322   10.770  3.184   1.00 36.74  ? 52  ASN A ND2 1 
ATOM   452  N N   . LYS A 1 53  ? 1.433   10.579  5.915   1.00 24.67  ? 53  LYS A N   1 
ATOM   453  C CA  . LYS A 1 53  ? 0.229   11.148  6.530   1.00 26.12  ? 53  LYS A CA  1 
ATOM   454  C C   . LYS A 1 53  ? -0.093  10.544  7.859   1.00 25.39  ? 53  LYS A C   1 
ATOM   455  O O   . LYS A 1 53  ? -0.414  11.243  8.821   1.00 24.40  ? 53  LYS A O   1 
ATOM   456  C CB  . LYS A 1 53  ? -0.962  11.213  5.571   1.00 25.31  ? 53  LYS A CB  1 
ATOM   457  C CG  . LYS A 1 53  ? -0.735  12.036  4.329   1.00 29.35  ? 53  LYS A CG  1 
ATOM   458  C CD  . LYS A 1 53  ? -2.044  12.018  3.537   1.00 38.56  ? 53  LYS A CD  1 
ATOM   459  C CE  . LYS A 1 53  ? -1.971  12.882  2.295   1.00 45.46  ? 53  LYS A CE  1 
ATOM   460  N NZ  . LYS A 1 53  ? -3.328  13.443  2.002   1.00 48.02  ? 53  LYS A NZ  1 
ATOM   461  N N   . LEU A 1 54  ? -0.038  9.209   7.998   1.00 24.27  ? 54  LEU A N   1 
ATOM   462  C CA  . LEU A 1 54  ? -0.281  8.579   9.264   1.00 23.35  ? 54  LEU A CA  1 
ATOM   463  C C   . LEU A 1 54  ? 0.702   9.040   10.373  1.00 22.73  ? 54  LEU A C   1 
ATOM   464  O O   . LEU A 1 54  ? 0.278   9.150   11.507  1.00 25.13  ? 54  LEU A O   1 
ATOM   465  C CB  . LEU A 1 54  ? -0.042  7.076   9.088   1.00 23.44  ? 54  LEU A CB  1 
ATOM   466  C CG  . LEU A 1 54  ? -1.153  6.440   8.238   1.00 25.30  ? 54  LEU A CG  1 
ATOM   467  C CD1 . LEU A 1 54  ? -0.815  4.982   7.844   1.00 26.31  ? 54  LEU A CD1 1 
ATOM   468  C CD2 . LEU A 1 54  ? -2.419  6.378   8.987   1.00 26.71  ? 54  LEU A CD2 1 
ATOM   469  N N   . SER A 1 55  ? 1.919   9.321   9.947   1.00 27.21  ? 55  SER A N   1 
ATOM   470  C CA  . SER A 1 55  ? 3.006   9.787   10.830  1.00 27.11  ? 55  SER A CA  1 
ATOM   471  C C   . SER A 1 55  ? 2.682   11.162  11.452  1.00 27.38  ? 55  SER A C   1 
ATOM   472  O O   . SER A 1 55  ? 3.066   11.439  12.615  1.00 27.24  ? 55  SER A O   1 
ATOM   473  C CB  . SER A 1 55  ? 4.341   9.893   10.154  1.00 30.22  ? 55  SER A CB  1 
ATOM   474  O OG  . SER A 1 55  ? 4.856   8.746   9.490   1.00 34.63  ? 55  SER A OG  1 
ATOM   475  N N   . ILE A 1 56  ? 1.921   11.971  10.714  1.00 27.12  ? 56  ILE A N   1 
ATOM   476  C CA  . ILE A 1 56  ? 1.379   13.231  11.237  1.00 26.44  ? 56  ILE A CA  1 
ATOM   477  C C   . ILE A 1 56  ? 0.514   13.059  12.425  1.00 27.40  ? 56  ILE A C   1 
ATOM   478  O O   . ILE A 1 56  ? 0.647   13.806  13.408  1.00 28.44  ? 56  ILE A O   1 
ATOM   479  C CB  . ILE A 1 56  ? 0.659   14.093  10.115  1.00 27.48  ? 56  ILE A CB  1 
ATOM   480  C CG1 . ILE A 1 56  ? 1.572   14.492  8.993   1.00 32.41  ? 56  ILE A CG1 1 
ATOM   481  C CG2 . ILE A 1 56  ? 0.034   15.347  10.800  1.00 31.07  ? 56  ILE A CG2 1 
ATOM   482  C CD1 . ILE A 1 56  ? 2.831   15.314  9.367   1.00 33.00  ? 56  ILE A CD1 1 
ATOM   483  N N   . ILE A 1 57  ? -0.371  12.067  12.407  1.00 26.95  ? 57  ILE A N   1 
ATOM   484  C CA  . ILE A 1 57  ? -1.313  11.896  13.436  1.00 26.90  ? 57  ILE A CA  1 
ATOM   485  C C   . ILE A 1 57  ? -1.005  10.867  14.498  1.00 25.69  ? 57  ILE A C   1 
ATOM   486  O O   . ILE A 1 57  ? -1.700  10.893  15.510  1.00 28.29  ? 57  ILE A O   1 
ATOM   487  C CB  . ILE A 1 57  ? -2.739  11.689  12.842  1.00 32.40  ? 57  ILE A CB  1 
ATOM   488  C CG1 . ILE A 1 57  ? -2.765  10.560  11.831  1.00 35.71  ? 57  ILE A CG1 1 
ATOM   489  C CG2 . ILE A 1 57  ? -3.298  12.987  12.171  1.00 33.29  ? 57  ILE A CG2 1 
ATOM   490  C CD1 . ILE A 1 57  ? -4.154  10.002  11.521  1.00 32.00  ? 57  ILE A CD1 1 
ATOM   491  N N   . PHE A 1 58  ? -0.137  9.900   14.182  1.00 27.51  ? 58  PHE A N   1 
ATOM   492  C CA  . PHE A 1 58  ? 0.190   8.802   15.062  1.00 27.87  ? 58  PHE A CA  1 
ATOM   493  C C   . PHE A 1 58  ? 1.694   8.875   15.366  1.00 26.58  ? 58  PHE A C   1 
ATOM   494  O O   . PHE A 1 58  ? 2.531   9.028   14.500  1.00 27.76  ? 58  PHE A O   1 
ATOM   495  C CB  . PHE A 1 58  ? -0.101  7.455   14.422  1.00 26.75  ? 58  PHE A CB  1 
ATOM   496  C CG  . PHE A 1 58  ? -1.560  7.185   14.235  1.00 25.32  ? 58  PHE A CG  1 
ATOM   497  C CD1 . PHE A 1 58  ? -2.109  7.239   12.958  1.00 32.00  ? 58  PHE A CD1 1 
ATOM   498  C CD2 . PHE A 1 58  ? -2.388  6.988   15.306  1.00 31.66  ? 58  PHE A CD2 1 
ATOM   499  C CE1 . PHE A 1 58  ? -3.469  6.960   12.785  1.00 29.89  ? 58  PHE A CE1 1 
ATOM   500  C CE2 . PHE A 1 58  ? -3.745  6.778   15.125  1.00 36.04  ? 58  PHE A CE2 1 
ATOM   501  C CZ  . PHE A 1 58  ? -4.254  6.805   13.850  1.00 30.30  ? 58  PHE A CZ  1 
ATOM   502  N N   . PRO A 1 59  ? 2.037   8.510   16.593  1.00 27.52  ? 59  PRO A N   1 
ATOM   503  C CA  . PRO A 1 59  ? 3.454   8.233   16.895  1.00 28.68  ? 59  PRO A CA  1 
ATOM   504  C C   . PRO A 1 59  ? 3.964   7.001   16.159  1.00 28.66  ? 59  PRO A C   1 
ATOM   505  O O   . PRO A 1 59  ? 3.146   6.098   15.938  1.00 29.25  ? 59  PRO A O   1 
ATOM   506  C CB  . PRO A 1 59  ? 3.454   8.033   18.401  1.00 29.51  ? 59  PRO A CB  1 
ATOM   507  C CG  . PRO A 1 59  ? 2.082   7.682   18.827  1.00 33.66  ? 59  PRO A CG  1 
ATOM   508  C CD  . PRO A 1 59  ? 1.142   8.228   17.705  1.00 29.01  ? 59  PRO A CD  1 
ATOM   509  N N   . LEU A 1 60  ? 5.220   6.957   15.775  1.00 26.84  ? 60  LEU A N   1 
ATOM   510  C CA  . LEU A 1 60  ? 5.683   5.882   14.938  1.00 27.75  ? 60  LEU A CA  1 
ATOM   511  C C   . LEU A 1 60  ? 5.654   4.503   15.582  1.00 29.53  ? 60  LEU A C   1 
ATOM   512  O O   . LEU A 1 60  ? 5.585   3.553   14.818  1.00 30.15  ? 60  LEU A O   1 
ATOM   513  C CB  . LEU A 1 60  ? 7.033   6.077   14.349  1.00 28.56  ? 60  LEU A CB  1 
ATOM   514  C CG  . LEU A 1 60  ? 7.222   7.203   13.358  1.00 32.47  ? 60  LEU A CG  1 
ATOM   515  C CD1 . LEU A 1 60  ? 8.617   7.293   12.861  1.00 34.42  ? 60  LEU A CD1 1 
ATOM   516  C CD2 . LEU A 1 60  ? 6.182   7.187   12.251  1.00 34.92  ? 60  LEU A CD2 1 
ATOM   517  N N   . TRP A 1 61  ? 5.595   4.437   16.903  1.00 28.44  ? 61  TRP A N   1 
ATOM   518  C CA  . TRP A 1 61  ? 5.493   3.124   17.571  1.00 32.63  ? 61  TRP A CA  1 
ATOM   519  C C   . TRP A 1 61  ? 4.192   2.378   17.220  1.00 33.66  ? 61  TRP A C   1 
ATOM   520  O O   . TRP A 1 61  ? 4.175   1.139   17.176  1.00 32.28  ? 61  TRP A O   1 
ATOM   521  C CB  . TRP A 1 61  ? 5.678   3.209   19.080  1.00 30.91  ? 61  TRP A CB  1 
ATOM   522  C CG  . TRP A 1 61  ? 4.553   3.689   19.859  1.00 28.21  ? 61  TRP A CG  1 
ATOM   523  C CD1 . TRP A 1 61  ? 4.380   4.937   20.310  1.00 25.02  ? 61  TRP A CD1 1 
ATOM   524  C CD2 . TRP A 1 61  ? 3.396   2.972   20.263  1.00 31.64  ? 61  TRP A CD2 1 
ATOM   525  N NE1 . TRP A 1 61  ? 3.236   5.062   21.031  1.00 30.93  ? 61  TRP A NE1 1 
ATOM   526  C CE2 . TRP A 1 61  ? 2.603   3.845   21.004  1.00 32.26  ? 61  TRP A CE2 1 
ATOM   527  C CE3 . TRP A 1 61  ? 2.979   1.641   20.110  1.00 36.83  ? 61  TRP A CE3 1 
ATOM   528  C CZ2 . TRP A 1 61  ? 1.374   3.491   21.524  1.00 40.06  ? 61  TRP A CZ2 1 
ATOM   529  C CZ3 . TRP A 1 61  ? 1.788   1.292   20.627  1.00 38.21  ? 61  TRP A CZ3 1 
ATOM   530  C CH2 . TRP A 1 61  ? 1.000   2.192   21.350  1.00 39.04  ? 61  TRP A CH2 1 
ATOM   531  N N   . LYS A 1 62  ? 3.169   3.144   16.857  1.00 31.83  ? 62  LYS A N   1 
ATOM   532  C CA  . LYS A 1 62  ? 1.896   2.605   16.412  1.00 32.72  ? 62  LYS A CA  1 
ATOM   533  C C   . LYS A 1 62  ? 1.834   2.157   14.976  1.00 31.41  ? 62  LYS A C   1 
ATOM   534  O O   . LYS A 1 62  ? 0.804   1.614   14.598  1.00 33.27  ? 62  LYS A O   1 
ATOM   535  C CB  . LYS A 1 62  ? 0.802   3.649   16.610  1.00 32.16  ? 62  LYS A CB  1 
ATOM   536  C CG  . LYS A 1 62  ? 0.459   3.888   18.014  1.00 35.69  ? 62  LYS A CG  1 
ATOM   537  C CD  . LYS A 1 62  ? -0.812  4.664   18.151  1.00 42.26  ? 62  LYS A CD  1 
ATOM   538  C CE  . LYS A 1 62  ? -1.164  4.858   19.597  1.00 51.16  ? 62  LYS A CE  1 
ATOM   539  N NZ  . LYS A 1 62  ? -2.553  5.424   19.706  1.00 56.54  ? 62  LYS A NZ  1 
ATOM   540  N N   . LEU A 1 63  ? 2.803   2.489   14.129  1.00 28.87  ? 63  LEU A N   1 
ATOM   541  C CA  . LEU A 1 63  ? 2.739   2.235   12.707  1.00 31.01  ? 63  LEU A CA  1 
ATOM   542  C C   . LEU A 1 63  ? 3.718   1.139   12.379  1.00 31.96  ? 63  LEU A C   1 
ATOM   543  O O   . LEU A 1 63  ? 4.709   1.006   13.093  1.00 31.69  ? 63  LEU A O   1 
ATOM   544  C CB  . LEU A 1 63  ? 3.136   3.484   11.928  1.00 29.13  ? 63  LEU A CB  1 
ATOM   545  C CG  . LEU A 1 63  ? 2.193   4.635   12.319  1.00 30.58  ? 63  LEU A CG  1 
ATOM   546  C CD1 . LEU A 1 63  ? 2.635   5.950   11.606  1.00 29.07  ? 63  LEU A CD1 1 
ATOM   547  C CD2 . LEU A 1 63  ? 0.732   4.271   12.051  1.00 34.01  ? 63  LEU A CD2 1 
ATOM   548  N N   . PRO A 1 64  ? 3.498   0.418   11.280  1.00 33.93  ? 64  PRO A N   1 
ATOM   549  C CA  . PRO A 1 64  ? 4.532   -0.428  10.693  1.00 33.95  ? 64  PRO A CA  1 
ATOM   550  C C   . PRO A 1 64  ? 5.711   0.336   10.223  1.00 34.34  ? 64  PRO A C   1 
ATOM   551  O O   . PRO A 1 64  ? 5.665   1.533   9.894   1.00 34.96  ? 64  PRO A O   1 
ATOM   552  C CB  . PRO A 1 64  ? 3.855   -1.070  9.430   1.00 34.85  ? 64  PRO A CB  1 
ATOM   553  C CG  . PRO A 1 64  ? 2.439   -0.853  9.608   1.00 33.59  ? 64  PRO A CG  1 
ATOM   554  C CD  . PRO A 1 64  ? 2.298   0.461   10.414  1.00 36.00  ? 64  PRO A CD  1 
ATOM   555  N N   . GLY A 1 65  ? 6.845   -0.367  10.196  1.00 34.38  ? 65  GLY A N   1 
ATOM   556  C CA  . GLY A 1 65  ? 7.983   0.068   9.442   1.00 34.80  ? 65  GLY A CA  1 
ATOM   557  C C   . GLY A 1 65  ? 7.676   0.282   7.987   1.00 37.19  ? 65  GLY A C   1 
ATOM   558  O O   . GLY A 1 65  ? 7.063   -0.613  7.406   1.00 38.98  ? 65  GLY A O   1 
ATOM   559  N N   . PHE A 1 66  ? 8.133   1.372   7.374   1.00 35.60  ? 66  PHE A N   1 
ATOM   560  C CA  . PHE A 1 66  ? 7.848   1.567   5.978   1.00 37.12  ? 66  PHE A CA  1 
ATOM   561  C C   . PHE A 1 66  ? 9.102   1.281   5.186   1.00 40.95  ? 66  PHE A C   1 
ATOM   562  O O   . PHE A 1 66  ? 10.169  1.753   5.618   1.00 41.21  ? 66  PHE A O   1 
ATOM   563  C CB  . PHE A 1 66  ? 7.272   2.952   5.663   1.00 36.97  ? 66  PHE A CB  1 
ATOM   564  C CG  . PHE A 1 66  ? 6.859   3.081   4.240   1.00 32.30  ? 66  PHE A CG  1 
ATOM   565  C CD1 . PHE A 1 66  ? 5.611   2.653   3.838   1.00 32.34  ? 66  PHE A CD1 1 
ATOM   566  C CD2 . PHE A 1 66  ? 7.707   3.590   3.306   1.00 32.52  ? 66  PHE A CD2 1 
ATOM   567  C CE1 . PHE A 1 66  ? 5.270   2.760   2.469   1.00 33.54  ? 66  PHE A CE1 1 
ATOM   568  C CE2 . PHE A 1 66  ? 7.383   3.698   1.983   1.00 34.92  ? 66  PHE A CE2 1 
ATOM   569  C CZ  . PHE A 1 66  ? 6.147   3.219   1.562   1.00 33.76  ? 66  PHE A CZ  1 
ATOM   570  N N   . PRO A 1 67  ? 8.988   0.486   4.110   1.00 44.31  ? 67  PRO A N   1 
ATOM   571  C CA  . PRO A 1 67  ? 10.137  0.039   3.305   1.00 50.39  ? 67  PRO A CA  1 
ATOM   572  C C   . PRO A 1 67  ? 10.676  1.077   2.360   1.00 55.83  ? 67  PRO A C   1 
ATOM   573  O O   . PRO A 1 67  ? 10.472  0.995   1.156   1.00 57.66  ? 67  PRO A O   1 
ATOM   574  C CB  . PRO A 1 67  ? 9.556   -1.120  2.465   1.00 50.78  ? 67  PRO A CB  1 
ATOM   575  C CG  . PRO A 1 67  ? 8.061   -0.746  2.275   1.00 47.11  ? 67  PRO A CG  1 
ATOM   576  C CD  . PRO A 1 67  ? 7.739   -0.161  3.638   1.00 43.94  ? 67  PRO A CD  1 
ATOM   577  N N   . ASN A 1 68  ? 11.363  2.056   2.916   1.00 62.85  ? 68  ASN A N   1 
ATOM   578  C CA  . ASN A 1 68  ? 11.493  3.348   2.270   1.00 69.56  ? 68  ASN A CA  1 
ATOM   579  C C   . ASN A 1 68  ? 12.564  3.329   1.180   1.00 74.93  ? 68  ASN A C   1 
ATOM   580  O O   . ASN A 1 68  ? 13.605  2.681   1.345   1.00 75.91  ? 68  ASN A O   1 
ATOM   581  C CB  . ASN A 1 68  ? 11.795  4.400   3.338   1.00 70.64  ? 68  ASN A CB  1 
ATOM   582  C CG  . ASN A 1 68  ? 11.131  5.714   3.042   1.00 73.58  ? 68  ASN A CG  1 
ATOM   583  O OD1 . ASN A 1 68  ? 11.382  6.298   1.986   1.00 80.07  ? 68  ASN A OD1 1 
ATOM   584  N ND2 . ASN A 1 68  ? 10.278  6.191   3.958   1.00 76.11  ? 68  ASN A ND2 1 
ATOM   585  N N   . ARG A 1 69  ? 12.261  3.969   0.047   1.00 80.35  ? 69  ARG A N   1 
ATOM   586  C CA  . ARG A 1 69  ? 13.257  4.386   -0.944  1.00 84.28  ? 69  ARG A CA  1 
ATOM   587  C C   . ARG A 1 69  ? 12.635  5.347   -1.983  1.00 86.96  ? 69  ARG A C   1 
ATOM   588  O O   . ARG A 1 69  ? 11.777  6.164   -1.623  1.00 87.55  ? 69  ARG A O   1 
ATOM   589  C CB  . ARG A 1 69  ? 13.936  3.159   -1.586  1.00 85.12  ? 69  ARG A CB  1 
ATOM   590  C CG  . ARG A 1 69  ? 15.467  3.278   -1.736  1.00 87.10  ? 69  ARG A CG  1 
ATOM   591  C CD  . ARG A 1 69  ? 16.305  2.175   -1.081  1.00 88.52  ? 69  ARG A CD  1 
ATOM   592  N NE  . ARG A 1 69  ? 16.038  2.026   0.350   1.00 90.59  ? 69  ARG A NE  1 
ATOM   593  C CZ  . ARG A 1 69  ? 16.460  2.858   1.303   1.00 92.46  ? 69  ARG A CZ  1 
ATOM   594  N NH1 . ARG A 1 69  ? 17.196  3.925   1.007   1.00 94.01  ? 69  ARG A NH1 1 
ATOM   595  N NH2 . ARG A 1 69  ? 16.143  2.619   2.573   1.00 92.01  ? 69  ARG A NH2 1 
ATOM   596  N N   . MET A 1 70  ? 13.095  5.293   -3.237  1.00 89.96  ? 70  MET A N   1 
ATOM   597  C CA  . MET A 1 70  ? 12.436  5.909   -4.402  1.00 91.96  ? 70  MET A CA  1 
ATOM   598  C C   . MET A 1 70  ? 13.129  7.192   -4.861  1.00 93.57  ? 70  MET A C   1 
ATOM   599  O O   . MET A 1 70  ? 12.726  8.296   -4.474  1.00 93.94  ? 70  MET A O   1 
ATOM   600  C CB  . MET A 1 70  ? 10.943  6.187   -4.162  1.00 92.23  ? 70  MET A CB  1 
ATOM   601  C CG  . MET A 1 70  ? 10.213  6.826   -5.346  1.00 92.95  ? 70  MET A CG  1 
ATOM   602  S SD  . MET A 1 70  ? 9.487   5.643   -6.491  1.00 95.00  ? 70  MET A SD  1 
ATOM   603  C CE  . MET A 1 70  ? 9.076   6.713   -7.868  1.00 96.00  ? 70  MET A CE  1 
ATOM   604  N N   . VAL A 1 71  ? 14.138  7.041   -5.719  1.00 95.04  ? 71  VAL A N   1 
ATOM   605  C CA  . VAL A 1 71  ? 14.823  8.184   -6.327  1.00 96.00  ? 71  VAL A CA  1 
ATOM   606  C C   . VAL A 1 71  ? 14.058  8.696   -7.552  1.00 96.84  ? 71  VAL A C   1 
ATOM   607  O O   . VAL A 1 71  ? 13.334  9.696   -7.469  1.00 96.88  ? 71  VAL A O   1 
ATOM   608  C CB  . VAL A 1 71  ? 16.267  7.810   -6.700  1.00 95.89  ? 71  VAL A CB  1 
ATOM   609  N N   . LEU A 1 72  ? 14.194  7.965   -8.660  1.00 97.62  ? 72  LEU A N   1 
ATOM   610  C CA  . LEU A 1 72  ? 14.076  8.495   -10.022 1.00 97.82  ? 72  LEU A CA  1 
ATOM   611  C C   . LEU A 1 72  ? 14.793  7.579   -11.016 1.00 98.26  ? 72  LEU A C   1 
ATOM   612  O O   . LEU A 1 72  ? 14.237  7.231   -12.059 1.00 98.28  ? 72  LEU A O   1 
ATOM   613  C CB  . LEU A 1 72  ? 14.633  9.921   -10.121 1.00 97.73  ? 72  LEU A CB  1 
ATOM   614  N N   . GLY A 1 73  ? 16.027  7.197   -10.690 1.00 98.71  ? 73  GLY A N   1 
ATOM   615  C CA  . GLY A 1 73  ? 16.955  6.683   -11.685 1.00 99.00  ? 73  GLY A CA  1 
ATOM   616  C C   . GLY A 1 73  ? 18.352  6.378   -11.166 1.00 99.12  ? 73  GLY A C   1 
ATOM   617  O O   . GLY A 1 73  ? 18.866  7.070   -10.284 1.00 99.30  ? 73  GLY A O   1 
ATOM   618  N N   . ARG A 1 74  ? 18.974  5.357   -11.753 1.00 99.21  ? 74  ARG A N   1 
ATOM   619  C CA  . ARG A 1 74  ? 20.080  4.622   -11.134 1.00 99.18  ? 74  ARG A CA  1 
ATOM   620  C C   . ARG A 1 74  ? 19.614  3.890   -9.875  1.00 99.20  ? 74  ARG A C   1 
ATOM   621  O O   . ARG A 1 74  ? 19.170  4.521   -8.911  1.00 99.22  ? 74  ARG A O   1 
ATOM   622  C CB  . ARG A 1 74  ? 21.262  5.550   -10.827 1.00 99.02  ? 74  ARG A CB  1 
ATOM   623  N N   . THR A 1 75  ? 19.718  2.562   -9.898  1.00 99.07  ? 75  THR A N   1 
ATOM   624  C CA  . THR A 1 75  ? 19.045  1.703   -8.921  1.00 98.58  ? 75  THR A CA  1 
ATOM   625  C C   . THR A 1 75  ? 19.645  0.293   -8.876  1.00 98.10  ? 75  THR A C   1 
ATOM   626  O O   . THR A 1 75  ? 20.807  0.091   -9.236  1.00 98.61  ? 75  THR A O   1 
ATOM   627  C CB  . THR A 1 75  ? 17.545  1.644   -9.224  1.00 98.59  ? 75  THR A CB  1 
ATOM   628  N N   . HIS A 1 76  ? 18.861  -0.674  -8.404  1.00 97.09  ? 76  HIS A N   1 
ATOM   629  C CA  . HIS A 1 76  ? 19.051  -2.078  -8.759  1.00 96.32  ? 76  HIS A CA  1 
ATOM   630  C C   . HIS A 1 76  ? 18.253  -2.404  -10.023 1.00 94.54  ? 76  HIS A C   1 
ATOM   631  O O   . HIS A 1 76  ? 17.564  -3.422  -10.087 1.00 94.79  ? 76  HIS A O   1 
ATOM   632  C CB  . HIS A 1 76  ? 18.608  -2.976  -7.593  1.00 96.71  ? 76  HIS A CB  1 
ATOM   633  C CG  . HIS A 1 76  ? 18.874  -4.437  -7.801  1.00 98.86  ? 76  HIS A CG  1 
ATOM   634  N ND1 . HIS A 1 76  ? 18.377  -5.408  -6.956  1.00 100.15 ? 76  HIS A ND1 1 
ATOM   635  C CD2 . HIS A 1 76  ? 19.583  -5.094  -8.751  1.00 100.59 ? 76  HIS A CD2 1 
ATOM   636  C CE1 . HIS A 1 76  ? 18.769  -6.598  -7.377  1.00 100.90 ? 76  HIS A CE1 1 
ATOM   637  N NE2 . HIS A 1 76  ? 19.500  -6.437  -8.466  1.00 101.38 ? 76  HIS A NE2 1 
ATOM   638  N N   . ILE A 1 77  ? 18.334  -1.531  -11.025 1.00 92.44  ? 77  ILE A N   1 
ATOM   639  C CA  . ILE A 1 77  ? 17.377  -1.543  -12.130 1.00 90.44  ? 77  ILE A CA  1 
ATOM   640  C C   . ILE A 1 77  ? 15.942  -1.577  -11.571 1.00 87.69  ? 77  ILE A C   1 
ATOM   641  O O   . ILE A 1 77  ? 15.554  -0.663  -10.845 1.00 88.23  ? 77  ILE A O   1 
ATOM   642  C CB  . ILE A 1 77  ? 17.679  -2.723  -13.106 1.00 90.89  ? 77  ILE A CB  1 
ATOM   643  C CG1 . ILE A 1 77  ? 19.183  -2.856  -13.376 1.00 91.12  ? 77  ILE A CG1 1 
ATOM   644  C CG2 . ILE A 1 77  ? 16.964  -2.522  -14.444 1.00 92.32  ? 77  ILE A CG2 1 
ATOM   645  C CD1 . ILE A 1 77  ? 19.618  -4.197  -13.966 1.00 88.00  ? 77  ILE A CD1 1 
ATOM   646  N N   . LYS A 1 78  ? 15.164  -2.609  -11.898 1.00 83.91  ? 78  LYS A N   1 
ATOM   647  C CA  . LYS A 1 78  ? 13.745  -2.705  -11.544 1.00 80.87  ? 78  LYS A CA  1 
ATOM   648  C C   . LYS A 1 78  ? 13.389  -4.151  -11.142 1.00 76.92  ? 78  LYS A C   1 
ATOM   649  O O   . LYS A 1 78  ? 12.285  -4.654  -11.400 1.00 77.38  ? 78  LYS A O   1 
ATOM   650  C CB  . LYS A 1 78  ? 12.854  -2.216  -12.697 1.00 81.46  ? 78  LYS A CB  1 
ATOM   651  C CG  . LYS A 1 78  ? 13.375  -0.985  -13.481 1.00 83.11  ? 78  LYS A CG  1 
ATOM   652  C CD  . LYS A 1 78  ? 12.687  0.334   -13.114 1.00 85.21  ? 78  LYS A CD  1 
ATOM   653  C CE  . LYS A 1 78  ? 11.939  0.939   -14.307 1.00 86.31  ? 78  LYS A CE  1 
ATOM   654  N NZ  . LYS A 1 78  ? 10.946  1.983   -13.913 1.00 85.87  ? 78  LYS A NZ  1 
ATOM   655  N N   . ASP A 1 79  ? 14.347  -4.809  -10.496 1.00 71.22  ? 79  ASP A N   1 
ATOM   656  C CA  . ASP A 1 79  ? 14.081  -5.749  -9.416  1.00 67.34  ? 79  ASP A CA  1 
ATOM   657  C C   . ASP A 1 79  ? 13.555  -5.006  -8.189  1.00 61.51  ? 79  ASP A C   1 
ATOM   658  O O   . ASP A 1 79  ? 13.199  -5.613  -7.187  1.00 56.47  ? 79  ASP A O   1 
ATOM   659  C CB  . ASP A 1 79  ? 15.375  -6.482  -9.048  1.00 67.94  ? 79  ASP A CB  1 
ATOM   660  C CG  . ASP A 1 79  ? 15.733  -7.580  -10.054 1.00 72.47  ? 79  ASP A CG  1 
ATOM   661  O OD1 . ASP A 1 79  ? 14.832  -8.390  -10.395 1.00 75.61  ? 79  ASP A OD1 1 
ATOM   662  O OD2 . ASP A 1 79  ? 16.879  -7.693  -10.559 1.00 72.91  ? 79  ASP A OD2 1 
ATOM   663  N N   . VAL A 1 80  ? 13.627  -3.683  -8.252  1.00 57.08  ? 80  VAL A N   1 
ATOM   664  C CA  . VAL A 1 80  ? 13.055  -2.818  -7.219  1.00 54.08  ? 80  VAL A CA  1 
ATOM   665  C C   . VAL A 1 80  ? 11.532  -2.982  -7.229  1.00 51.00  ? 80  VAL A C   1 
ATOM   666  O O   . VAL A 1 80  ? 10.994  -3.233  -6.166  1.00 47.73  ? 80  VAL A O   1 
ATOM   667  C CB  . VAL A 1 80  ? 13.573  -1.366  -7.343  1.00 53.78  ? 80  VAL A CB  1 
ATOM   668  C CG1 . VAL A 1 80  ? 12.680  -0.343  -6.608  1.00 52.60  ? 80  VAL A CG1 1 
ATOM   669  C CG2 . VAL A 1 80  ? 15.013  -1.314  -6.820  1.00 54.85  ? 80  VAL A CG2 1 
ATOM   670  N N   . ALA A 1 81  ? 10.888  -2.999  -8.400  1.00 50.66  ? 81  ALA A N   1 
ATOM   671  C CA  . ALA A 1 81  ? 9.443   -3.259  -8.485  1.00 50.68  ? 81  ALA A CA  1 
ATOM   672  C C   . ALA A 1 81  ? 9.073   -4.581  -7.869  1.00 48.89  ? 81  ALA A C   1 
ATOM   673  O O   . ALA A 1 81  ? 8.148   -4.668  -7.074  1.00 47.13  ? 81  ALA A O   1 
ATOM   674  C CB  . ALA A 1 81  ? 8.911   -3.225  -9.920  1.00 51.49  ? 81  ALA A CB  1 
ATOM   675  N N   . ALA A 1 82  ? 9.842   -5.615  -8.199  1.00 46.90  ? 82  ALA A N   1 
ATOM   676  C CA  . ALA A 1 82  ? 9.577   -6.929  -7.655  1.00 44.90  ? 82  ALA A CA  1 
ATOM   677  C C   . ALA A 1 82  ? 9.762   -6.999  -6.161  1.00 43.46  ? 82  ALA A C   1 
ATOM   678  O O   . ALA A 1 82  ? 9.005   -7.621  -5.431  1.00 41.34  ? 82  ALA A O   1 
ATOM   679  C CB  . ALA A 1 82  ? 10.484  -7.955  -8.346  1.00 48.60  ? 82  ALA A CB  1 
ATOM   680  N N   . LYS A 1 83  ? 10.809  -6.346  -5.686  1.00 41.61  ? 83  LYS A N   1 
ATOM   681  C CA  . LYS A 1 83  ? 11.046  -6.260  -4.269  1.00 42.63  ? 83  LYS A CA  1 
ATOM   682  C C   . LYS A 1 83  ? 9.919   -5.497  -3.554  1.00 38.20  ? 83  LYS A C   1 
ATOM   683  O O   . LYS A 1 83  ? 9.485   -5.869  -2.475  1.00 35.87  ? 83  LYS A O   1 
ATOM   684  C CB  . LYS A 1 83  ? 12.361  -5.497  -4.056  1.00 43.47  ? 83  LYS A CB  1 
ATOM   685  C CG  . LYS A 1 83  ? 12.748  -5.421  -2.593  1.00 49.35  ? 83  LYS A CG  1 
ATOM   686  C CD  . LYS A 1 83  ? 14.256  -5.280  -2.454  1.00 59.76  ? 83  LYS A CD  1 
ATOM   687  C CE  . LYS A 1 83  ? 14.930  -6.641  -2.453  1.00 62.91  ? 83  LYS A CE  1 
ATOM   688  N NZ  . LYS A 1 83  ? 16.378  -6.524  -2.108  1.00 67.18  ? 83  LYS A NZ  1 
ATOM   689  N N   . ARG A 1 84  ? 9.495   -4.400  -4.155  1.00 36.31  ? 84  ARG A N   1 
ATOM   690  C CA  . ARG A 1 84  ? 8.456   -3.570  -3.515  1.00 36.60  ? 84  ARG A CA  1 
ATOM   691  C C   . ARG A 1 84  ? 7.102   -4.289  -3.455  1.00 34.48  ? 84  ARG A C   1 
ATOM   692  O O   . ARG A 1 84  ? 6.311   -4.148  -2.525  1.00 32.13  ? 84  ARG A O   1 
ATOM   693  C CB  . ARG A 1 84  ? 8.316   -2.297  -4.331  1.00 37.06  ? 84  ARG A CB  1 
ATOM   694  C CG  . ARG A 1 84  ? 9.378   -1.273  -3.999  1.00 42.45  ? 84  ARG A CG  1 
ATOM   695  C CD  . ARG A 1 84  ? 9.264   -0.013  -4.776  1.00 42.83  ? 84  ARG A CD  1 
ATOM   696  N NE  . ARG A 1 84  ? 10.245  0.976   -4.307  1.00 41.82  ? 84  ARG A NE  1 
ATOM   697  C CZ  . ARG A 1 84  ? 10.514  2.107   -4.947  1.00 43.08  ? 84  ARG A CZ  1 
ATOM   698  N NH1 . ARG A 1 84  ? 9.887   2.435   -6.058  1.00 45.52  ? 84  ARG A NH1 1 
ATOM   699  N NH2 . ARG A 1 84  ? 11.412  2.952   -4.458  1.00 49.83  ? 84  ARG A NH2 1 
ATOM   700  N N   . LYS A 1 85  ? 6.846   -5.158  -4.435  1.00 35.08  ? 85  LYS A N   1 
ATOM   701  C CA  . LYS A 1 85  ? 5.632   -5.966  -4.344  1.00 35.88  ? 85  LYS A CA  1 
ATOM   702  C C   . LYS A 1 85  ? 5.584   -6.682  -3.014  1.00 32.59  ? 85  LYS A C   1 
ATOM   703  O O   . LYS A 1 85  ? 4.588   -6.615  -2.371  1.00 33.96  ? 85  LYS A O   1 
ATOM   704  C CB  . LYS A 1 85  ? 5.481   -6.917  -5.554  1.00 36.15  ? 85  LYS A CB  1 
ATOM   705  C CG  . LYS A 1 85  ? 4.296   -7.851  -5.376  1.00 41.13  ? 85  LYS A CG  1 
ATOM   706  C CD  . LYS A 1 85  ? 4.116   -8.837  -6.544  1.00 44.91  ? 85  LYS A CD  1 
ATOM   707  C CE  . LYS A 1 85  ? 4.764   -10.184 -6.316  1.00 50.58  ? 85  LYS A CE  1 
ATOM   708  N NZ  . LYS A 1 85  ? 4.532   -11.154 -7.485  1.00 48.78  ? 85  LYS A NZ  1 
ATOM   709  N N   . ILE A 1 86  ? 6.643   -7.374  -2.554  1.00 32.43  ? 86  ILE A N   1 
ATOM   710  C CA  . ILE A 1 86  ? 6.685   -8.053  -1.288  1.00 34.12  ? 86  ILE A CA  1 
ATOM   711  C C   . ILE A 1 86  ? 6.650   -7.100  -0.090  1.00 31.60  ? 86  ILE A C   1 
ATOM   712  O O   . ILE A 1 86  ? 5.919   -7.319  0.887   1.00 33.59  ? 86  ILE A O   1 
ATOM   713  C CB  . ILE A 1 86  ? 8.015   -8.874  -1.209  1.00 34.80  ? 86  ILE A CB  1 
ATOM   714  C CG1 . ILE A 1 86  ? 8.090   -9.874  -2.353  1.00 41.41  ? 86  ILE A CG1 1 
ATOM   715  C CG2 . ILE A 1 86  ? 8.127   -9.599  0.105   1.00 40.39  ? 86  ILE A CG2 1 
ATOM   716  C CD1 . ILE A 1 86  ? 9.486   -10.430 -2.637  1.00 40.00  ? 86  ILE A CD1 1 
ATOM   717  N N   . GLU A 1 87  ? 7.476   -6.057  -0.171  1.00 34.06  ? 87  GLU A N   1 
ATOM   718  C CA  . GLU A 1 87  ? 7.654   -5.191  0.997   1.00 33.66  ? 87  GLU A CA  1 
ATOM   719  C C   . GLU A 1 87  ? 6.358   -4.382  1.218   1.00 30.91  ? 87  GLU A C   1 
ATOM   720  O O   . GLU A 1 87  ? 5.962   -4.148  2.346   1.00 32.37  ? 87  GLU A O   1 
ATOM   721  C CB  . GLU A 1 87  ? 8.793   -4.191  0.771   1.00 35.58  ? 87  GLU A CB  1 
ATOM   722  C CG  . GLU A 1 87  ? 10.186  -4.800  0.684   1.00 42.75  ? 87  GLU A CG  1 
ATOM   723  C CD  . GLU A 1 87  ? 11.231  -3.732  0.367   1.00 48.59  ? 87  GLU A CD  1 
ATOM   724  O OE1 . GLU A 1 87  ? 11.022  -2.870  -0.516  1.00 55.65  ? 87  GLU A OE1 1 
ATOM   725  O OE2 . GLU A 1 87  ? 12.302  -3.811  0.982   1.00 58.56  ? 87  GLU A OE2 1 
ATOM   726  N N   . LEU A 1 88  ? 5.707   -3.981  0.142   1.00 30.27  ? 88  LEU A N   1 
ATOM   727  C CA  . LEU A 1 88  ? 4.442   -3.222  0.251   1.00 30.69  ? 88  LEU A CA  1 
ATOM   728  C C   . LEU A 1 88  ? 3.349   -4.138  0.694   1.00 31.42  ? 88  LEU A C   1 
ATOM   729  O O   . LEU A 1 88  ? 2.523   -3.820  1.534   1.00 29.01  ? 88  LEU A O   1 
ATOM   730  C CB  . LEU A 1 88  ? 4.065   -2.537  -1.052  1.00 29.85  ? 88  LEU A CB  1 
ATOM   731  C CG  . LEU A 1 88  ? 4.963   -1.422  -1.546  1.00 32.56  ? 88  LEU A CG  1 
ATOM   732  C CD1 . LEU A 1 88  ? 4.515   -0.911  -2.863  1.00 32.56  ? 88  LEU A CD1 1 
ATOM   733  C CD2 . LEU A 1 88  ? 5.049   -0.337  -0.488  1.00 31.92  ? 88  LEU A CD2 1 
ATOM   734  N N   . ASN A 1 89  ? 3.352   -5.381  0.214   1.00 30.99  ? 89  ASN A N   1 
ATOM   735  C CA  . ASN A 1 89  ? 2.458   -6.337  0.840   1.00 28.21  ? 89  ASN A CA  1 
ATOM   736  C C   . ASN A 1 89  ? 2.626   -6.552  2.341   1.00 30.06  ? 89  ASN A C   1 
ATOM   737  O O   . ASN A 1 89  ? 1.661   -6.587  3.075   1.00 31.95  ? 89  ASN A O   1 
ATOM   738  C CB  . ASN A 1 89  ? 2.499   -7.697  0.087   1.00 30.97  ? 89  ASN A CB  1 
ATOM   739  C CG  . ASN A 1 89  ? 1.460   -8.637  0.552   1.00 34.82  ? 89  ASN A CG  1 
ATOM   740  O OD1 . ASN A 1 89  ? 1.724   -9.658  1.254   1.00 41.51  ? 89  ASN A OD1 1 
ATOM   741  N ND2 . ASN A 1 89  ? 0.260   -8.340  0.175   1.00 28.03  ? 89  ASN A ND2 1 
ATOM   742  N N   . SER A 1 90  ? 3.871   -6.629  2.830   1.00 31.35  ? 90  SER A N   1 
ATOM   743  C CA  . SER A 1 90  ? 4.105   -6.822  4.239   1.00 31.33  ? 90  SER A CA  1 
ATOM   744  C C   . SER A 1 90  ? 3.674   -5.580  5.026   1.00 28.80  ? 90  SER A C   1 
ATOM   745  O O   . SER A 1 90  ? 3.082   -5.693  6.065   1.00 29.48  ? 90  SER A O   1 
ATOM   746  C CB  . SER A 1 90  ? 5.590   -7.064  4.496   1.00 34.10  ? 90  SER A CB  1 
ATOM   747  O OG  . SER A 1 90  ? 5.958   -8.279  3.873   1.00 41.80  ? 90  SER A OG  1 
ATOM   748  N N   . TYR A 1 91  ? 3.854   -4.436  4.416   1.00 31.17  ? 91  TYR A N   1 
ATOM   749  C CA  . TYR A 1 91  ? 3.398   -3.168  5.037   1.00 29.55  ? 91  TYR A CA  1 
ATOM   750  C C   . TYR A 1 91  ? 1.899   -3.168  5.218   1.00 29.70  ? 91  TYR A C   1 
ATOM   751  O O   . TYR A 1 91  ? 1.347   -2.890  6.273   1.00 28.27  ? 91  TYR A O   1 
ATOM   752  C CB  . TYR A 1 91  ? 3.861   -2.000  4.186   1.00 27.83  ? 91  TYR A CB  1 
ATOM   753  C CG  . TYR A 1 91  ? 3.431   -0.664  4.804   1.00 29.35  ? 91  TYR A CG  1 
ATOM   754  C CD1 . TYR A 1 91  ? 4.043   -0.165  5.945   1.00 32.68  ? 91  TYR A CD1 1 
ATOM   755  C CD2 . TYR A 1 91  ? 2.349   0.019   4.314   1.00 33.09  ? 91  TYR A CD2 1 
ATOM   756  C CE1 . TYR A 1 91  ? 3.681   1.071   6.513   1.00 29.96  ? 91  TYR A CE1 1 
ATOM   757  C CE2 . TYR A 1 91  ? 1.942   1.221   4.897   1.00 32.19  ? 91  TYR A CE2 1 
ATOM   758  C CZ  . TYR A 1 91  ? 2.588   1.731   6.010   1.00 33.54  ? 91  TYR A CZ  1 
ATOM   759  O OH  . TYR A 1 91  ? 2.127   2.893   6.615   1.00 32.99  ? 91  TYR A OH  1 
ATOM   760  N N   . LEU A 1 92  ? 1.188   -3.513  4.158   1.00 31.58  ? 92  LEU A N   1 
ATOM   761  C CA  . LEU A 1 92  ? -0.247  -3.627  4.266   1.00 32.80  ? 92  LEU A CA  1 
ATOM   762  C C   . LEU A 1 92  ? -0.750  -4.657  5.274   1.00 32.88  ? 92  LEU A C   1 
ATOM   763  O O   . LEU A 1 92  ? -1.659  -4.328  6.005   1.00 32.20  ? 92  LEU A O   1 
ATOM   764  C CB  . LEU A 1 92  ? -0.842  -3.873  2.880   1.00 33.42  ? 92  LEU A CB  1 
ATOM   765  C CG  . LEU A 1 92  ? -0.693  -2.747  1.874   1.00 37.90  ? 92  LEU A CG  1 
ATOM   766  C CD1 . LEU A 1 92  ? -1.548  -3.109  0.709   1.00 40.11  ? 92  LEU A CD1 1 
ATOM   767  C CD2 . LEU A 1 92  ? -1.161  -1.383  2.403   1.00 41.51  ? 92  LEU A CD2 1 
ATOM   768  N N   . GLN A 1 93  ? -0.139  -5.837  5.398   1.00 33.75  ? 93  GLN A N   1 
ATOM   769  C CA  . GLN A 1 93  ? -0.554  -6.791  6.402   1.00 35.59  ? 93  GLN A CA  1 
ATOM   770  C C   . GLN A 1 93  ? -0.400  -6.254  7.835   1.00 33.84  ? 93  GLN A C   1 
ATOM   771  O O   . GLN A 1 93  ? -1.288  -6.384  8.674   1.00 36.33  ? 93  GLN A O   1 
ATOM   772  C CB  . GLN A 1 93  ? 0.315   -8.052  6.268   1.00 36.03  ? 93  GLN A CB  1 
ATOM   773  C CG  . GLN A 1 93  ? 0.251   -8.693  4.930   1.00 42.59  ? 93  GLN A CG  1 
ATOM   774  C CD  . GLN A 1 93  ? -1.132  -8.650  4.313   1.00 40.48  ? 93  GLN A CD  1 
ATOM   775  O OE1 . GLN A 1 93  ? -1.252  -8.275  3.153   1.00 45.91  ? 93  GLN A OE1 1 
ATOM   776  N NE2 . GLN A 1 93  ? -2.146  -9.095  5.043   1.00 36.68  ? 93  GLN A NE2 1 
ATOM   777  N N   . SER A 1 94  ? 0.763   -5.657  8.050   1.00 35.68  ? 94  SER A N   1 
ATOM   778  C CA  . SER A 1 94  ? 1.116   -5.010  9.314   1.00 35.85  ? 94  SER A CA  1 
ATOM   779  C C   . SER A 1 94  ? 0.143   -3.882  9.635   1.00 34.34  ? 94  SER A C   1 
ATOM   780  O O   . SER A 1 94  ? -0.386  -3.842  10.730  1.00 33.87  ? 94  SER A O   1 
ATOM   781  C CB  . SER A 1 94  ? 2.557   -4.510  9.273   1.00 36.80  ? 94  SER A CB  1 
ATOM   782  O OG  . SER A 1 94  ? 3.430   -5.627  9.278   1.00 41.05  ? 94  SER A OG  1 
ATOM   783  N N   . LEU A 1 95  ? -0.160  -3.033  8.653   1.00 33.64  ? 95  LEU A N   1 
ATOM   784  C CA  . LEU A 1 95  ? -1.125  -1.963  8.867   1.00 31.41  ? 95  LEU A CA  1 
ATOM   785  C C   . LEU A 1 95  ? -2.475  -2.474  9.252   1.00 34.80  ? 95  LEU A C   1 
ATOM   786  O O   . LEU A 1 95  ? -3.122  -1.932  10.136  1.00 35.02  ? 95  LEU A O   1 
ATOM   787  C CB  . LEU A 1 95  ? -1.287  -1.196  7.575   1.00 34.52  ? 95  LEU A CB  1 
ATOM   788  C CG  . LEU A 1 95  ? -1.195  0.309   7.462   1.00 37.36  ? 95  LEU A CG  1 
ATOM   789  C CD1 . LEU A 1 95  ? -1.916  0.782   6.221   1.00 34.33  ? 95  LEU A CD1 1 
ATOM   790  C CD2 . LEU A 1 95  ? -1.235  1.158   8.779   1.00 37.79  ? 95  LEU A CD2 1 
ATOM   791  N N   . MET A 1 96  ? -2.987  -3.510  8.570   1.00 34.11  ? 96  MET A N   1 
ATOM   792  C CA  . MET A 1 96  ? -4.318  -3.963  8.896   1.00 36.75  ? 96  MET A CA  1 
ATOM   793  C C   . MET A 1 96  ? -4.364  -4.822  10.134  1.00 36.90  ? 96  MET A C   1 
ATOM   794  O O   . MET A 1 96  ? -5.433  -5.029  10.667  1.00 38.36  ? 96  MET A O   1 
ATOM   795  C CB  . MET A 1 96  ? -4.971  -4.614  7.679   1.00 40.26  ? 96  MET A CB  1 
ATOM   796  C CG  . MET A 1 96  ? -4.985  -3.643  6.469   1.00 43.10  ? 96  MET A CG  1 
ATOM   797  S SD  . MET A 1 96  ? -5.559  -1.912  6.782   1.00 46.52  ? 96  MET A SD  1 
ATOM   798  C CE  . MET A 1 96  ? -7.233  -2.374  7.205   1.00 48.72  ? 96  MET A CE  1 
ATOM   799  N N   . ASN A 1 97  ? -3.208  -5.188  10.668  1.00 39.58  ? 97  ASN A N   1 
ATOM   800  C CA  . ASN A 1 97  ? -3.111  -5.908  11.933  1.00 42.92  ? 97  ASN A CA  1 
ATOM   801  C C   . ASN A 1 97  ? -2.633  -4.983  13.067  1.00 44.13  ? 97  ASN A C   1 
ATOM   802  O O   . ASN A 1 97  ? -2.395  -5.407  14.184  1.00 44.80  ? 97  ASN A O   1 
ATOM   803  C CB  . ASN A 1 97  ? -2.180  -7.107  11.761  1.00 45.43  ? 97  ASN A CB  1 
ATOM   804  C CG  . ASN A 1 97  ? -2.823  -8.234  10.967  1.00 50.75  ? 97  ASN A CG  1 
ATOM   805  O OD1 . ASN A 1 97  ? -2.185  -8.822  10.084  1.00 55.72  ? 97  ASN A OD1 1 
ATOM   806  N ND2 . ASN A 1 97  ? -4.112  -8.484  11.208  1.00 56.74  ? 97  ASN A ND2 1 
ATOM   807  N N   . ALA A 1 98  ? -2.644  -3.683  12.802  1.00 43.42  ? 98  ALA A N   1 
ATOM   808  C CA  . ALA A 1 98  ? -2.386  -2.647  13.798  1.00 42.84  ? 98  ALA A CA  1 
ATOM   809  C C   . ALA A 1 98  ? -3.498  -2.463  14.823  1.00 43.20  ? 98  ALA A C   1 
ATOM   810  O O   . ALA A 1 98  ? -4.575  -3.036  14.693  1.00 43.30  ? 98  ALA A O   1 
ATOM   811  C CB  . ALA A 1 98  ? -2.125  -1.332  13.050  1.00 40.67  ? 98  ALA A CB  1 
ATOM   812  N N   . SER A 1 99  ? -3.298  -1.556  15.772  1.00 42.36  ? 99  SER A N   1 
ATOM   813  C CA  . SER A 1 99  ? -4.373  -1.138  16.621  1.00 44.88  ? 99  SER A CA  1 
ATOM   814  C C   . SER A 1 99  ? -5.522  -0.683  15.708  1.00 45.23  ? 99  SER A C   1 
ATOM   815  O O   . SER A 1 99  ? -5.308  -0.242  14.574  1.00 43.60  ? 99  SER A O   1 
ATOM   816  C CB  . SER A 1 99  ? -3.925  -0.007  17.565  1.00 45.29  ? 99  SER A CB  1 
ATOM   817  O OG  . SER A 1 99  ? -3.442  1.087   16.806  1.00 48.32  ? 99  SER A OG  1 
ATOM   818  N N   . THR A 1 100 ? -6.740  -0.857  16.199  1.00 44.06  ? 100 THR A N   1 
ATOM   819  C CA  . THR A 1 100 ? -7.936  -0.484  15.459  1.00 45.82  ? 100 THR A CA  1 
ATOM   820  C C   . THR A 1 100 ? -7.976  0.987   15.074  1.00 44.25  ? 100 THR A C   1 
ATOM   821  O O   . THR A 1 100 ? -8.419  1.384   13.983  1.00 42.17  ? 100 THR A O   1 
ATOM   822  C CB  . THR A 1 100 ? -9.149  -0.856  16.323  1.00 48.23  ? 100 THR A CB  1 
ATOM   823  O OG1 . THR A 1 100 ? -9.315  -2.270  16.228  1.00 53.01  ? 100 THR A OG1 1 
ATOM   824  C CG2 . THR A 1 100 ? -10.410 -0.279  15.740  1.00 50.25  ? 100 THR A CG2 1 
ATOM   825  N N   . ASP A 1 101 ? -7.463  1.809   15.982  1.00 41.48  ? 101 ASP A N   1 
ATOM   826  C CA  . ASP A 1 101 ? -7.420  3.229   15.685  1.00 41.84  ? 101 ASP A CA  1 
ATOM   827  C C   . ASP A 1 101 ? -6.616  3.527   14.451  1.00 37.15  ? 101 ASP A C   1 
ATOM   828  O O   . ASP A 1 101 ? -6.915  4.501   13.783  1.00 40.59  ? 101 ASP A O   1 
ATOM   829  C CB  . ASP A 1 101 ? -6.994  4.074   16.873  1.00 42.51  ? 101 ASP A CB  1 
ATOM   830  C CG  . ASP A 1 101 ? -5.576  3.870   17.282  1.00 48.84  ? 101 ASP A CG  1 
ATOM   831  O OD1 . ASP A 1 101 ? -5.035  2.740   17.182  1.00 55.22  ? 101 ASP A OD1 1 
ATOM   832  O OD2 . ASP A 1 101 ? -4.941  4.816   17.805  1.00 56.51  ? 101 ASP A OD2 1 
ATOM   833  N N   . VAL A 1 102 ? -5.600  2.725   14.161  1.00 33.88  ? 102 VAL A N   1 
ATOM   834  C CA  . VAL A 1 102 ? -4.816  2.896   12.936  1.00 31.35  ? 102 VAL A CA  1 
ATOM   835  C C   . VAL A 1 102 ? -5.452  2.170   11.730  1.00 31.64  ? 102 VAL A C   1 
ATOM   836  O O   . VAL A 1 102 ? -5.670  2.720   10.644  1.00 29.63  ? 102 VAL A O   1 
ATOM   837  C CB  . VAL A 1 102 ? -3.400  2.383   13.169  1.00 32.83  ? 102 VAL A CB  1 
ATOM   838  C CG1 . VAL A 1 102 ? -2.619  2.310   11.881  1.00 32.61  ? 102 VAL A CG1 1 
ATOM   839  C CG2 . VAL A 1 102 ? -2.682  3.277   14.193  1.00 35.00  ? 102 VAL A CG2 1 
ATOM   840  N N   . ALA A 1 103 ? -5.762  0.892   11.936  1.00 32.73  ? 103 ALA A N   1 
ATOM   841  C CA  . ALA A 1 103 ? -6.291  0.089   10.838  1.00 32.09  ? 103 ALA A CA  1 
ATOM   842  C C   . ALA A 1 103 ? -7.613  0.596   10.309  1.00 33.87  ? 103 ALA A C   1 
ATOM   843  O O   . ALA A 1 103 ? -7.914  0.396   9.125   1.00 34.25  ? 103 ALA A O   1 
ATOM   844  C CB  . ALA A 1 103 ? -6.435  -1.393  11.258  1.00 34.78  ? 103 ALA A CB  1 
ATOM   845  N N   . GLU A 1 104 ? -8.435  1.233   11.141  1.00 30.70  ? 104 GLU A N   1 
ATOM   846  C CA  . GLU A 1 104 ? -9.722  1.686   10.661  1.00 33.31  ? 104 GLU A CA  1 
ATOM   847  C C   . GLU A 1 104 ? -9.856  3.194   10.531  1.00 33.03  ? 104 GLU A C   1 
ATOM   848  O O   . GLU A 1 104 ? -10.955 3.702   10.390  1.00 33.90  ? 104 GLU A O   1 
ATOM   849  C CB  . GLU A 1 104 ? -10.825 1.191   11.606  1.00 36.04  ? 104 GLU A CB  1 
ATOM   850  C CG  . GLU A 1 104 ? -10.765 -0.315  11.783  1.00 40.90  ? 104 GLU A CG  1 
ATOM   851  C CD  . GLU A 1 104 ? -11.927 -0.861  12.595  1.00 51.49  ? 104 GLU A CD  1 
ATOM   852  O OE1 . GLU A 1 104 ? -12.651 -0.063  13.242  1.00 57.22  ? 104 GLU A OE1 1 
ATOM   853  O OE2 . GLU A 1 104 ? -12.097 -2.097  12.596  1.00 57.69  ? 104 GLU A OE2 1 
ATOM   854  N N   . CYS A 1 105 ? -8.742  3.902   10.510  1.00 31.25  ? 105 CYS A N   1 
ATOM   855  C CA  . CYS A 1 105 ? -8.795  5.345   10.430  1.00 31.32  ? 105 CYS A CA  1 
ATOM   856  C C   . CYS A 1 105 ? -9.095  5.855   9.034   1.00 32.77  ? 105 CYS A C   1 
ATOM   857  O O   . CYS A 1 105 ? -8.938  5.162   8.026   1.00 30.82  ? 105 CYS A O   1 
ATOM   858  C CB  . CYS A 1 105 ? -7.512  5.962   11.006  1.00 30.28  ? 105 CYS A CB  1 
ATOM   859  S SG  . CYS A 1 105 ? -6.134  5.959   9.903   1.00 31.38  ? 105 CYS A SG  1 
ATOM   860  N N   . ASP A 1 106 ? -9.516  7.123   8.982   1.00 31.67  ? 106 ASP A N   1 
ATOM   861  C CA  . ASP A 1 106 ? -9.932  7.739   7.750   1.00 29.88  ? 106 ASP A CA  1 
ATOM   862  C C   . ASP A 1 106 ? -8.799  7.752   6.726   1.00 28.24  ? 106 ASP A C   1 
ATOM   863  O O   . ASP A 1 106 ? -9.028  7.562   5.542   1.00 28.94  ? 106 ASP A O   1 
ATOM   864  C CB  . ASP A 1 106 ? -10.405 9.180   8.022   1.00 31.52  ? 106 ASP A CB  1 
ATOM   865  C CG  . ASP A 1 106 ? -10.511 9.985   6.762   1.00 34.03  ? 106 ASP A CG  1 
ATOM   866  O OD1 . ASP A 1 106 ? -9.665  10.884  6.538   1.00 33.08  ? 106 ASP A OD1 1 
ATOM   867  O OD2 . ASP A 1 106 ? -11.367 9.726   5.863   1.00 34.30  ? 106 ASP A OD2 1 
ATOM   868  N N   . LEU A 1 107 ? -7.543  7.947   7.129   1.00 26.21  ? 107 LEU A N   1 
ATOM   869  C CA  . LEU A 1 107 ? -6.478  7.980   6.157   1.00 25.55  ? 107 LEU A CA  1 
ATOM   870  C C   . LEU A 1 107 ? -6.344  6.641   5.429   1.00 24.77  ? 107 LEU A C   1 
ATOM   871  O O   . LEU A 1 107 ? -6.070  6.600   4.232   1.00 28.79  ? 107 LEU A O   1 
ATOM   872  C CB  . LEU A 1 107 ? -5.153  8.345   6.800   1.00 25.28  ? 107 LEU A CB  1 
ATOM   873  C CG  . LEU A 1 107 ? -5.098  9.855   7.195   1.00 27.69  ? 107 LEU A CG  1 
ATOM   874  C CD1 . LEU A 1 107 ? -3.871  10.069  8.074   1.00 28.24  ? 107 LEU A CD1 1 
ATOM   875  C CD2 . LEU A 1 107 ? -5.037  10.696  6.005   1.00 29.95  ? 107 LEU A CD2 1 
ATOM   876  N N   . VAL A 1 108 ? -6.394  5.611   6.237   1.00 26.83  ? 108 VAL A N   1 
ATOM   877  C CA  . VAL A 1 108 ? -6.287  4.225   5.712   1.00 27.05  ? 108 VAL A CA  1 
ATOM   878  C C   . VAL A 1 108 ? -7.527  3.883   4.848   1.00 29.36  ? 108 VAL A C   1 
ATOM   879  O O   . VAL A 1 108 ? -7.379  3.415   3.701   1.00 29.96  ? 108 VAL A O   1 
ATOM   880  C CB  . VAL A 1 108 ? -6.143  3.255   6.826   1.00 27.35  ? 108 VAL A CB  1 
ATOM   881  C CG1 . VAL A 1 108 ? -6.261  1.772   6.338   1.00 29.91  ? 108 VAL A CG1 1 
ATOM   882  C CG2 . VAL A 1 108 ? -4.789  3.465   7.527   1.00 28.75  ? 108 VAL A CG2 1 
ATOM   883  N N   . CYS A 1 109 ? -8.724  4.121   5.382   1.00 29.99  ? 109 CYS A N   1 
ATOM   884  C CA  . CYS A 1 109 ? -9.947  3.952   4.565   1.00 33.02  ? 109 CYS A CA  1 
ATOM   885  C C   . CYS A 1 109 ? -9.865  4.686   3.234   1.00 32.05  ? 109 CYS A C   1 
ATOM   886  O O   . CYS A 1 109 ? -10.217 4.120   2.184   1.00 34.89  ? 109 CYS A O   1 
ATOM   887  C CB  . CYS A 1 109 ? -11.221 4.282   5.360   1.00 33.56  ? 109 CYS A CB  1 
ATOM   888  S SG  . CYS A 1 109 ? -11.388 3.211   6.756   1.00 40.57  ? 109 CYS A SG  1 
ATOM   889  N N   . THR A 1 110 ? -9.425  5.943   3.194   1.00 32.13  ? 110 THR A N   1 
ATOM   890  C CA  . THR A 1 110 ? -9.331  6.716   2.001   1.00 32.11  ? 110 THR A CA  1 
ATOM   891  C C   . THR A 1 110 ? -8.376  6.067   1.016   1.00 34.22  ? 110 THR A C   1 
ATOM   892  O O   . THR A 1 110 ? -8.657  6.055   -0.189  1.00 36.18  ? 110 THR A O   1 
ATOM   893  C CB  . THR A 1 110 ? -8.900  8.141   2.327   1.00 32.65  ? 110 THR A CB  1 
ATOM   894  O OG1 . THR A 1 110 ? -9.927  8.741   3.142   1.00 34.59  ? 110 THR A OG1 1 
ATOM   895  C CG2 . THR A 1 110 ? -8.819  9.001   1.116   1.00 36.78  ? 110 THR A CG2 1 
ATOM   896  N N   . PHE A 1 111 ? -7.215  5.603   1.500   1.00 30.56  ? 111 PHE A N   1 
ATOM   897  C CA  . PHE A 1 111 ? -6.220  5.015   0.621   1.00 29.73  ? 111 PHE A CA  1 
ATOM   898  C C   . PHE A 1 111 ? -6.882  3.870   -0.162  1.00 30.20  ? 111 PHE A C   1 
ATOM   899  O O   . PHE A 1 111 ? -6.469  3.604   -1.268  1.00 32.11  ? 111 PHE A O   1 
ATOM   900  C CB  . PHE A 1 111 ? -5.060  4.485   1.467   1.00 31.64  ? 111 PHE A CB  1 
ATOM   901  C CG  . PHE A 1 111 ? -3.983  3.824   0.702   1.00 29.22  ? 111 PHE A CG  1 
ATOM   902  C CD1 . PHE A 1 111 ? -3.031  4.553   -0.014  1.00 28.44  ? 111 PHE A CD1 1 
ATOM   903  C CD2 . PHE A 1 111 ? -3.952  2.444   0.681   1.00 29.64  ? 111 PHE A CD2 1 
ATOM   904  C CE1 . PHE A 1 111 ? -2.060  3.888   -0.742  1.00 29.96  ? 111 PHE A CE1 1 
ATOM   905  C CE2 . PHE A 1 111 ? -2.985  1.776   0.019   1.00 29.26  ? 111 PHE A CE2 1 
ATOM   906  C CZ  . PHE A 1 111 ? -2.048  2.460   -0.693  1.00 28.13  ? 111 PHE A CZ  1 
ATOM   907  N N   . PHE A 1 112 ? -7.762  3.116   0.477   1.00 30.75  ? 112 PHE A N   1 
ATOM   908  C CA  . PHE A 1 112 ? -8.311  1.880   -0.113  1.00 33.67  ? 112 PHE A CA  1 
ATOM   909  C C   . PHE A 1 112 ? -9.564  2.109   -0.965  1.00 38.11  ? 112 PHE A C   1 
ATOM   910  O O   . PHE A 1 112 ? -10.121 1.140   -1.528  1.00 41.17  ? 112 PHE A O   1 
ATOM   911  C CB  . PHE A 1 112 ? -8.633  0.835   0.949   1.00 34.13  ? 112 PHE A CB  1 
ATOM   912  C CG  . PHE A 1 112 ? -7.417  0.197   1.556   1.00 36.27  ? 112 PHE A CG  1 
ATOM   913  C CD1 . PHE A 1 112 ? -7.175  0.220   2.913   1.00 33.10  ? 112 PHE A CD1 1 
ATOM   914  C CD2 . PHE A 1 112 ? -6.507  -0.448  0.736   1.00 33.69  ? 112 PHE A CD2 1 
ATOM   915  C CE1 . PHE A 1 112 ? -6.026  -0.429  3.427   1.00 32.34  ? 112 PHE A CE1 1 
ATOM   916  C CE2 . PHE A 1 112 ? -5.349  -1.054  1.240   1.00 36.03  ? 112 PHE A CE2 1 
ATOM   917  C CZ  . PHE A 1 112 ? -5.096  -1.011  2.599   1.00 35.20  ? 112 PHE A CZ  1 
ATOM   918  N N   . HIS A 1 113 ? -10.002 3.348   -1.023  1.00 37.59  ? 113 HIS A N   1 
ATOM   919  C CA  . HIS A 1 113 ? -11.194 3.749   -1.770  1.00 42.57  ? 113 HIS A CA  1 
ATOM   920  C C   . HIS A 1 113 ? -10.819 4.330   -3.129  1.00 41.00  ? 113 HIS A C   1 
ATOM   921  O O   . HIS A 1 113 ? -9.972  5.206   -3.248  1.00 41.07  ? 113 HIS A O   1 
ATOM   922  C CB  . HIS A 1 113 ? -12.046 4.729   -0.939  1.00 44.25  ? 113 HIS A CB  1 
ATOM   923  C CG  . HIS A 1 113 ? -12.965 4.048   0.036   1.00 52.01  ? 113 HIS A CG  1 
ATOM   924  N ND1 . HIS A 1 113 ? -13.660 4.721   1.020   1.00 60.00  ? 113 HIS A ND1 1 
ATOM   925  C CD2 . HIS A 1 113 ? -13.300 2.739   0.175   1.00 62.05  ? 113 HIS A CD2 1 
ATOM   926  C CE1 . HIS A 1 113 ? -14.359 3.857   1.739   1.00 60.83  ? 113 HIS A CE1 1 
ATOM   927  N NE2 . HIS A 1 113 ? -14.177 2.649   1.232   1.00 62.82  ? 113 HIS A NE2 1 
ATOM   928  N N   . GLY A 1 114 ? -11.493 3.883   -4.190  1.00 43.96  ? 114 GLY A N   1 
ATOM   929  C CA  . GLY A 1 114 ? -11.338 4.514   -5.502  1.00 44.49  ? 114 GLY A CA  1 
ATOM   930  C C   . GLY A 1 114 ? -10.266 3.806   -6.339  1.00 47.64  ? 114 GLY A C   1 
ATOM   931  O O   . GLY A 1 114 ? -9.097  3.781   -5.938  1.00 45.11  ? 114 GLY A O   1 
ATOM   932  N N   . SER A 1 115 ? -10.631 3.269   -7.515  1.00 47.04  ? 115 SER A N   1 
ATOM   933  C CA  . SER A 1 115 ? -9.695  2.523   -8.369  1.00 48.78  ? 115 SER A CA  1 
ATOM   934  C C   . SER A 1 115 ? -8.385  3.285   -8.529  1.00 49.92  ? 115 SER A C   1 
ATOM   935  O O   . SER A 1 115 ? -7.316  2.715   -8.395  1.00 40.81  ? 115 SER A O   1 
ATOM   936  C CB  . SER A 1 115 ? -10.280 2.266   -9.768  1.00 49.63  ? 115 SER A CB  1 
ATOM   937  O OG  . SER A 1 115 ? -11.663 1.929   -9.671  1.00 56.21  ? 115 SER A OG  1 
ATOM   938  N N   . HIS A 1 116 ? -8.486  4.581   -8.819  1.00 53.43  ? 116 HIS A N   1 
ATOM   939  C CA  . HIS A 1 116 ? -7.344  5.391   -9.222  1.00 58.33  ? 116 HIS A CA  1 
ATOM   940  C C   . HIS A 1 116 ? -7.365  6.708   -8.450  1.00 61.70  ? 116 HIS A C   1 
ATOM   941  O O   . HIS A 1 116 ? -6.328  7.215   -8.004  1.00 62.46  ? 116 HIS A O   1 
ATOM   942  C CB  . HIS A 1 116 ? -7.394  5.649   -10.729 1.00 59.36  ? 116 HIS A CB  1 
ATOM   943  C CG  . HIS A 1 116 ? -7.183  4.412   -11.547 1.00 62.65  ? 116 HIS A CG  1 
ATOM   944  N ND1 . HIS A 1 116 ? -5.987  3.726   -11.559 1.00 66.29  ? 116 HIS A ND1 1 
ATOM   945  C CD2 . HIS A 1 116 ? -8.022  3.724   -12.356 1.00 65.59  ? 116 HIS A CD2 1 
ATOM   946  C CE1 . HIS A 1 116 ? -6.098  2.675   -12.353 1.00 68.17  ? 116 HIS A CE1 1 
ATOM   947  N NE2 . HIS A 1 116 ? -7.325  2.645   -12.841 1.00 66.57  ? 116 HIS A NE2 1 
ATOM   948  N N   . HIS A 1 117 ? -8.562  7.256   -8.323  1.00 65.38  ? 117 HIS A N   1 
ATOM   949  C CA  . HIS A 1 117 ? -9.260  7.278   -7.036  1.00 68.83  ? 117 HIS A CA  1 
ATOM   950  C C   . HIS A 1 117 ? -10.719 7.675   -7.300  1.00 69.81  ? 117 HIS A C   1 
ATOM   951  O O   . HIS A 1 117 ? -11.294 7.357   -8.354  1.00 71.73  ? 117 HIS A O   1 
ATOM   952  C CB  . HIS A 1 117 ? -8.630  8.298   -6.067  1.00 70.20  ? 117 HIS A CB  1 
ATOM   953  C CG  . HIS A 1 117 ? -7.560  7.765   -5.156  1.00 71.49  ? 117 HIS A CG  1 
ATOM   954  N ND1 . HIS A 1 117 ? -7.612  7.939   -3.787  1.00 76.91  ? 117 HIS A ND1 1 
ATOM   955  C CD2 . HIS A 1 117 ? -6.345  7.222   -5.412  1.00 74.13  ? 117 HIS A CD2 1 
ATOM   956  C CE1 . HIS A 1 117 ? -6.499  7.487   -3.236  1.00 71.86  ? 117 HIS A CE1 1 
ATOM   957  N NE2 . HIS A 1 117 ? -5.713  7.044   -4.202  1.00 74.48  ? 117 HIS A NE2 1 
HETATM 958  C C1  . GOL B 2 .   ? -16.479 -16.234 -7.839  1.00 94.53  ? 301 GOL A C1  1 
HETATM 959  O O1  . GOL B 2 .   ? -15.994 -15.328 -8.805  1.00 94.48  ? 301 GOL A O1  1 
HETATM 960  C C2  . GOL B 2 .   ? -15.355 -16.842 -7.009  1.00 95.85  ? 301 GOL A C2  1 
HETATM 961  O O2  . GOL B 2 .   ? -14.837 -17.934 -7.738  1.00 95.95  ? 301 GOL A O2  1 
HETATM 962  C C3  . GOL B 2 .   ? -14.232 -15.862 -6.670  1.00 96.57  ? 301 GOL A C3  1 
HETATM 963  O O3  . GOL B 2 .   ? -14.510 -15.144 -5.485  1.00 97.18  ? 301 GOL A O3  1 
HETATM 964  C C1  . GOL C 2 .   ? -8.221  -15.808 -8.574  1.00 80.45  ? 302 GOL A C1  1 
HETATM 965  O O1  . GOL C 2 .   ? -8.687  -17.143 -8.550  1.00 80.12  ? 302 GOL A O1  1 
HETATM 966  C C2  . GOL C 2 .   ? -9.319  -14.763 -8.357  1.00 81.24  ? 302 GOL A C2  1 
HETATM 967  O O2  . GOL C 2 .   ? -8.773  -13.502 -8.686  1.00 80.17  ? 302 GOL A O2  1 
HETATM 968  C C3  . GOL C 2 .   ? -10.573 -14.959 -9.210  1.00 80.29  ? 302 GOL A C3  1 
HETATM 969  O O3  . GOL C 2 .   ? -11.502 -15.849 -8.629  1.00 82.89  ? 302 GOL A O3  1 
HETATM 970  C C1  . GOL D 2 .   ? 13.523  -9.349  -6.252  1.00 89.87  ? 303 GOL A C1  1 
HETATM 971  O O1  . GOL D 2 .   ? 14.106  -8.104  -6.576  1.00 88.79  ? 303 GOL A O1  1 
HETATM 972  C C2  . GOL D 2 .   ? 13.306  -9.490  -4.744  1.00 89.99  ? 303 GOL A C2  1 
HETATM 973  O O2  . GOL D 2 .   ? 11.925  -9.495  -4.486  1.00 87.54  ? 303 GOL A O2  1 
HETATM 974  C C3  . GOL D 2 .   ? 13.902  -10.767 -4.150  1.00 90.47  ? 303 GOL A C3  1 
HETATM 975  O O3  . GOL D 2 .   ? 15.270  -10.924 -4.473  1.00 92.19  ? 303 GOL A O3  1 
HETATM 976  C C1  . GOL E 2 .   ? 1.981   -1.902  14.246  1.00 74.41  ? 304 GOL A C1  1 
HETATM 977  O O1  . GOL E 2 .   ? 1.047   -2.605  15.036  1.00 75.45  ? 304 GOL A O1  1 
HETATM 978  C C2  . GOL E 2 .   ? 3.133   -1.466  15.143  1.00 75.39  ? 304 GOL A C2  1 
HETATM 979  O O2  . GOL E 2 .   ? 2.634   -0.958  16.362  1.00 71.77  ? 304 GOL A O2  1 
HETATM 980  C C3  . GOL E 2 .   ? 4.060   -2.651  15.389  1.00 78.23  ? 304 GOL A C3  1 
HETATM 981  O O3  . GOL E 2 .   ? 3.873   -3.137  16.702  1.00 82.62  ? 304 GOL A O3  1 
HETATM 982  C C1  . GOL F 2 .   ? -15.095 -6.775  -9.527  1.00 54.91  ? 305 GOL A C1  1 
HETATM 983  O O1  . GOL F 2 .   ? -15.977 -7.456  -8.667  1.00 53.80  ? 305 GOL A O1  1 
HETATM 984  C C2  . GOL F 2 .   ? -13.677 -7.215  -9.268  1.00 53.42  ? 305 GOL A C2  1 
HETATM 985  O O2  . GOL F 2 .   ? -13.332 -6.593  -8.063  1.00 60.57  ? 305 GOL A O2  1 
HETATM 986  C C3  . GOL F 2 .   ? -13.478 -8.734  -9.380  1.00 51.18  ? 305 GOL A C3  1 
HETATM 987  O O3  . GOL F 2 .   ? -13.401 -9.432  -8.146  1.00 44.37  ? 305 GOL A O3  1 
HETATM 988  C C1  . GOL G 2 .   ? -2.846  5.837   -8.843  1.00 83.01  ? 306 GOL A C1  1 
HETATM 989  O O1  . GOL G 2 .   ? -4.101  5.752   -8.209  1.00 81.30  ? 306 GOL A O1  1 
HETATM 990  C C2  . GOL G 2 .   ? -3.033  5.903   -10.355 1.00 85.53  ? 306 GOL A C2  1 
HETATM 991  O O2  . GOL G 2 .   ? -4.186  6.660   -10.652 1.00 87.16  ? 306 GOL A O2  1 
HETATM 992  C C3  . GOL G 2 .   ? -1.817  6.535   -11.026 1.00 85.75  ? 306 GOL A C3  1 
HETATM 993  O O3  . GOL G 2 .   ? -1.125  7.341   -10.095 1.00 85.64  ? 306 GOL A O3  1 
HETATM 994  O O   . HOH H 3 .   ? 0.740   -9.048  -13.786 1.00 31.31  ? 307 HOH A O   1 
HETATM 995  O O   . HOH H 3 .   ? -6.388  -9.554  -0.698  1.00 37.37  ? 308 HOH A O   1 
HETATM 996  O O   . HOH H 3 .   ? 7.664   9.287   9.394   1.00 44.38  ? 309 HOH A O   1 
HETATM 997  O O   . HOH H 3 .   ? -1.679  8.185   -0.685  1.00 33.39  ? 310 HOH A O   1 
HETATM 998  O O   . HOH H 3 .   ? 5.129   13.017  7.532   1.00 32.93  ? 311 HOH A O   1 
HETATM 999  O O   . HOH H 3 .   ? 7.260   11.140  7.747   1.00 38.72  ? 312 HOH A O   1 
HETATM 1000 O O   . HOH H 3 .   ? -5.187  8.553   2.595   1.00 35.58  ? 313 HOH A O   1 
HETATM 1001 O O   . HOH H 3 .   ? -1.039  0.259   16.175  1.00 42.21  ? 314 HOH A O   1 
HETATM 1002 O O   . HOH H 3 .   ? 6.090   -0.700  18.159  1.00 38.40  ? 315 HOH A O   1 
HETATM 1003 O O   . HOH H 3 .   ? 8.020   1.274   -7.948  1.00 44.72  ? 316 HOH A O   1 
HETATM 1004 O O   . HOH H 3 .   ? 5.989   5.870   -7.160  1.00 42.78  ? 317 HOH A O   1 
HETATM 1005 O O   . HOH H 3 .   ? 7.675   -3.853  4.379   1.00 41.16  ? 318 HOH A O   1 
HETATM 1006 O O   . HOH H 3 .   ? 6.844   3.249   11.793  1.00 41.68  ? 319 HOH A O   1 
HETATM 1007 O O   . HOH H 3 .   ? 6.542   -3.024  6.673   1.00 41.07  ? 320 HOH A O   1 
HETATM 1008 O O   . HOH H 3 .   ? -12.874 2.525   -12.128 1.00 69.55  ? 321 HOH A O   1 
HETATM 1009 O O   . HOH H 3 .   ? -8.975  -12.355 -6.600  1.00 48.30  ? 322 HOH A O   1 
HETATM 1010 O O   . HOH H 3 .   ? 3.692   -8.135  7.492   1.00 42.09  ? 323 HOH A O   1 
HETATM 1011 O O   . HOH H 3 .   ? -5.462  13.769  3.481   1.00 46.59  ? 324 HOH A O   1 
HETATM 1012 O O   . HOH H 3 .   ? -2.822  12.963  16.708  1.00 44.84  ? 325 HOH A O   1 
HETATM 1013 O O   . HOH H 3 .   ? -14.452 -13.943 -3.147  1.00 79.89  ? 326 HOH A O   1 
HETATM 1014 O O   . HOH H 3 .   ? -6.189  10.986  2.604   1.00 37.55  ? 327 HOH A O   1 
HETATM 1015 O O   . HOH H 3 .   ? 5.589   3.202   -8.105  1.00 39.43  ? 328 HOH A O   1 
HETATM 1016 O O   . HOH H 3 .   ? -2.608  9.161   1.740   1.00 39.72  ? 329 HOH A O   1 
HETATM 1017 O O   . HOH H 3 .   ? -11.646 -0.393  -8.320  1.00 47.70  ? 330 HOH A O   1 
HETATM 1018 O O   . HOH H 3 .   ? 4.891   -9.860  1.605   1.00 44.37  ? 331 HOH A O   1 
HETATM 1019 O O   . HOH H 3 .   ? 6.128   15.484  8.033   1.00 44.45  ? 332 HOH A O   1 
HETATM 1020 O O   . HOH H 3 .   ? 9.530   3.206   9.007   1.00 50.14  ? 333 HOH A O   1 
HETATM 1021 O O   . HOH H 3 .   ? -1.984  7.796   18.794  1.00 60.21  ? 334 HOH A O   1 
HETATM 1022 O O   . HOH H 3 .   ? 0.195   -6.626  -15.284 1.00 43.73  ? 335 HOH A O   1 
HETATM 1023 O O   . HOH H 3 .   ? 3.658   -6.968  -14.673 1.00 36.29  ? 336 HOH A O   1 
HETATM 1024 O O   . HOH H 3 .   ? -4.850  -8.883  4.869   1.00 53.73  ? 337 HOH A O   1 
HETATM 1025 O O   . HOH H 3 .   ? -9.909  4.216   13.643  1.00 45.42  ? 338 HOH A O   1 
HETATM 1026 O O   . HOH H 3 .   ? -6.279  -4.604  13.223  1.00 50.23  ? 339 HOH A O   1 
HETATM 1027 O O   . HOH H 3 .   ? -8.185  11.808  4.582   1.00 48.55  ? 340 HOH A O   1 
HETATM 1028 O O   . HOH H 3 .   ? 8.193   7.938   -2.488  1.00 70.57  ? 341 HOH A O   1 
HETATM 1029 O O   . HOH H 3 .   ? -3.122  -11.221 -3.634  1.00 41.95  ? 342 HOH A O   1 
HETATM 1030 O O   . HOH H 3 .   ? 1.700   -10.211 -2.635  1.00 54.66  ? 343 HOH A O   1 
HETATM 1031 O O   . HOH H 3 .   ? -11.824 -13.954 -4.769  1.00 67.90  ? 344 HOH A O   1 
HETATM 1032 O O   . HOH H 3 .   ? -10.139 -3.617  8.765   1.00 56.62  ? 345 HOH A O   1 
HETATM 1033 O O   . HOH H 3 .   ? -6.786  -14.795 8.592   1.00 83.92  ? 346 HOH A O   1 
HETATM 1034 O O   . HOH H 3 .   ? -6.070  -7.993  6.939   1.00 66.13  ? 347 HOH A O   1 
HETATM 1035 O O   . HOH H 3 .   ? -13.611 -14.413 2.821   1.00 67.57  ? 348 HOH A O   1 
HETATM 1036 O O   . HOH H 3 .   ? -11.578 -15.258 1.205   1.00 68.67  ? 349 HOH A O   1 
HETATM 1037 O O   . HOH H 3 .   ? -4.412  -11.026 2.979   1.00 60.81  ? 350 HOH A O   1 
HETATM 1038 O O   . HOH H 3 .   ? -5.195  -13.339 -1.005  1.00 76.35  ? 351 HOH A O   1 
HETATM 1039 O O   . HOH H 3 .   ? 1.359   -6.045  -17.518 1.00 58.04  ? 352 HOH A O   1 
HETATM 1040 O O   . HOH H 3 .   ? -2.797  -4.043  -14.318 1.00 62.23  ? 353 HOH A O   1 
HETATM 1041 O O   . HOH H 3 .   ? 4.978   -3.634  -16.992 1.00 61.92  ? 354 HOH A O   1 
HETATM 1042 O O   . HOH H 3 .   ? -4.875  -13.252 -4.224  1.00 59.05  ? 355 HOH A O   1 
HETATM 1043 O O   . HOH H 3 .   ? -12.577 -11.998 -8.075  1.00 53.34  ? 356 HOH A O   1 
HETATM 1044 O O   . HOH H 3 .   ? -11.888 -0.480  -2.851  1.00 53.62  ? 357 HOH A O   1 
HETATM 1045 O O   . HOH H 3 .   ? -17.173 1.319   1.487   1.00 69.98  ? 358 HOH A O   1 
HETATM 1046 O O   . HOH H 3 .   ? -18.095 -2.465  -0.323  1.00 71.08  ? 359 HOH A O   1 
HETATM 1047 O O   . HOH H 3 .   ? -20.993 -11.469 -6.579  1.00 54.99  ? 360 HOH A O   1 
HETATM 1048 O O   . HOH H 3 .   ? -19.790 -13.683 -7.611  1.00 53.74  ? 361 HOH A O   1 
HETATM 1049 O O   . HOH H 3 .   ? 5.228   10.077  -1.534  1.00 49.81  ? 362 HOH A O   1 
HETATM 1050 O O   . HOH H 3 .   ? 9.009   8.378   5.748   1.00 63.12  ? 363 HOH A O   1 
HETATM 1051 O O   . HOH H 3 .   ? 1.560   10.721  -3.995  1.00 74.73  ? 364 HOH A O   1 
HETATM 1052 O O   . HOH H 3 .   ? -5.058  7.936   -0.372  1.00 50.64  ? 365 HOH A O   1 
HETATM 1053 O O   . HOH H 3 .   ? 8.836   7.102   8.848   1.00 56.00  ? 366 HOH A O   1 
HETATM 1054 O O   . HOH H 3 .   ? 9.237   12.619  7.593   1.00 65.66  ? 367 HOH A O   1 
HETATM 1055 O O   . HOH H 3 .   ? 8.600   10.923  1.374   1.00 61.32  ? 368 HOH A O   1 
HETATM 1056 O O   . HOH H 3 .   ? 7.043   -3.085  10.422  1.00 51.39  ? 369 HOH A O   1 
HETATM 1057 O O   . HOH H 3 .   ? 6.080   -4.835  8.077   1.00 55.89  ? 370 HOH A O   1 
HETATM 1058 O O   . HOH H 3 .   ? 7.506   -7.249  8.073   1.00 67.41  ? 371 HOH A O   1 
HETATM 1059 O O   . HOH H 3 .   ? 9.313   -5.852  4.452   1.00 53.75  ? 372 HOH A O   1 
HETATM 1060 O O   . HOH H 3 .   ? -23.941 -5.815  0.478   1.00 85.06  ? 373 HOH A O   1 
HETATM 1061 O O   . HOH H 3 .   ? 8.423   -9.946  -6.070  1.00 46.64  ? 374 HOH A O   1 
HETATM 1062 O O   . HOH H 3 .   ? 7.466   -10.052 -8.736  1.00 66.01  ? 375 HOH A O   1 
HETATM 1063 O O   . HOH H 3 .   ? 11.756  -9.874  0.806   1.00 69.65  ? 376 HOH A O   1 
HETATM 1064 O O   . HOH H 3 .   ? 11.656  -7.503  0.004   1.00 79.77  ? 377 HOH A O   1 
HETATM 1065 O O   . HOH H 3 .   ? 4.449   -10.465 -2.285  1.00 52.98  ? 378 HOH A O   1 
HETATM 1066 O O   . HOH H 3 .   ? 4.730   -11.779 -0.192  1.00 52.80  ? 379 HOH A O   1 
HETATM 1067 O O   . HOH H 3 .   ? 0.080   -11.885 -1.089  1.00 70.99  ? 380 HOH A O   1 
HETATM 1068 O O   . HOH H 3 .   ? -1.019  -13.093 -3.338  1.00 76.65  ? 381 HOH A O   1 
HETATM 1069 O O   . HOH H 3 .   ? 8.779   -7.733  3.233   1.00 55.33  ? 382 HOH A O   1 
HETATM 1070 O O   . HOH H 3 .   ? 1.339   -12.015 6.824   1.00 68.73  ? 383 HOH A O   1 
HETATM 1071 O O   . HOH H 3 .   ? 4.727   -11.740 9.065   1.00 80.57  ? 384 HOH A O   1 
HETATM 1072 O O   . HOH H 3 .   ? -4.011  -11.507 9.939   1.00 79.06  ? 385 HOH A O   1 
HETATM 1073 O O   . HOH H 3 .   ? -8.267  -5.969  13.987  1.00 89.79  ? 386 HOH A O   1 
HETATM 1074 O O   . HOH H 3 .   ? -15.260 -2.259  12.238  1.00 78.21  ? 387 HOH A O   1 
HETATM 1075 O O   . HOH H 3 .   ? -12.460 8.684   0.251   1.00 62.91  ? 388 HOH A O   1 
HETATM 1076 O O   . HOH H 3 .   ? -13.784 -0.248  9.246   1.00 75.25  ? 389 HOH A O   1 
HETATM 1077 O O   . HOH H 3 .   ? -11.626 -1.468  7.660   1.00 57.56  ? 390 HOH A O   1 
HETATM 1078 O O   . HOH H 3 .   ? -15.081 -7.247  -1.104  1.00 46.53  ? 391 HOH A O   1 
HETATM 1079 O O   . HOH H 3 .   ? 11.660  0.296   -1.793  1.00 63.60  ? 392 HOH A O   1 
HETATM 1080 O O   . HOH H 3 .   ? 6.766   -7.711  -14.512 1.00 62.15  ? 393 HOH A O   1 
HETATM 1081 O O   . HOH H 3 .   ? 7.927   -9.288  -13.328 1.00 67.07  ? 394 HOH A O   1 
HETATM 1082 O O   . HOH H 3 .   ? -13.242 6.566   2.866   1.00 78.42  ? 395 HOH A O   1 
HETATM 1083 O O   . HOH H 3 .   ? -12.872 7.447   5.559   1.00 55.07  ? 396 HOH A O   1 
HETATM 1084 O O   . HOH H 3 .   ? -5.640  7.788   18.419  1.00 68.68  ? 397 HOH A O   1 
HETATM 1085 O O   . HOH H 3 .   ? 0.291   9.027   -9.424  1.00 63.01  ? 398 HOH A O   1 
# 
loop_
_pdbx_poly_seq_scheme.asym_id 
_pdbx_poly_seq_scheme.entity_id 
_pdbx_poly_seq_scheme.seq_id 
_pdbx_poly_seq_scheme.mon_id 
_pdbx_poly_seq_scheme.ndb_seq_num 
_pdbx_poly_seq_scheme.pdb_seq_num 
_pdbx_poly_seq_scheme.auth_seq_num 
_pdbx_poly_seq_scheme.pdb_mon_id 
_pdbx_poly_seq_scheme.auth_mon_id 
_pdbx_poly_seq_scheme.pdb_strand_id 
_pdbx_poly_seq_scheme.pdb_ins_code 
_pdbx_poly_seq_scheme.hetero 
A 1 1   MET 1   1   1   MET MET A . n 
A 1 2   ASP 2   2   2   ASP ASP A . n 
A 1 3   GLY 3   3   3   GLY GLY A . n 
A 1 4   ARG 4   4   4   ARG ARG A . n 
A 1 5   ILE 5   5   5   ILE ILE A . n 
A 1 6   LYS 6   6   6   LYS LYS A . n 
A 1 7   GLU 7   7   7   GLU GLU A . n 
A 1 8   VAL 8   8   8   VAL VAL A . n 
A 1 9   SER 9   9   9   SER SER A . n 
A 1 10  VAL 10  10  10  VAL VAL A . n 
A 1 11  PHE 11  11  11  PHE PHE A . n 
A 1 12  THR 12  12  12  THR THR A . n 
A 1 13  TYR 13  13  13  TYR TYR A . n 
A 1 14  HIS 14  14  14  HIS HIS A . n 
A 1 15  LYS 15  15  15  LYS LYS A . n 
A 1 16  LYS 16  16  16  LYS LYS A . n 
A 1 17  TYR 17  17  17  TYR TYR A . n 
A 1 18  ASN 18  18  18  ASN ASN A . n 
A 1 19  PRO 19  19  19  PRO PRO A . n 
A 1 20  ASP 20  20  20  ASP ASP A . n 
A 1 21  LYS 21  21  21  LYS LYS A . n 
A 1 22  HIS 22  22  22  HIS HIS A . n 
A 1 23  TYR 23  23  23  TYR TYR A . n 
A 1 24  ILE 24  24  24  ILE ILE A . n 
A 1 25  TYR 25  25  25  TYR TYR A . n 
A 1 26  VAL 26  26  26  VAL VAL A . n 
A 1 27  VAL 27  27  27  VAL VAL A . n 
A 1 28  ARG 28  28  28  ARG ARG A . n 
A 1 29  ILE 29  29  29  ILE ILE A . n 
A 1 30  LEU 30  30  30  LEU LEU A . n 
A 1 31  ARG 31  31  31  ARG ARG A . n 
A 1 32  GLU 32  32  32  GLU GLU A . n 
A 1 33  GLY 33  33  33  GLY GLY A . n 
A 1 34  GLN 34  34  34  GLN GLN A . n 
A 1 35  ILE 35  35  35  ILE ILE A . n 
A 1 36  GLU 36  36  36  GLU GLU A . n 
A 1 37  PRO 37  37  37  PRO PRO A . n 
A 1 38  SER 38  38  38  SER SER A . n 
A 1 39  PHE 39  39  39  PHE PHE A . n 
A 1 40  VAL 40  40  40  VAL VAL A . n 
A 1 41  PHE 41  41  41  PHE PHE A . n 
A 1 42  ARG 42  42  42  ARG ARG A . n 
A 1 43  THR 43  43  43  THR THR A . n 
A 1 44  PHE 44  44  44  PHE PHE A . n 
A 1 45  ASP 45  45  45  ASP ASP A . n 
A 1 46  GLU 46  46  46  GLU GLU A . n 
A 1 47  PHE 47  47  47  PHE PHE A . n 
A 1 48  GLN 48  48  48  GLN GLN A . n 
A 1 49  GLU 49  49  49  GLU GLU A . n 
A 1 50  LEU 50  50  50  LEU LEU A . n 
A 1 51  HIS 51  51  51  HIS HIS A . n 
A 1 52  ASN 52  52  52  ASN ASN A . n 
A 1 53  LYS 53  53  53  LYS LYS A . n 
A 1 54  LEU 54  54  54  LEU LEU A . n 
A 1 55  SER 55  55  55  SER SER A . n 
A 1 56  ILE 56  56  56  ILE ILE A . n 
A 1 57  ILE 57  57  57  ILE ILE A . n 
A 1 58  PHE 58  58  58  PHE PHE A . n 
A 1 59  PRO 59  59  59  PRO PRO A . n 
A 1 60  LEU 60  60  60  LEU LEU A . n 
A 1 61  TRP 61  61  61  TRP TRP A . n 
A 1 62  LYS 62  62  62  LYS LYS A . n 
A 1 63  LEU 63  63  63  LEU LEU A . n 
A 1 64  PRO 64  64  64  PRO PRO A . n 
A 1 65  GLY 65  65  65  GLY GLY A . n 
A 1 66  PHE 66  66  66  PHE PHE A . n 
A 1 67  PRO 67  67  67  PRO PRO A . n 
A 1 68  ASN 68  68  68  ASN ASN A . n 
A 1 69  ARG 69  69  69  ARG ARG A . n 
A 1 70  MET 70  70  70  MET MET A . n 
A 1 71  VAL 71  71  71  VAL VAL A . n 
A 1 72  LEU 72  72  72  LEU LEU A . n 
A 1 73  GLY 73  73  73  GLY GLY A . n 
A 1 74  ARG 74  74  74  ARG ARG A . n 
A 1 75  THR 75  75  75  THR THR A . n 
A 1 76  HIS 76  76  76  HIS HIS A . n 
A 1 77  ILE 77  77  77  ILE ILE A . n 
A 1 78  LYS 78  78  78  LYS LYS A . n 
A 1 79  ASP 79  79  79  ASP ASP A . n 
A 1 80  VAL 80  80  80  VAL VAL A . n 
A 1 81  ALA 81  81  81  ALA ALA A . n 
A 1 82  ALA 82  82  82  ALA ALA A . n 
A 1 83  LYS 83  83  83  LYS LYS A . n 
A 1 84  ARG 84  84  84  ARG ARG A . n 
A 1 85  LYS 85  85  85  LYS LYS A . n 
A 1 86  ILE 86  86  86  ILE ILE A . n 
A 1 87  GLU 87  87  87  GLU GLU A . n 
A 1 88  LEU 88  88  88  LEU LEU A . n 
A 1 89  ASN 89  89  89  ASN ASN A . n 
A 1 90  SER 90  90  90  SER SER A . n 
A 1 91  TYR 91  91  91  TYR TYR A . n 
A 1 92  LEU 92  92  92  LEU LEU A . n 
A 1 93  GLN 93  93  93  GLN GLN A . n 
A 1 94  SER 94  94  94  SER SER A . n 
A 1 95  LEU 95  95  95  LEU LEU A . n 
A 1 96  MET 96  96  96  MET MET A . n 
A 1 97  ASN 97  97  97  ASN ASN A . n 
A 1 98  ALA 98  98  98  ALA ALA A . n 
A 1 99  SER 99  99  99  SER SER A . n 
A 1 100 THR 100 100 100 THR THR A . n 
A 1 101 ASP 101 101 101 ASP ASP A . n 
A 1 102 VAL 102 102 102 VAL VAL A . n 
A 1 103 ALA 103 103 103 ALA ALA A . n 
A 1 104 GLU 104 104 104 GLU GLU A . n 
A 1 105 CYS 105 105 105 CYS CYS A . n 
A 1 106 ASP 106 106 106 ASP ASP A . n 
A 1 107 LEU 107 107 107 LEU LEU A . n 
A 1 108 VAL 108 108 108 VAL VAL A . n 
A 1 109 CYS 109 109 109 CYS CYS A . n 
A 1 110 THR 110 110 110 THR THR A . n 
A 1 111 PHE 111 111 111 PHE PHE A . n 
A 1 112 PHE 112 112 112 PHE PHE A . n 
A 1 113 HIS 113 113 113 HIS HIS A . n 
A 1 114 GLY 114 114 114 GLY GLY A . n 
A 1 115 SER 115 115 115 SER SER A . n 
A 1 116 HIS 116 116 116 HIS HIS A . n 
A 1 117 HIS 117 117 117 HIS HIS A . n 
A 1 118 HIS 118 118 ?   ?   ?   A . n 
A 1 119 HIS 119 119 ?   ?   ?   A . n 
A 1 120 HIS 120 120 ?   ?   ?   A . n 
A 1 121 HIS 121 121 ?   ?   ?   A . n 
# 
loop_
_pdbx_nonpoly_scheme.asym_id 
_pdbx_nonpoly_scheme.entity_id 
_pdbx_nonpoly_scheme.mon_id 
_pdbx_nonpoly_scheme.ndb_seq_num 
_pdbx_nonpoly_scheme.pdb_seq_num 
_pdbx_nonpoly_scheme.auth_seq_num 
_pdbx_nonpoly_scheme.pdb_mon_id 
_pdbx_nonpoly_scheme.auth_mon_id 
_pdbx_nonpoly_scheme.pdb_strand_id 
_pdbx_nonpoly_scheme.pdb_ins_code 
B 2 GOL 1  301 301 GOL GOL A . 
C 2 GOL 1  302 302 GOL GOL A . 
D 2 GOL 1  303 303 GOL GOL A . 
E 2 GOL 1  304 304 GOL GOL A . 
F 2 GOL 1  305 305 GOL GOL A . 
G 2 GOL 1  306 306 GOL GOL A . 
H 3 HOH 1  307 1   HOH HOH A . 
H 3 HOH 2  308 2   HOH HOH A . 
H 3 HOH 3  309 3   HOH HOH A . 
H 3 HOH 4  310 4   HOH HOH A . 
H 3 HOH 5  311 5   HOH HOH A . 
H 3 HOH 6  312 6   HOH HOH A . 
H 3 HOH 7  313 7   HOH HOH A . 
H 3 HOH 8  314 8   HOH HOH A . 
H 3 HOH 9  315 9   HOH HOH A . 
H 3 HOH 10 316 10  HOH HOH A . 
H 3 HOH 11 317 11  HOH HOH A . 
H 3 HOH 12 318 12  HOH HOH A . 
H 3 HOH 13 319 13  HOH HOH A . 
H 3 HOH 14 320 14  HOH HOH A . 
H 3 HOH 15 321 15  HOH HOH A . 
H 3 HOH 16 322 16  HOH HOH A . 
H 3 HOH 17 323 17  HOH HOH A . 
H 3 HOH 18 324 18  HOH HOH A . 
H 3 HOH 19 325 19  HOH HOH A . 
H 3 HOH 20 326 20  HOH HOH A . 
H 3 HOH 21 327 21  HOH HOH A . 
H 3 HOH 22 328 22  HOH HOH A . 
H 3 HOH 23 329 23  HOH HOH A . 
H 3 HOH 24 330 24  HOH HOH A . 
H 3 HOH 25 331 25  HOH HOH A . 
H 3 HOH 26 332 26  HOH HOH A . 
H 3 HOH 27 333 27  HOH HOH A . 
H 3 HOH 28 334 28  HOH HOH A . 
H 3 HOH 29 335 29  HOH HOH A . 
H 3 HOH 30 336 30  HOH HOH A . 
H 3 HOH 31 337 31  HOH HOH A . 
H 3 HOH 32 338 32  HOH HOH A . 
H 3 HOH 33 339 33  HOH HOH A . 
H 3 HOH 34 340 34  HOH HOH A . 
H 3 HOH 35 341 35  HOH HOH A . 
H 3 HOH 36 342 36  HOH HOH A . 
H 3 HOH 37 343 37  HOH HOH A . 
H 3 HOH 38 344 38  HOH HOH A . 
H 3 HOH 39 345 39  HOH HOH A . 
H 3 HOH 40 346 40  HOH HOH A . 
H 3 HOH 41 347 41  HOH HOH A . 
H 3 HOH 42 348 42  HOH HOH A . 
H 3 HOH 43 349 43  HOH HOH A . 
H 3 HOH 44 350 44  HOH HOH A . 
H 3 HOH 45 351 45  HOH HOH A . 
H 3 HOH 46 352 46  HOH HOH A . 
H 3 HOH 47 353 47  HOH HOH A . 
H 3 HOH 48 354 48  HOH HOH A . 
H 3 HOH 49 355 49  HOH HOH A . 
H 3 HOH 50 356 50  HOH HOH A . 
H 3 HOH 51 357 51  HOH HOH A . 
H 3 HOH 52 358 52  HOH HOH A . 
H 3 HOH 53 359 53  HOH HOH A . 
H 3 HOH 54 360 54  HOH HOH A . 
H 3 HOH 55 361 55  HOH HOH A . 
H 3 HOH 56 362 56  HOH HOH A . 
H 3 HOH 57 363 57  HOH HOH A . 
H 3 HOH 58 364 58  HOH HOH A . 
H 3 HOH 59 365 59  HOH HOH A . 
H 3 HOH 60 366 60  HOH HOH A . 
H 3 HOH 61 367 61  HOH HOH A . 
H 3 HOH 62 368 62  HOH HOH A . 
H 3 HOH 63 369 63  HOH HOH A . 
H 3 HOH 64 370 64  HOH HOH A . 
H 3 HOH 65 371 65  HOH HOH A . 
H 3 HOH 66 372 66  HOH HOH A . 
H 3 HOH 67 373 67  HOH HOH A . 
H 3 HOH 68 374 68  HOH HOH A . 
H 3 HOH 69 375 69  HOH HOH A . 
H 3 HOH 70 376 70  HOH HOH A . 
H 3 HOH 71 377 71  HOH HOH A . 
H 3 HOH 72 378 72  HOH HOH A . 
H 3 HOH 73 379 73  HOH HOH A . 
H 3 HOH 74 380 74  HOH HOH A . 
H 3 HOH 75 381 75  HOH HOH A . 
H 3 HOH 76 382 76  HOH HOH A . 
H 3 HOH 77 383 77  HOH HOH A . 
H 3 HOH 78 384 78  HOH HOH A . 
H 3 HOH 79 385 79  HOH HOH A . 
H 3 HOH 80 386 80  HOH HOH A . 
H 3 HOH 81 387 81  HOH HOH A . 
H 3 HOH 82 388 82  HOH HOH A . 
H 3 HOH 83 389 83  HOH HOH A . 
H 3 HOH 84 390 84  HOH HOH A . 
H 3 HOH 85 391 85  HOH HOH A . 
H 3 HOH 86 392 86  HOH HOH A . 
H 3 HOH 87 393 87  HOH HOH A . 
H 3 HOH 88 394 88  HOH HOH A . 
H 3 HOH 89 395 89  HOH HOH A . 
H 3 HOH 90 396 90  HOH HOH A . 
H 3 HOH 91 397 91  HOH HOH A . 
H 3 HOH 92 398 92  HOH HOH A . 
# 
_pdbx_struct_assembly.id                   1 
_pdbx_struct_assembly.details              author_defined_assembly 
_pdbx_struct_assembly.method_details       ? 
_pdbx_struct_assembly.oligomeric_details   monomeric 
_pdbx_struct_assembly.oligomeric_count     1 
# 
_pdbx_struct_assembly_gen.assembly_id       1 
_pdbx_struct_assembly_gen.oper_expression   1 
_pdbx_struct_assembly_gen.asym_id_list      A,B,C,D,E,F,G,H 
# 
_pdbx_struct_oper_list.id                   1 
_pdbx_struct_oper_list.type                 'identity operation' 
_pdbx_struct_oper_list.name                 1_555 
_pdbx_struct_oper_list.symmetry_operation   x,y,z 
_pdbx_struct_oper_list.matrix[1][1]         1.0000000000 
_pdbx_struct_oper_list.matrix[1][2]         0.0000000000 
_pdbx_struct_oper_list.matrix[1][3]         0.0000000000 
_pdbx_struct_oper_list.vector[1]            0.0000000000 
_pdbx_struct_oper_list.matrix[2][1]         0.0000000000 
_pdbx_struct_oper_list.matrix[2][2]         1.0000000000 
_pdbx_struct_oper_list.matrix[2][3]         0.0000000000 
_pdbx_struct_oper_list.vector[2]            0.0000000000 
_pdbx_struct_oper_list.matrix[3][1]         0.0000000000 
_pdbx_struct_oper_list.matrix[3][2]         0.0000000000 
_pdbx_struct_oper_list.matrix[3][3]         1.0000000000 
_pdbx_struct_oper_list.vector[3]            0.0000000000 
# 
loop_
_pdbx_audit_revision_history.ordinal 
_pdbx_audit_revision_history.data_content_type 
_pdbx_audit_revision_history.major_revision 
_pdbx_audit_revision_history.minor_revision 
_pdbx_audit_revision_history.revision_date 
1 'Structure model' 1 0 2006-10-24 
2 'Structure model' 1 1 2008-04-30 
3 'Structure model' 1 2 2011-07-13 
4 'Structure model' 1 3 2023-08-23 
# 
_pdbx_audit_revision_details.ordinal             1 
_pdbx_audit_revision_details.revision_ordinal    1 
_pdbx_audit_revision_details.data_content_type   'Structure model' 
_pdbx_audit_revision_details.provider            repository 
_pdbx_audit_revision_details.type                'Initial release' 
_pdbx_audit_revision_details.description         ? 
_pdbx_audit_revision_details.details             ? 
# 
loop_
_pdbx_audit_revision_group.ordinal 
_pdbx_audit_revision_group.revision_ordinal 
_pdbx_audit_revision_group.data_content_type 
_pdbx_audit_revision_group.group 
1 2 'Structure model' 'Version format compliance' 
2 3 'Structure model' 'Non-polymer description'   
3 3 'Structure model' 'Version format compliance' 
4 4 'Structure model' 'Data collection'           
5 4 'Structure model' 'Database references'       
6 4 'Structure model' 'Derived calculations'      
7 4 'Structure model' 'Refinement description'    
# 
loop_
_pdbx_audit_revision_category.ordinal 
_pdbx_audit_revision_category.revision_ordinal 
_pdbx_audit_revision_category.data_content_type 
_pdbx_audit_revision_category.category 
1 4 'Structure model' chem_comp_atom                
2 4 'Structure model' chem_comp_bond                
3 4 'Structure model' database_2                    
4 4 'Structure model' pdbx_initial_refinement_model 
5 4 'Structure model' struct_ref_seq_dif            
6 4 'Structure model' struct_site                   
# 
loop_
_pdbx_audit_revision_item.ordinal 
_pdbx_audit_revision_item.revision_ordinal 
_pdbx_audit_revision_item.data_content_type 
_pdbx_audit_revision_item.item 
1 4 'Structure model' '_database_2.pdbx_DOI'                
2 4 'Structure model' '_database_2.pdbx_database_accession' 
3 4 'Structure model' '_struct_ref_seq_dif.details'         
4 4 'Structure model' '_struct_site.pdbx_auth_asym_id'      
5 4 'Structure model' '_struct_site.pdbx_auth_comp_id'      
6 4 'Structure model' '_struct_site.pdbx_auth_seq_id'       
# 
loop_
_software.name 
_software.classification 
_software.version 
_software.citation_id 
_software.pdbx_ordinal 
REFMAC    refinement       5.1.24 ? 1 
DENZO     'data reduction' .      ? 2 
SCALEPACK 'data scaling'   .      ? 3 
EPMR      phasing          .      ? 4 
# 
_pdbx_validate_rmsd_angle.id                         1 
_pdbx_validate_rmsd_angle.PDB_model_num              1 
_pdbx_validate_rmsd_angle.auth_atom_id_1             CB 
_pdbx_validate_rmsd_angle.auth_asym_id_1             A 
_pdbx_validate_rmsd_angle.auth_comp_id_1             ASP 
_pdbx_validate_rmsd_angle.auth_seq_id_1              20 
_pdbx_validate_rmsd_angle.PDB_ins_code_1             ? 
_pdbx_validate_rmsd_angle.label_alt_id_1             ? 
_pdbx_validate_rmsd_angle.auth_atom_id_2             CG 
_pdbx_validate_rmsd_angle.auth_asym_id_2             A 
_pdbx_validate_rmsd_angle.auth_comp_id_2             ASP 
_pdbx_validate_rmsd_angle.auth_seq_id_2              20 
_pdbx_validate_rmsd_angle.PDB_ins_code_2             ? 
_pdbx_validate_rmsd_angle.label_alt_id_2             ? 
_pdbx_validate_rmsd_angle.auth_atom_id_3             OD2 
_pdbx_validate_rmsd_angle.auth_asym_id_3             A 
_pdbx_validate_rmsd_angle.auth_comp_id_3             ASP 
_pdbx_validate_rmsd_angle.auth_seq_id_3              20 
_pdbx_validate_rmsd_angle.PDB_ins_code_3             ? 
_pdbx_validate_rmsd_angle.label_alt_id_3             ? 
_pdbx_validate_rmsd_angle.angle_value                124.45 
_pdbx_validate_rmsd_angle.angle_target_value         118.30 
_pdbx_validate_rmsd_angle.angle_deviation            6.15 
_pdbx_validate_rmsd_angle.angle_standard_deviation   0.90 
_pdbx_validate_rmsd_angle.linker_flag                N 
# 
loop_
_pdbx_validate_torsion.id 
_pdbx_validate_torsion.PDB_model_num 
_pdbx_validate_torsion.auth_comp_id 
_pdbx_validate_torsion.auth_asym_id 
_pdbx_validate_torsion.auth_seq_id 
_pdbx_validate_torsion.PDB_ins_code 
_pdbx_validate_torsion.label_alt_id 
_pdbx_validate_torsion.phi 
_pdbx_validate_torsion.psi 
1  1 ASP A 2   ? ? -91.78  -142.72 
2  1 THR A 12  ? ? -168.95 -169.69 
3  1 LYS A 15  ? ? 138.79  -165.51 
4  1 LYS A 16  ? ? 67.33   99.36   
5  1 ASN A 18  ? ? 38.57   72.20   
6  1 PRO A 19  ? ? -15.75  114.33  
7  1 ASP A 20  ? ? -177.80 -51.06  
8  1 LYS A 21  ? ? -81.19  -158.13 
9  1 ARG A 69  ? ? -168.22 -146.60 
10 1 MET A 70  ? ? 104.05  86.75   
11 1 VAL A 71  ? ? -83.32  -76.98  
12 1 LEU A 72  ? ? 158.18  -47.95  
13 1 ARG A 74  ? ? 64.46   118.04  
14 1 THR A 75  ? ? -162.22 -157.27 
15 1 HIS A 76  ? ? -89.16  45.26   
16 1 ILE A 77  ? ? 49.61   -120.05 
17 1 LYS A 78  ? ? -140.70 35.02   
18 1 HIS A 116 ? ? -134.02 -41.40  
# 
loop_
_pdbx_validate_peptide_omega.id 
_pdbx_validate_peptide_omega.PDB_model_num 
_pdbx_validate_peptide_omega.auth_comp_id_1 
_pdbx_validate_peptide_omega.auth_asym_id_1 
_pdbx_validate_peptide_omega.auth_seq_id_1 
_pdbx_validate_peptide_omega.PDB_ins_code_1 
_pdbx_validate_peptide_omega.label_alt_id_1 
_pdbx_validate_peptide_omega.auth_comp_id_2 
_pdbx_validate_peptide_omega.auth_asym_id_2 
_pdbx_validate_peptide_omega.auth_seq_id_2 
_pdbx_validate_peptide_omega.PDB_ins_code_2 
_pdbx_validate_peptide_omega.label_alt_id_2 
_pdbx_validate_peptide_omega.omega 
1 1 MET A 1   ? ? ASP A 2   ? ? -142.73 
2 1 GLY A 3   ? ? ARG A 4   ? ? -149.85 
3 1 HIS A 14  ? ? LYS A 15  ? ? 142.56  
4 1 TYR A 17  ? ? ASN A 18  ? ? -141.54 
5 1 LYS A 78  ? ? ASP A 79  ? ? 143.38  
6 1 HIS A 116 ? ? HIS A 117 ? ? 108.42  
# 
loop_
_pdbx_unobs_or_zero_occ_atoms.id 
_pdbx_unobs_or_zero_occ_atoms.PDB_model_num 
_pdbx_unobs_or_zero_occ_atoms.polymer_flag 
_pdbx_unobs_or_zero_occ_atoms.occupancy_flag 
_pdbx_unobs_or_zero_occ_atoms.auth_asym_id 
_pdbx_unobs_or_zero_occ_atoms.auth_comp_id 
_pdbx_unobs_or_zero_occ_atoms.auth_seq_id 
_pdbx_unobs_or_zero_occ_atoms.PDB_ins_code 
_pdbx_unobs_or_zero_occ_atoms.auth_atom_id 
_pdbx_unobs_or_zero_occ_atoms.label_alt_id 
_pdbx_unobs_or_zero_occ_atoms.label_asym_id 
_pdbx_unobs_or_zero_occ_atoms.label_comp_id 
_pdbx_unobs_or_zero_occ_atoms.label_seq_id 
_pdbx_unobs_or_zero_occ_atoms.label_atom_id 
1  1 Y 1 A LYS 16 ? CG  ? A LYS 16 CG  
2  1 Y 1 A LYS 16 ? CD  ? A LYS 16 CD  
3  1 Y 1 A LYS 16 ? CE  ? A LYS 16 CE  
4  1 Y 1 A LYS 16 ? NZ  ? A LYS 16 NZ  
5  1 Y 1 A VAL 71 ? CG1 ? A VAL 71 CG1 
6  1 Y 1 A VAL 71 ? CG2 ? A VAL 71 CG2 
7  1 Y 1 A LEU 72 ? CG  ? A LEU 72 CG  
8  1 Y 1 A LEU 72 ? CD1 ? A LEU 72 CD1 
9  1 Y 1 A LEU 72 ? CD2 ? A LEU 72 CD2 
10 1 Y 1 A ARG 74 ? CG  ? A ARG 74 CG  
11 1 Y 1 A ARG 74 ? CD  ? A ARG 74 CD  
12 1 Y 1 A ARG 74 ? NE  ? A ARG 74 NE  
13 1 Y 1 A ARG 74 ? CZ  ? A ARG 74 CZ  
14 1 Y 1 A ARG 74 ? NH1 ? A ARG 74 NH1 
15 1 Y 1 A ARG 74 ? NH2 ? A ARG 74 NH2 
16 1 Y 1 A THR 75 ? OG1 ? A THR 75 OG1 
17 1 Y 1 A THR 75 ? CG2 ? A THR 75 CG2 
# 
loop_
_pdbx_unobs_or_zero_occ_residues.id 
_pdbx_unobs_or_zero_occ_residues.PDB_model_num 
_pdbx_unobs_or_zero_occ_residues.polymer_flag 
_pdbx_unobs_or_zero_occ_residues.occupancy_flag 
_pdbx_unobs_or_zero_occ_residues.auth_asym_id 
_pdbx_unobs_or_zero_occ_residues.auth_comp_id 
_pdbx_unobs_or_zero_occ_residues.auth_seq_id 
_pdbx_unobs_or_zero_occ_residues.PDB_ins_code 
_pdbx_unobs_or_zero_occ_residues.label_asym_id 
_pdbx_unobs_or_zero_occ_residues.label_comp_id 
_pdbx_unobs_or_zero_occ_residues.label_seq_id 
1 1 Y 1 A HIS 118 ? A HIS 118 
2 1 Y 1 A HIS 119 ? A HIS 119 
3 1 Y 1 A HIS 120 ? A HIS 120 
4 1 Y 1 A HIS 121 ? A HIS 121 
# 
loop_
_chem_comp_atom.comp_id 
_chem_comp_atom.atom_id 
_chem_comp_atom.type_symbol 
_chem_comp_atom.pdbx_aromatic_flag 
_chem_comp_atom.pdbx_stereo_config 
_chem_comp_atom.pdbx_ordinal 
ALA N    N N N 1   
ALA CA   C N S 2   
ALA C    C N N 3   
ALA O    O N N 4   
ALA CB   C N N 5   
ALA OXT  O N N 6   
ALA H    H N N 7   
ALA H2   H N N 8   
ALA HA   H N N 9   
ALA HB1  H N N 10  
ALA HB2  H N N 11  
ALA HB3  H N N 12  
ALA HXT  H N N 13  
ARG N    N N N 14  
ARG CA   C N S 15  
ARG C    C N N 16  
ARG O    O N N 17  
ARG CB   C N N 18  
ARG CG   C N N 19  
ARG CD   C N N 20  
ARG NE   N N N 21  
ARG CZ   C N N 22  
ARG NH1  N N N 23  
ARG NH2  N N N 24  
ARG OXT  O N N 25  
ARG H    H N N 26  
ARG H2   H N N 27  
ARG HA   H N N 28  
ARG HB2  H N N 29  
ARG HB3  H N N 30  
ARG HG2  H N N 31  
ARG HG3  H N N 32  
ARG HD2  H N N 33  
ARG HD3  H N N 34  
ARG HE   H N N 35  
ARG HH11 H N N 36  
ARG HH12 H N N 37  
ARG HH21 H N N 38  
ARG HH22 H N N 39  
ARG HXT  H N N 40  
ASN N    N N N 41  
ASN CA   C N S 42  
ASN C    C N N 43  
ASN O    O N N 44  
ASN CB   C N N 45  
ASN CG   C N N 46  
ASN OD1  O N N 47  
ASN ND2  N N N 48  
ASN OXT  O N N 49  
ASN H    H N N 50  
ASN H2   H N N 51  
ASN HA   H N N 52  
ASN HB2  H N N 53  
ASN HB3  H N N 54  
ASN HD21 H N N 55  
ASN HD22 H N N 56  
ASN HXT  H N N 57  
ASP N    N N N 58  
ASP CA   C N S 59  
ASP C    C N N 60  
ASP O    O N N 61  
ASP CB   C N N 62  
ASP CG   C N N 63  
ASP OD1  O N N 64  
ASP OD2  O N N 65  
ASP OXT  O N N 66  
ASP H    H N N 67  
ASP H2   H N N 68  
ASP HA   H N N 69  
ASP HB2  H N N 70  
ASP HB3  H N N 71  
ASP HD2  H N N 72  
ASP HXT  H N N 73  
CYS N    N N N 74  
CYS CA   C N R 75  
CYS C    C N N 76  
CYS O    O N N 77  
CYS CB   C N N 78  
CYS SG   S N N 79  
CYS OXT  O N N 80  
CYS H    H N N 81  
CYS H2   H N N 82  
CYS HA   H N N 83  
CYS HB2  H N N 84  
CYS HB3  H N N 85  
CYS HG   H N N 86  
CYS HXT  H N N 87  
GLN N    N N N 88  
GLN CA   C N S 89  
GLN C    C N N 90  
GLN O    O N N 91  
GLN CB   C N N 92  
GLN CG   C N N 93  
GLN CD   C N N 94  
GLN OE1  O N N 95  
GLN NE2  N N N 96  
GLN OXT  O N N 97  
GLN H    H N N 98  
GLN H2   H N N 99  
GLN HA   H N N 100 
GLN HB2  H N N 101 
GLN HB3  H N N 102 
GLN HG2  H N N 103 
GLN HG3  H N N 104 
GLN HE21 H N N 105 
GLN HE22 H N N 106 
GLN HXT  H N N 107 
GLU N    N N N 108 
GLU CA   C N S 109 
GLU C    C N N 110 
GLU O    O N N 111 
GLU CB   C N N 112 
GLU CG   C N N 113 
GLU CD   C N N 114 
GLU OE1  O N N 115 
GLU OE2  O N N 116 
GLU OXT  O N N 117 
GLU H    H N N 118 
GLU H2   H N N 119 
GLU HA   H N N 120 
GLU HB2  H N N 121 
GLU HB3  H N N 122 
GLU HG2  H N N 123 
GLU HG3  H N N 124 
GLU HE2  H N N 125 
GLU HXT  H N N 126 
GLY N    N N N 127 
GLY CA   C N N 128 
GLY C    C N N 129 
GLY O    O N N 130 
GLY OXT  O N N 131 
GLY H    H N N 132 
GLY H2   H N N 133 
GLY HA2  H N N 134 
GLY HA3  H N N 135 
GLY HXT  H N N 136 
GOL C1   C N N 137 
GOL O1   O N N 138 
GOL C2   C N N 139 
GOL O2   O N N 140 
GOL C3   C N N 141 
GOL O3   O N N 142 
GOL H11  H N N 143 
GOL H12  H N N 144 
GOL HO1  H N N 145 
GOL H2   H N N 146 
GOL HO2  H N N 147 
GOL H31  H N N 148 
GOL H32  H N N 149 
GOL HO3  H N N 150 
HIS N    N N N 151 
HIS CA   C N S 152 
HIS C    C N N 153 
HIS O    O N N 154 
HIS CB   C N N 155 
HIS CG   C Y N 156 
HIS ND1  N Y N 157 
HIS CD2  C Y N 158 
HIS CE1  C Y N 159 
HIS NE2  N Y N 160 
HIS OXT  O N N 161 
HIS H    H N N 162 
HIS H2   H N N 163 
HIS HA   H N N 164 
HIS HB2  H N N 165 
HIS HB3  H N N 166 
HIS HD1  H N N 167 
HIS HD2  H N N 168 
HIS HE1  H N N 169 
HIS HE2  H N N 170 
HIS HXT  H N N 171 
HOH O    O N N 172 
HOH H1   H N N 173 
HOH H2   H N N 174 
ILE N    N N N 175 
ILE CA   C N S 176 
ILE C    C N N 177 
ILE O    O N N 178 
ILE CB   C N S 179 
ILE CG1  C N N 180 
ILE CG2  C N N 181 
ILE CD1  C N N 182 
ILE OXT  O N N 183 
ILE H    H N N 184 
ILE H2   H N N 185 
ILE HA   H N N 186 
ILE HB   H N N 187 
ILE HG12 H N N 188 
ILE HG13 H N N 189 
ILE HG21 H N N 190 
ILE HG22 H N N 191 
ILE HG23 H N N 192 
ILE HD11 H N N 193 
ILE HD12 H N N 194 
ILE HD13 H N N 195 
ILE HXT  H N N 196 
LEU N    N N N 197 
LEU CA   C N S 198 
LEU C    C N N 199 
LEU O    O N N 200 
LEU CB   C N N 201 
LEU CG   C N N 202 
LEU CD1  C N N 203 
LEU CD2  C N N 204 
LEU OXT  O N N 205 
LEU H    H N N 206 
LEU H2   H N N 207 
LEU HA   H N N 208 
LEU HB2  H N N 209 
LEU HB3  H N N 210 
LEU HG   H N N 211 
LEU HD11 H N N 212 
LEU HD12 H N N 213 
LEU HD13 H N N 214 
LEU HD21 H N N 215 
LEU HD22 H N N 216 
LEU HD23 H N N 217 
LEU HXT  H N N 218 
LYS N    N N N 219 
LYS CA   C N S 220 
LYS C    C N N 221 
LYS O    O N N 222 
LYS CB   C N N 223 
LYS CG   C N N 224 
LYS CD   C N N 225 
LYS CE   C N N 226 
LYS NZ   N N N 227 
LYS OXT  O N N 228 
LYS H    H N N 229 
LYS H2   H N N 230 
LYS HA   H N N 231 
LYS HB2  H N N 232 
LYS HB3  H N N 233 
LYS HG2  H N N 234 
LYS HG3  H N N 235 
LYS HD2  H N N 236 
LYS HD3  H N N 237 
LYS HE2  H N N 238 
LYS HE3  H N N 239 
LYS HZ1  H N N 240 
LYS HZ2  H N N 241 
LYS HZ3  H N N 242 
LYS HXT  H N N 243 
MET N    N N N 244 
MET CA   C N S 245 
MET C    C N N 246 
MET O    O N N 247 
MET CB   C N N 248 
MET CG   C N N 249 
MET SD   S N N 250 
MET CE   C N N 251 
MET OXT  O N N 252 
MET H    H N N 253 
MET H2   H N N 254 
MET HA   H N N 255 
MET HB2  H N N 256 
MET HB3  H N N 257 
MET HG2  H N N 258 
MET HG3  H N N 259 
MET HE1  H N N 260 
MET HE2  H N N 261 
MET HE3  H N N 262 
MET HXT  H N N 263 
PHE N    N N N 264 
PHE CA   C N S 265 
PHE C    C N N 266 
PHE O    O N N 267 
PHE CB   C N N 268 
PHE CG   C Y N 269 
PHE CD1  C Y N 270 
PHE CD2  C Y N 271 
PHE CE1  C Y N 272 
PHE CE2  C Y N 273 
PHE CZ   C Y N 274 
PHE OXT  O N N 275 
PHE H    H N N 276 
PHE H2   H N N 277 
PHE HA   H N N 278 
PHE HB2  H N N 279 
PHE HB3  H N N 280 
PHE HD1  H N N 281 
PHE HD2  H N N 282 
PHE HE1  H N N 283 
PHE HE2  H N N 284 
PHE HZ   H N N 285 
PHE HXT  H N N 286 
PRO N    N N N 287 
PRO CA   C N S 288 
PRO C    C N N 289 
PRO O    O N N 290 
PRO CB   C N N 291 
PRO CG   C N N 292 
PRO CD   C N N 293 
PRO OXT  O N N 294 
PRO H    H N N 295 
PRO HA   H N N 296 
PRO HB2  H N N 297 
PRO HB3  H N N 298 
PRO HG2  H N N 299 
PRO HG3  H N N 300 
PRO HD2  H N N 301 
PRO HD3  H N N 302 
PRO HXT  H N N 303 
SER N    N N N 304 
SER CA   C N S 305 
SER C    C N N 306 
SER O    O N N 307 
SER CB   C N N 308 
SER OG   O N N 309 
SER OXT  O N N 310 
SER H    H N N 311 
SER H2   H N N 312 
SER HA   H N N 313 
SER HB2  H N N 314 
SER HB3  H N N 315 
SER HG   H N N 316 
SER HXT  H N N 317 
THR N    N N N 318 
THR CA   C N S 319 
THR C    C N N 320 
THR O    O N N 321 
THR CB   C N R 322 
THR OG1  O N N 323 
THR CG2  C N N 324 
THR OXT  O N N 325 
THR H    H N N 326 
THR H2   H N N 327 
THR HA   H N N 328 
THR HB   H N N 329 
THR HG1  H N N 330 
THR HG21 H N N 331 
THR HG22 H N N 332 
THR HG23 H N N 333 
THR HXT  H N N 334 
TRP N    N N N 335 
TRP CA   C N S 336 
TRP C    C N N 337 
TRP O    O N N 338 
TRP CB   C N N 339 
TRP CG   C Y N 340 
TRP CD1  C Y N 341 
TRP CD2  C Y N 342 
TRP NE1  N Y N 343 
TRP CE2  C Y N 344 
TRP CE3  C Y N 345 
TRP CZ2  C Y N 346 
TRP CZ3  C Y N 347 
TRP CH2  C Y N 348 
TRP OXT  O N N 349 
TRP H    H N N 350 
TRP H2   H N N 351 
TRP HA   H N N 352 
TRP HB2  H N N 353 
TRP HB3  H N N 354 
TRP HD1  H N N 355 
TRP HE1  H N N 356 
TRP HE3  H N N 357 
TRP HZ2  H N N 358 
TRP HZ3  H N N 359 
TRP HH2  H N N 360 
TRP HXT  H N N 361 
TYR N    N N N 362 
TYR CA   C N S 363 
TYR C    C N N 364 
TYR O    O N N 365 
TYR CB   C N N 366 
TYR CG   C Y N 367 
TYR CD1  C Y N 368 
TYR CD2  C Y N 369 
TYR CE1  C Y N 370 
TYR CE2  C Y N 371 
TYR CZ   C Y N 372 
TYR OH   O N N 373 
TYR OXT  O N N 374 
TYR H    H N N 375 
TYR H2   H N N 376 
TYR HA   H N N 377 
TYR HB2  H N N 378 
TYR HB3  H N N 379 
TYR HD1  H N N 380 
TYR HD2  H N N 381 
TYR HE1  H N N 382 
TYR HE2  H N N 383 
TYR HH   H N N 384 
TYR HXT  H N N 385 
VAL N    N N N 386 
VAL CA   C N S 387 
VAL C    C N N 388 
VAL O    O N N 389 
VAL CB   C N N 390 
VAL CG1  C N N 391 
VAL CG2  C N N 392 
VAL OXT  O N N 393 
VAL H    H N N 394 
VAL H2   H N N 395 
VAL HA   H N N 396 
VAL HB   H N N 397 
VAL HG11 H N N 398 
VAL HG12 H N N 399 
VAL HG13 H N N 400 
VAL HG21 H N N 401 
VAL HG22 H N N 402 
VAL HG23 H N N 403 
VAL HXT  H N N 404 
# 
loop_
_chem_comp_bond.comp_id 
_chem_comp_bond.atom_id_1 
_chem_comp_bond.atom_id_2 
_chem_comp_bond.value_order 
_chem_comp_bond.pdbx_aromatic_flag 
_chem_comp_bond.pdbx_stereo_config 
_chem_comp_bond.pdbx_ordinal 
ALA N   CA   sing N N 1   
ALA N   H    sing N N 2   
ALA N   H2   sing N N 3   
ALA CA  C    sing N N 4   
ALA CA  CB   sing N N 5   
ALA CA  HA   sing N N 6   
ALA C   O    doub N N 7   
ALA C   OXT  sing N N 8   
ALA CB  HB1  sing N N 9   
ALA CB  HB2  sing N N 10  
ALA CB  HB3  sing N N 11  
ALA OXT HXT  sing N N 12  
ARG N   CA   sing N N 13  
ARG N   H    sing N N 14  
ARG N   H2   sing N N 15  
ARG CA  C    sing N N 16  
ARG CA  CB   sing N N 17  
ARG CA  HA   sing N N 18  
ARG C   O    doub N N 19  
ARG C   OXT  sing N N 20  
ARG CB  CG   sing N N 21  
ARG CB  HB2  sing N N 22  
ARG CB  HB3  sing N N 23  
ARG CG  CD   sing N N 24  
ARG CG  HG2  sing N N 25  
ARG CG  HG3  sing N N 26  
ARG CD  NE   sing N N 27  
ARG CD  HD2  sing N N 28  
ARG CD  HD3  sing N N 29  
ARG NE  CZ   sing N N 30  
ARG NE  HE   sing N N 31  
ARG CZ  NH1  sing N N 32  
ARG CZ  NH2  doub N N 33  
ARG NH1 HH11 sing N N 34  
ARG NH1 HH12 sing N N 35  
ARG NH2 HH21 sing N N 36  
ARG NH2 HH22 sing N N 37  
ARG OXT HXT  sing N N 38  
ASN N   CA   sing N N 39  
ASN N   H    sing N N 40  
ASN N   H2   sing N N 41  
ASN CA  C    sing N N 42  
ASN CA  CB   sing N N 43  
ASN CA  HA   sing N N 44  
ASN C   O    doub N N 45  
ASN C   OXT  sing N N 46  
ASN CB  CG   sing N N 47  
ASN CB  HB2  sing N N 48  
ASN CB  HB3  sing N N 49  
ASN CG  OD1  doub N N 50  
ASN CG  ND2  sing N N 51  
ASN ND2 HD21 sing N N 52  
ASN ND2 HD22 sing N N 53  
ASN OXT HXT  sing N N 54  
ASP N   CA   sing N N 55  
ASP N   H    sing N N 56  
ASP N   H2   sing N N 57  
ASP CA  C    sing N N 58  
ASP CA  CB   sing N N 59  
ASP CA  HA   sing N N 60  
ASP C   O    doub N N 61  
ASP C   OXT  sing N N 62  
ASP CB  CG   sing N N 63  
ASP CB  HB2  sing N N 64  
ASP CB  HB3  sing N N 65  
ASP CG  OD1  doub N N 66  
ASP CG  OD2  sing N N 67  
ASP OD2 HD2  sing N N 68  
ASP OXT HXT  sing N N 69  
CYS N   CA   sing N N 70  
CYS N   H    sing N N 71  
CYS N   H2   sing N N 72  
CYS CA  C    sing N N 73  
CYS CA  CB   sing N N 74  
CYS CA  HA   sing N N 75  
CYS C   O    doub N N 76  
CYS C   OXT  sing N N 77  
CYS CB  SG   sing N N 78  
CYS CB  HB2  sing N N 79  
CYS CB  HB3  sing N N 80  
CYS SG  HG   sing N N 81  
CYS OXT HXT  sing N N 82  
GLN N   CA   sing N N 83  
GLN N   H    sing N N 84  
GLN N   H2   sing N N 85  
GLN CA  C    sing N N 86  
GLN CA  CB   sing N N 87  
GLN CA  HA   sing N N 88  
GLN C   O    doub N N 89  
GLN C   OXT  sing N N 90  
GLN CB  CG   sing N N 91  
GLN CB  HB2  sing N N 92  
GLN CB  HB3  sing N N 93  
GLN CG  CD   sing N N 94  
GLN CG  HG2  sing N N 95  
GLN CG  HG3  sing N N 96  
GLN CD  OE1  doub N N 97  
GLN CD  NE2  sing N N 98  
GLN NE2 HE21 sing N N 99  
GLN NE2 HE22 sing N N 100 
GLN OXT HXT  sing N N 101 
GLU N   CA   sing N N 102 
GLU N   H    sing N N 103 
GLU N   H2   sing N N 104 
GLU CA  C    sing N N 105 
GLU CA  CB   sing N N 106 
GLU CA  HA   sing N N 107 
GLU C   O    doub N N 108 
GLU C   OXT  sing N N 109 
GLU CB  CG   sing N N 110 
GLU CB  HB2  sing N N 111 
GLU CB  HB3  sing N N 112 
GLU CG  CD   sing N N 113 
GLU CG  HG2  sing N N 114 
GLU CG  HG3  sing N N 115 
GLU CD  OE1  doub N N 116 
GLU CD  OE2  sing N N 117 
GLU OE2 HE2  sing N N 118 
GLU OXT HXT  sing N N 119 
GLY N   CA   sing N N 120 
GLY N   H    sing N N 121 
GLY N   H2   sing N N 122 
GLY CA  C    sing N N 123 
GLY CA  HA2  sing N N 124 
GLY CA  HA3  sing N N 125 
GLY C   O    doub N N 126 
GLY C   OXT  sing N N 127 
GLY OXT HXT  sing N N 128 
GOL C1  O1   sing N N 129 
GOL C1  C2   sing N N 130 
GOL C1  H11  sing N N 131 
GOL C1  H12  sing N N 132 
GOL O1  HO1  sing N N 133 
GOL C2  O2   sing N N 134 
GOL C2  C3   sing N N 135 
GOL C2  H2   sing N N 136 
GOL O2  HO2  sing N N 137 
GOL C3  O3   sing N N 138 
GOL C3  H31  sing N N 139 
GOL C3  H32  sing N N 140 
GOL O3  HO3  sing N N 141 
HIS N   CA   sing N N 142 
HIS N   H    sing N N 143 
HIS N   H2   sing N N 144 
HIS CA  C    sing N N 145 
HIS CA  CB   sing N N 146 
HIS CA  HA   sing N N 147 
HIS C   O    doub N N 148 
HIS C   OXT  sing N N 149 
HIS CB  CG   sing N N 150 
HIS CB  HB2  sing N N 151 
HIS CB  HB3  sing N N 152 
HIS CG  ND1  sing Y N 153 
HIS CG  CD2  doub Y N 154 
HIS ND1 CE1  doub Y N 155 
HIS ND1 HD1  sing N N 156 
HIS CD2 NE2  sing Y N 157 
HIS CD2 HD2  sing N N 158 
HIS CE1 NE2  sing Y N 159 
HIS CE1 HE1  sing N N 160 
HIS NE2 HE2  sing N N 161 
HIS OXT HXT  sing N N 162 
HOH O   H1   sing N N 163 
HOH O   H2   sing N N 164 
ILE N   CA   sing N N 165 
ILE N   H    sing N N 166 
ILE N   H2   sing N N 167 
ILE CA  C    sing N N 168 
ILE CA  CB   sing N N 169 
ILE CA  HA   sing N N 170 
ILE C   O    doub N N 171 
ILE C   OXT  sing N N 172 
ILE CB  CG1  sing N N 173 
ILE CB  CG2  sing N N 174 
ILE CB  HB   sing N N 175 
ILE CG1 CD1  sing N N 176 
ILE CG1 HG12 sing N N 177 
ILE CG1 HG13 sing N N 178 
ILE CG2 HG21 sing N N 179 
ILE CG2 HG22 sing N N 180 
ILE CG2 HG23 sing N N 181 
ILE CD1 HD11 sing N N 182 
ILE CD1 HD12 sing N N 183 
ILE CD1 HD13 sing N N 184 
ILE OXT HXT  sing N N 185 
LEU N   CA   sing N N 186 
LEU N   H    sing N N 187 
LEU N   H2   sing N N 188 
LEU CA  C    sing N N 189 
LEU CA  CB   sing N N 190 
LEU CA  HA   sing N N 191 
LEU C   O    doub N N 192 
LEU C   OXT  sing N N 193 
LEU CB  CG   sing N N 194 
LEU CB  HB2  sing N N 195 
LEU CB  HB3  sing N N 196 
LEU CG  CD1  sing N N 197 
LEU CG  CD2  sing N N 198 
LEU CG  HG   sing N N 199 
LEU CD1 HD11 sing N N 200 
LEU CD1 HD12 sing N N 201 
LEU CD1 HD13 sing N N 202 
LEU CD2 HD21 sing N N 203 
LEU CD2 HD22 sing N N 204 
LEU CD2 HD23 sing N N 205 
LEU OXT HXT  sing N N 206 
LYS N   CA   sing N N 207 
LYS N   H    sing N N 208 
LYS N   H2   sing N N 209 
LYS CA  C    sing N N 210 
LYS CA  CB   sing N N 211 
LYS CA  HA   sing N N 212 
LYS C   O    doub N N 213 
LYS C   OXT  sing N N 214 
LYS CB  CG   sing N N 215 
LYS CB  HB2  sing N N 216 
LYS CB  HB3  sing N N 217 
LYS CG  CD   sing N N 218 
LYS CG  HG2  sing N N 219 
LYS CG  HG3  sing N N 220 
LYS CD  CE   sing N N 221 
LYS CD  HD2  sing N N 222 
LYS CD  HD3  sing N N 223 
LYS CE  NZ   sing N N 224 
LYS CE  HE2  sing N N 225 
LYS CE  HE3  sing N N 226 
LYS NZ  HZ1  sing N N 227 
LYS NZ  HZ2  sing N N 228 
LYS NZ  HZ3  sing N N 229 
LYS OXT HXT  sing N N 230 
MET N   CA   sing N N 231 
MET N   H    sing N N 232 
MET N   H2   sing N N 233 
MET CA  C    sing N N 234 
MET CA  CB   sing N N 235 
MET CA  HA   sing N N 236 
MET C   O    doub N N 237 
MET C   OXT  sing N N 238 
MET CB  CG   sing N N 239 
MET CB  HB2  sing N N 240 
MET CB  HB3  sing N N 241 
MET CG  SD   sing N N 242 
MET CG  HG2  sing N N 243 
MET CG  HG3  sing N N 244 
MET SD  CE   sing N N 245 
MET CE  HE1  sing N N 246 
MET CE  HE2  sing N N 247 
MET CE  HE3  sing N N 248 
MET OXT HXT  sing N N 249 
PHE N   CA   sing N N 250 
PHE N   H    sing N N 251 
PHE N   H2   sing N N 252 
PHE CA  C    sing N N 253 
PHE CA  CB   sing N N 254 
PHE CA  HA   sing N N 255 
PHE C   O    doub N N 256 
PHE C   OXT  sing N N 257 
PHE CB  CG   sing N N 258 
PHE CB  HB2  sing N N 259 
PHE CB  HB3  sing N N 260 
PHE CG  CD1  doub Y N 261 
PHE CG  CD2  sing Y N 262 
PHE CD1 CE1  sing Y N 263 
PHE CD1 HD1  sing N N 264 
PHE CD2 CE2  doub Y N 265 
PHE CD2 HD2  sing N N 266 
PHE CE1 CZ   doub Y N 267 
PHE CE1 HE1  sing N N 268 
PHE CE2 CZ   sing Y N 269 
PHE CE2 HE2  sing N N 270 
PHE CZ  HZ   sing N N 271 
PHE OXT HXT  sing N N 272 
PRO N   CA   sing N N 273 
PRO N   CD   sing N N 274 
PRO N   H    sing N N 275 
PRO CA  C    sing N N 276 
PRO CA  CB   sing N N 277 
PRO CA  HA   sing N N 278 
PRO C   O    doub N N 279 
PRO C   OXT  sing N N 280 
PRO CB  CG   sing N N 281 
PRO CB  HB2  sing N N 282 
PRO CB  HB3  sing N N 283 
PRO CG  CD   sing N N 284 
PRO CG  HG2  sing N N 285 
PRO CG  HG3  sing N N 286 
PRO CD  HD2  sing N N 287 
PRO CD  HD3  sing N N 288 
PRO OXT HXT  sing N N 289 
SER N   CA   sing N N 290 
SER N   H    sing N N 291 
SER N   H2   sing N N 292 
SER CA  C    sing N N 293 
SER CA  CB   sing N N 294 
SER CA  HA   sing N N 295 
SER C   O    doub N N 296 
SER C   OXT  sing N N 297 
SER CB  OG   sing N N 298 
SER CB  HB2  sing N N 299 
SER CB  HB3  sing N N 300 
SER OG  HG   sing N N 301 
SER OXT HXT  sing N N 302 
THR N   CA   sing N N 303 
THR N   H    sing N N 304 
THR N   H2   sing N N 305 
THR CA  C    sing N N 306 
THR CA  CB   sing N N 307 
THR CA  HA   sing N N 308 
THR C   O    doub N N 309 
THR C   OXT  sing N N 310 
THR CB  OG1  sing N N 311 
THR CB  CG2  sing N N 312 
THR CB  HB   sing N N 313 
THR OG1 HG1  sing N N 314 
THR CG2 HG21 sing N N 315 
THR CG2 HG22 sing N N 316 
THR CG2 HG23 sing N N 317 
THR OXT HXT  sing N N 318 
TRP N   CA   sing N N 319 
TRP N   H    sing N N 320 
TRP N   H2   sing N N 321 
TRP CA  C    sing N N 322 
TRP CA  CB   sing N N 323 
TRP CA  HA   sing N N 324 
TRP C   O    doub N N 325 
TRP C   OXT  sing N N 326 
TRP CB  CG   sing N N 327 
TRP CB  HB2  sing N N 328 
TRP CB  HB3  sing N N 329 
TRP CG  CD1  doub Y N 330 
TRP CG  CD2  sing Y N 331 
TRP CD1 NE1  sing Y N 332 
TRP CD1 HD1  sing N N 333 
TRP CD2 CE2  doub Y N 334 
TRP CD2 CE3  sing Y N 335 
TRP NE1 CE2  sing Y N 336 
TRP NE1 HE1  sing N N 337 
TRP CE2 CZ2  sing Y N 338 
TRP CE3 CZ3  doub Y N 339 
TRP CE3 HE3  sing N N 340 
TRP CZ2 CH2  doub Y N 341 
TRP CZ2 HZ2  sing N N 342 
TRP CZ3 CH2  sing Y N 343 
TRP CZ3 HZ3  sing N N 344 
TRP CH2 HH2  sing N N 345 
TRP OXT HXT  sing N N 346 
TYR N   CA   sing N N 347 
TYR N   H    sing N N 348 
TYR N   H2   sing N N 349 
TYR CA  C    sing N N 350 
TYR CA  CB   sing N N 351 
TYR CA  HA   sing N N 352 
TYR C   O    doub N N 353 
TYR C   OXT  sing N N 354 
TYR CB  CG   sing N N 355 
TYR CB  HB2  sing N N 356 
TYR CB  HB3  sing N N 357 
TYR CG  CD1  doub Y N 358 
TYR CG  CD2  sing Y N 359 
TYR CD1 CE1  sing Y N 360 
TYR CD1 HD1  sing N N 361 
TYR CD2 CE2  doub Y N 362 
TYR CD2 HD2  sing N N 363 
TYR CE1 CZ   doub Y N 364 
TYR CE1 HE1  sing N N 365 
TYR CE2 CZ   sing Y N 366 
TYR CE2 HE2  sing N N 367 
TYR CZ  OH   sing N N 368 
TYR OH  HH   sing N N 369 
TYR OXT HXT  sing N N 370 
VAL N   CA   sing N N 371 
VAL N   H    sing N N 372 
VAL N   H2   sing N N 373 
VAL CA  C    sing N N 374 
VAL CA  CB   sing N N 375 
VAL CA  HA   sing N N 376 
VAL C   O    doub N N 377 
VAL C   OXT  sing N N 378 
VAL CB  CG1  sing N N 379 
VAL CB  CG2  sing N N 380 
VAL CB  HB   sing N N 381 
VAL CG1 HG11 sing N N 382 
VAL CG1 HG12 sing N N 383 
VAL CG1 HG13 sing N N 384 
VAL CG2 HG21 sing N N 385 
VAL CG2 HG22 sing N N 386 
VAL CG2 HG23 sing N N 387 
VAL OXT HXT  sing N N 388 
# 
loop_
_pdbx_entity_nonpoly.entity_id 
_pdbx_entity_nonpoly.name 
_pdbx_entity_nonpoly.comp_id 
2 GLYCEROL GOL 
3 water    HOH 
# 
_pdbx_initial_refinement_model.id               1 
_pdbx_initial_refinement_model.entity_id_list   ? 
_pdbx_initial_refinement_model.type             'experimental model' 
_pdbx_initial_refinement_model.source_name      PDB 
_pdbx_initial_refinement_model.accession_code   1OCS 
_pdbx_initial_refinement_model.details          'PDB ENTRY 1OCS' 
# 
